data_1WCU
# 
_entry.id   1WCU 
# 
_audit_conform.dict_name       mmcif_pdbx.dic 
_audit_conform.dict_version    5.398 
_audit_conform.dict_location   http://mmcif.pdb.org/dictionaries/ascii/mmcif_pdbx.dic 
# 
loop_
_database_2.database_id 
_database_2.database_code 
_database_2.pdbx_database_accession 
_database_2.pdbx_DOI 
PDB   1WCU         pdb_00001wcu 10.2210/pdb1wcu/pdb 
PDBE  EBI-21142    ?            ?                   
WWPDB D_1290021142 ?            ?                   
# 
loop_
_pdbx_audit_revision_history.ordinal 
_pdbx_audit_revision_history.data_content_type 
_pdbx_audit_revision_history.major_revision 
_pdbx_audit_revision_history.minor_revision 
_pdbx_audit_revision_history.revision_date 
1 'Structure model' 1 0 2005-03-31 
2 'Structure model' 1 1 2011-05-08 
3 'Structure model' 1 2 2011-07-13 
4 'Structure model' 1 3 2023-12-13 
5 'Structure model' 1 4 2024-11-13 
# 
_pdbx_audit_revision_details.ordinal             1 
_pdbx_audit_revision_details.revision_ordinal    1 
_pdbx_audit_revision_details.data_content_type   'Structure model' 
_pdbx_audit_revision_details.provider            repository 
_pdbx_audit_revision_details.type                'Initial release' 
_pdbx_audit_revision_details.description         ? 
_pdbx_audit_revision_details.details             ? 
# 
loop_
_pdbx_audit_revision_group.ordinal 
_pdbx_audit_revision_group.revision_ordinal 
_pdbx_audit_revision_group.data_content_type 
_pdbx_audit_revision_group.group 
1 2 'Structure model' 'Version format compliance' 
2 3 'Structure model' 'Version format compliance' 
3 4 'Structure model' 'Data collection'           
4 4 'Structure model' 'Database references'       
5 4 'Structure model' Other                       
6 4 'Structure model' 'Refinement description'    
7 5 'Structure model' 'Structure summary'         
# 
loop_
_pdbx_audit_revision_category.ordinal 
_pdbx_audit_revision_category.revision_ordinal 
_pdbx_audit_revision_category.data_content_type 
_pdbx_audit_revision_category.category 
1 4 'Structure model' chem_comp_atom                
2 4 'Structure model' chem_comp_bond                
3 4 'Structure model' database_2                    
4 4 'Structure model' pdbx_database_status          
5 4 'Structure model' pdbx_initial_refinement_model 
6 5 'Structure model' pdbx_entry_details            
7 5 'Structure model' pdbx_modification_feature     
# 
loop_
_pdbx_audit_revision_item.ordinal 
_pdbx_audit_revision_item.revision_ordinal 
_pdbx_audit_revision_item.data_content_type 
_pdbx_audit_revision_item.item 
1 4 'Structure model' '_database_2.pdbx_DOI'                 
2 4 'Structure model' '_database_2.pdbx_database_accession'  
3 4 'Structure model' '_pdbx_database_status.status_code_sf' 
# 
_pdbx_database_status.status_code                     REL 
_pdbx_database_status.entry_id                        1WCU 
_pdbx_database_status.deposit_site                    PDBE 
_pdbx_database_status.process_site                    PDBE 
_pdbx_database_status.SG_entry                        . 
_pdbx_database_status.recvd_initial_deposition_date   2004-11-22 
_pdbx_database_status.pdb_format_compatible           Y 
_pdbx_database_status.status_code_sf                  REL 
_pdbx_database_status.status_code_mr                  ? 
_pdbx_database_status.status_code_cs                  ? 
_pdbx_database_status.methods_development_category    ? 
_pdbx_database_status.status_code_nmr_data            ? 
# 
loop_
_pdbx_database_related.db_name 
_pdbx_database_related.db_id 
_pdbx_database_related.content_type 
_pdbx_database_related.details 
PDB 1GWK unspecified 'CARBOHYDRATE BINDING MODULE FAMILY29' 
PDB 1GWL unspecified 'CARBOHYDRATE BINDING MODULE FAMILY29 COMPLEXED WITH MANNOHEXAOSE' 
PDB 1GWM unspecified 'CARBOHYDRATE BINDING MODULE FAMILY29 COMPLEXED WITH GLUCOHEXAOSE' 
PDB 1OH3 unspecified 'E78R MUTANT OF A CARBOHYDRATE BINDING MODULE FAMILY 29' 
PDB 1W8T unspecified 
;CBM29-2 MUTANT K74A COMPLEXED WITH CELLULOHEXAOSE: PROBING THE MECHANISM OF LIGAND RECOGNITION BY FAMILY 29 CARBOHYDRATE BINDING MODULES
;
PDB 1W8U unspecified 
;CBM29-2 MUTANT D83A COMPLEXED WITH MANNOHEXAOSE: PROBING THE MECHANISM OF LIGAND RECOGNITION BY FAMILY 29 CARBOHYDRATE BINDING MODULES
;
PDB 1W8W unspecified 'CBM29-2 MUTANT Y46A: PROBING THE MECHANISM OF LIGAND RECOGNITION BY FAMILY 29 CARBOHYDRATE BINDING MODULES' 
PDB 1W8Z unspecified 'CBM29-2 MUTANT K85A: PROBING THE MECHANISM OF LIGAND RECOGNITION BY FAMILY 29 CARBOHYDRATE BINDING MODULES' 
PDB 1W90 unspecified 'CBM29-2 MUTANT D114A: PROBING THE MECHANISM OF LIGAND RECOGNITION BY FAMILY 29 CARBOHYDRATE BINDING MODULES' 
PDB 1W9F unspecified 'CBM29-2 MUTANT R112A: PROBING THE MECHANISM OF LIGAND RECOGNITION BY FAMILY 29 CARBOHYDRATE BINDING MODULES' 
# 
loop_
_audit_author.name 
_audit_author.pdbx_ordinal 
'Flint, J.'        1 
'Bolam, D.N.'      2 
'Nurizzo, D.'      3 
'Taylor, E.J.'     4 
'Williamson, M.P.' 5 
'Walters, C.'      6 
'Davis, G.J.'      7 
'Gilbert, H.J.'    8 
# 
_citation.id                        primary 
_citation.title                     'Probing the Mechanism of Ligand Recognition in Family 29 Carbohydrate-Binding Modules' 
_citation.journal_abbrev            J.Biol.Chem. 
_citation.journal_volume            280 
_citation.page_first                23718 
_citation.page_last                 ? 
_citation.year                      2005 
_citation.journal_id_ASTM           JBCHA3 
_citation.country                   US 
_citation.journal_id_ISSN           0021-9258 
_citation.journal_id_CSD            0071 
_citation.book_publisher            ? 
_citation.pdbx_database_id_PubMed   15784618 
_citation.pdbx_database_id_DOI      10.1074/JBC.M501551200 
# 
loop_
_citation_author.citation_id 
_citation_author.name 
_citation_author.ordinal 
_citation_author.identifier_ORCID 
primary 'Flint, J.'        1 ? 
primary 'Bolam, D.N.'      2 ? 
primary 'Nurizzo, D.'      3 ? 
primary 'Taylor, E.J.'     4 ? 
primary 'Williamson, M.P.' 5 ? 
primary 'Walters, C.'      6 ? 
primary 'Davies, G.J.'     7 ? 
primary 'Gilbert, H.J.'    8 ? 
# 
loop_
_entity.id 
_entity.type 
_entity.src_method 
_entity.pdbx_description 
_entity.formula_weight 
_entity.pdbx_number_of_molecules 
_entity.pdbx_ec 
_entity.pdbx_mutation 
_entity.pdbx_fragment 
_entity.details 
1 polymer     man 'NON-CATALYTIC PROTEIN 1' 17467.186 1   ? ? 'RESIDUES 174-315' ? 
2 non-polymer syn GLYCEROL                  92.094    1   ? ? ?                  ? 
3 water       nat water                     18.015    250 ? ? ?                  ? 
# 
_entity_name_com.entity_id   1 
_entity_name_com.name        CBM29_1 
# 
_entity_poly.entity_id                      1 
_entity_poly.type                           'polypeptide(L)' 
_entity_poly.nstd_linkage                   no 
_entity_poly.nstd_monomer                   no 
_entity_poly.pdbx_seq_one_letter_code       
;MVSATYSVVYETGKKLNSGFDNWGWDSKMSFKDNSLVLTADPDEYGAISLKNLNSNYYGKGGCIYLQVKTETEGLVKVQG
VRGYDETEAFNVGSFRSSSDFTEYKFEVDDEYQFDRIIVQDGPASNIPIYMRYIIYSTGSCDDHILEHHHHHH
;
_entity_poly.pdbx_seq_one_letter_code_can   
;MVSATYSVVYETGKKLNSGFDNWGWDSKMSFKDNSLVLTADPDEYGAISLKNLNSNYYGKGGCIYLQVKTETEGLVKVQG
VRGYDETEAFNVGSFRSSSDFTEYKFEVDDEYQFDRIIVQDGPASNIPIYMRYIIYSTGSCDDHILEHHHHHH
;
_entity_poly.pdbx_strand_id                 A 
_entity_poly.pdbx_target_identifier         ? 
# 
loop_
_pdbx_entity_nonpoly.entity_id 
_pdbx_entity_nonpoly.name 
_pdbx_entity_nonpoly.comp_id 
2 GLYCEROL GOL 
3 water    HOH 
# 
loop_
_entity_poly_seq.entity_id 
_entity_poly_seq.num 
_entity_poly_seq.mon_id 
_entity_poly_seq.hetero 
1 1   MET n 
1 2   VAL n 
1 3   SER n 
1 4   ALA n 
1 5   THR n 
1 6   TYR n 
1 7   SER n 
1 8   VAL n 
1 9   VAL n 
1 10  TYR n 
1 11  GLU n 
1 12  THR n 
1 13  GLY n 
1 14  LYS n 
1 15  LYS n 
1 16  LEU n 
1 17  ASN n 
1 18  SER n 
1 19  GLY n 
1 20  PHE n 
1 21  ASP n 
1 22  ASN n 
1 23  TRP n 
1 24  GLY n 
1 25  TRP n 
1 26  ASP n 
1 27  SER n 
1 28  LYS n 
1 29  MET n 
1 30  SER n 
1 31  PHE n 
1 32  LYS n 
1 33  ASP n 
1 34  ASN n 
1 35  SER n 
1 36  LEU n 
1 37  VAL n 
1 38  LEU n 
1 39  THR n 
1 40  ALA n 
1 41  ASP n 
1 42  PRO n 
1 43  ASP n 
1 44  GLU n 
1 45  TYR n 
1 46  GLY n 
1 47  ALA n 
1 48  ILE n 
1 49  SER n 
1 50  LEU n 
1 51  LYS n 
1 52  ASN n 
1 53  LEU n 
1 54  ASN n 
1 55  SER n 
1 56  ASN n 
1 57  TYR n 
1 58  TYR n 
1 59  GLY n 
1 60  LYS n 
1 61  GLY n 
1 62  GLY n 
1 63  CYS n 
1 64  ILE n 
1 65  TYR n 
1 66  LEU n 
1 67  GLN n 
1 68  VAL n 
1 69  LYS n 
1 70  THR n 
1 71  GLU n 
1 72  THR n 
1 73  GLU n 
1 74  GLY n 
1 75  LEU n 
1 76  VAL n 
1 77  LYS n 
1 78  VAL n 
1 79  GLN n 
1 80  GLY n 
1 81  VAL n 
1 82  ARG n 
1 83  GLY n 
1 84  TYR n 
1 85  ASP n 
1 86  GLU n 
1 87  THR n 
1 88  GLU n 
1 89  ALA n 
1 90  PHE n 
1 91  ASN n 
1 92  VAL n 
1 93  GLY n 
1 94  SER n 
1 95  PHE n 
1 96  ARG n 
1 97  SER n 
1 98  SER n 
1 99  SER n 
1 100 ASP n 
1 101 PHE n 
1 102 THR n 
1 103 GLU n 
1 104 TYR n 
1 105 LYS n 
1 106 PHE n 
1 107 GLU n 
1 108 VAL n 
1 109 ASP n 
1 110 ASP n 
1 111 GLU n 
1 112 TYR n 
1 113 GLN n 
1 114 PHE n 
1 115 ASP n 
1 116 ARG n 
1 117 ILE n 
1 118 ILE n 
1 119 VAL n 
1 120 GLN n 
1 121 ASP n 
1 122 GLY n 
1 123 PRO n 
1 124 ALA n 
1 125 SER n 
1 126 ASN n 
1 127 ILE n 
1 128 PRO n 
1 129 ILE n 
1 130 TYR n 
1 131 MET n 
1 132 ARG n 
1 133 TYR n 
1 134 ILE n 
1 135 ILE n 
1 136 TYR n 
1 137 SER n 
1 138 THR n 
1 139 GLY n 
1 140 SER n 
1 141 CYS n 
1 142 ASP n 
1 143 ASP n 
1 144 HIS n 
1 145 ILE n 
1 146 LEU n 
1 147 GLU n 
1 148 HIS n 
1 149 HIS n 
1 150 HIS n 
1 151 HIS n 
1 152 HIS n 
1 153 HIS n 
# 
_entity_src_gen.entity_id                          1 
_entity_src_gen.pdbx_src_id                        1 
_entity_src_gen.pdbx_alt_source_flag               sample 
_entity_src_gen.pdbx_seq_type                      ? 
_entity_src_gen.pdbx_beg_seq_num                   ? 
_entity_src_gen.pdbx_end_seq_num                   ? 
_entity_src_gen.gene_src_common_name               ? 
_entity_src_gen.gene_src_genus                     ? 
_entity_src_gen.pdbx_gene_src_gene                 ? 
_entity_src_gen.gene_src_species                   ? 
_entity_src_gen.gene_src_strain                    NCP1 
_entity_src_gen.gene_src_tissue                    ? 
_entity_src_gen.gene_src_tissue_fraction           ? 
_entity_src_gen.gene_src_details                   ? 
_entity_src_gen.pdbx_gene_src_fragment             ? 
_entity_src_gen.pdbx_gene_src_scientific_name      'PIROMYCES EQUI' 
_entity_src_gen.pdbx_gene_src_ncbi_taxonomy_id     99929 
_entity_src_gen.pdbx_gene_src_variant              ? 
_entity_src_gen.pdbx_gene_src_cell_line            ? 
_entity_src_gen.pdbx_gene_src_atcc                 ? 
_entity_src_gen.pdbx_gene_src_organ                ? 
_entity_src_gen.pdbx_gene_src_organelle            ? 
_entity_src_gen.pdbx_gene_src_cell                 ? 
_entity_src_gen.pdbx_gene_src_cellular_location    ? 
_entity_src_gen.host_org_common_name               ? 
_entity_src_gen.pdbx_host_org_scientific_name      'ESCHERICHIA COLI' 
_entity_src_gen.pdbx_host_org_ncbi_taxonomy_id     562 
_entity_src_gen.host_org_genus                     ? 
_entity_src_gen.pdbx_host_org_gene                 ? 
_entity_src_gen.pdbx_host_org_organ                ? 
_entity_src_gen.host_org_species                   ? 
_entity_src_gen.pdbx_host_org_tissue               ? 
_entity_src_gen.pdbx_host_org_tissue_fraction      ? 
_entity_src_gen.pdbx_host_org_strain               'ORIGAMIB PLYSS' 
_entity_src_gen.pdbx_host_org_variant              ? 
_entity_src_gen.pdbx_host_org_cell_line            ? 
_entity_src_gen.pdbx_host_org_atcc                 ? 
_entity_src_gen.pdbx_host_org_culture_collection   ? 
_entity_src_gen.pdbx_host_org_cell                 ? 
_entity_src_gen.pdbx_host_org_organelle            ? 
_entity_src_gen.pdbx_host_org_cellular_location    ? 
_entity_src_gen.pdbx_host_org_vector_type          ? 
_entity_src_gen.pdbx_host_org_vector               ? 
_entity_src_gen.host_org_details                   ? 
_entity_src_gen.expression_system_id               ? 
_entity_src_gen.plasmid_name                       'PET 22B' 
_entity_src_gen.plasmid_details                    ? 
_entity_src_gen.pdbx_description                   ? 
# 
loop_
_chem_comp.id 
_chem_comp.type 
_chem_comp.mon_nstd_flag 
_chem_comp.name 
_chem_comp.pdbx_synonyms 
_chem_comp.formula 
_chem_comp.formula_weight 
ALA 'L-peptide linking' y ALANINE         ?                               'C3 H7 N O2'     89.093  
ARG 'L-peptide linking' y ARGININE        ?                               'C6 H15 N4 O2 1' 175.209 
ASN 'L-peptide linking' y ASPARAGINE      ?                               'C4 H8 N2 O3'    132.118 
ASP 'L-peptide linking' y 'ASPARTIC ACID' ?                               'C4 H7 N O4'     133.103 
CYS 'L-peptide linking' y CYSTEINE        ?                               'C3 H7 N O2 S'   121.158 
GLN 'L-peptide linking' y GLUTAMINE       ?                               'C5 H10 N2 O3'   146.144 
GLU 'L-peptide linking' y 'GLUTAMIC ACID' ?                               'C5 H9 N O4'     147.129 
GLY 'peptide linking'   y GLYCINE         ?                               'C2 H5 N O2'     75.067  
GOL non-polymer         . GLYCEROL        'GLYCERIN; PROPANE-1,2,3-TRIOL' 'C3 H8 O3'       92.094  
HIS 'L-peptide linking' y HISTIDINE       ?                               'C6 H10 N3 O2 1' 156.162 
HOH non-polymer         . WATER           ?                               'H2 O'           18.015  
ILE 'L-peptide linking' y ISOLEUCINE      ?                               'C6 H13 N O2'    131.173 
LEU 'L-peptide linking' y LEUCINE         ?                               'C6 H13 N O2'    131.173 
LYS 'L-peptide linking' y LYSINE          ?                               'C6 H15 N2 O2 1' 147.195 
MET 'L-peptide linking' y METHIONINE      ?                               'C5 H11 N O2 S'  149.211 
PHE 'L-peptide linking' y PHENYLALANINE   ?                               'C9 H11 N O2'    165.189 
PRO 'L-peptide linking' y PROLINE         ?                               'C5 H9 N O2'     115.130 
SER 'L-peptide linking' y SERINE          ?                               'C3 H7 N O3'     105.093 
THR 'L-peptide linking' y THREONINE       ?                               'C4 H9 N O3'     119.119 
TRP 'L-peptide linking' y TRYPTOPHAN      ?                               'C11 H12 N2 O2'  204.225 
TYR 'L-peptide linking' y TYROSINE        ?                               'C9 H11 N O3'    181.189 
VAL 'L-peptide linking' y VALINE          ?                               'C5 H11 N O2'    117.146 
# 
loop_
_pdbx_poly_seq_scheme.asym_id 
_pdbx_poly_seq_scheme.entity_id 
_pdbx_poly_seq_scheme.seq_id 
_pdbx_poly_seq_scheme.mon_id 
_pdbx_poly_seq_scheme.ndb_seq_num 
_pdbx_poly_seq_scheme.pdb_seq_num 
_pdbx_poly_seq_scheme.auth_seq_num 
_pdbx_poly_seq_scheme.pdb_mon_id 
_pdbx_poly_seq_scheme.auth_mon_id 
_pdbx_poly_seq_scheme.pdb_strand_id 
_pdbx_poly_seq_scheme.pdb_ins_code 
_pdbx_poly_seq_scheme.hetero 
A 1 1   MET 1   1   ?   ?   ?   A . n 
A 1 2   VAL 2   2   2   VAL VAL A . n 
A 1 3   SER 3   3   3   SER SER A . n 
A 1 4   ALA 4   4   4   ALA ALA A . n 
A 1 5   THR 5   5   5   THR THR A . n 
A 1 6   TYR 6   6   6   TYR TYR A . n 
A 1 7   SER 7   7   7   SER SER A . n 
A 1 8   VAL 8   8   8   VAL VAL A . n 
A 1 9   VAL 9   9   9   VAL VAL A . n 
A 1 10  TYR 10  10  10  TYR TYR A . n 
A 1 11  GLU 11  11  11  GLU GLU A . n 
A 1 12  THR 12  12  12  THR THR A . n 
A 1 13  GLY 13  13  13  GLY GLY A . n 
A 1 14  LYS 14  14  14  LYS LYS A . n 
A 1 15  LYS 15  15  15  LYS LYS A . n 
A 1 16  LEU 16  16  16  LEU LEU A . n 
A 1 17  ASN 17  17  17  ASN ASN A . n 
A 1 18  SER 18  18  18  SER SER A . n 
A 1 19  GLY 19  19  19  GLY GLY A . n 
A 1 20  PHE 20  20  20  PHE PHE A . n 
A 1 21  ASP 21  21  21  ASP ASP A . n 
A 1 22  ASN 22  22  22  ASN ASN A . n 
A 1 23  TRP 23  23  23  TRP TRP A . n 
A 1 24  GLY 24  24  24  GLY GLY A . n 
A 1 25  TRP 25  25  25  TRP TRP A . n 
A 1 26  ASP 26  26  26  ASP ASP A . n 
A 1 27  SER 27  27  27  SER SER A . n 
A 1 28  LYS 28  28  28  LYS LYS A . n 
A 1 29  MET 29  29  29  MET MET A . n 
A 1 30  SER 30  30  30  SER SER A . n 
A 1 31  PHE 31  31  31  PHE PHE A . n 
A 1 32  LYS 32  32  32  LYS LYS A . n 
A 1 33  ASP 33  33  33  ASP ASP A . n 
A 1 34  ASN 34  34  34  ASN ASN A . n 
A 1 35  SER 35  35  35  SER SER A . n 
A 1 36  LEU 36  36  36  LEU LEU A . n 
A 1 37  VAL 37  37  37  VAL VAL A . n 
A 1 38  LEU 38  38  38  LEU LEU A . n 
A 1 39  THR 39  39  39  THR THR A . n 
A 1 40  ALA 40  40  40  ALA ALA A . n 
A 1 41  ASP 41  41  41  ASP ASP A . n 
A 1 42  PRO 42  42  42  PRO PRO A . n 
A 1 43  ASP 43  43  43  ASP ASP A . n 
A 1 44  GLU 44  44  44  GLU GLU A . n 
A 1 45  TYR 45  45  45  TYR TYR A . n 
A 1 46  GLY 46  46  46  GLY GLY A . n 
A 1 47  ALA 47  47  47  ALA ALA A . n 
A 1 48  ILE 48  48  48  ILE ILE A . n 
A 1 49  SER 49  49  49  SER SER A . n 
A 1 50  LEU 50  50  50  LEU LEU A . n 
A 1 51  LYS 51  51  51  LYS LYS A . n 
A 1 52  ASN 52  52  52  ASN ASN A . n 
A 1 53  LEU 53  53  53  LEU LEU A . n 
A 1 54  ASN 54  54  54  ASN ASN A . n 
A 1 55  SER 55  55  55  SER SER A . n 
A 1 56  ASN 56  56  56  ASN ASN A . n 
A 1 57  TYR 57  57  57  TYR TYR A . n 
A 1 58  TYR 58  58  58  TYR TYR A . n 
A 1 59  GLY 59  59  59  GLY GLY A . n 
A 1 60  LYS 60  60  60  LYS LYS A . n 
A 1 61  GLY 61  61  61  GLY GLY A . n 
A 1 62  GLY 62  62  62  GLY GLY A . n 
A 1 63  CYS 63  63  63  CYS CYS A . n 
A 1 64  ILE 64  64  64  ILE ILE A . n 
A 1 65  TYR 65  65  65  TYR TYR A . n 
A 1 66  LEU 66  66  66  LEU LEU A . n 
A 1 67  GLN 67  67  67  GLN GLN A . n 
A 1 68  VAL 68  68  68  VAL VAL A . n 
A 1 69  LYS 69  69  69  LYS LYS A . n 
A 1 70  THR 70  70  70  THR THR A . n 
A 1 71  GLU 71  71  71  GLU GLU A . n 
A 1 72  THR 72  72  72  THR THR A . n 
A 1 73  GLU 73  73  73  GLU GLU A . n 
A 1 74  GLY 74  74  74  GLY GLY A . n 
A 1 75  LEU 75  75  75  LEU LEU A . n 
A 1 76  VAL 76  76  76  VAL VAL A . n 
A 1 77  LYS 77  77  77  LYS LYS A . n 
A 1 78  VAL 78  78  78  VAL VAL A . n 
A 1 79  GLN 79  79  79  GLN GLN A . n 
A 1 80  GLY 80  80  80  GLY GLY A . n 
A 1 81  VAL 81  81  81  VAL VAL A . n 
A 1 82  ARG 82  82  82  ARG ARG A . n 
A 1 83  GLY 83  83  83  GLY GLY A . n 
A 1 84  TYR 84  84  84  TYR TYR A . n 
A 1 85  ASP 85  85  85  ASP ASP A . n 
A 1 86  GLU 86  86  86  GLU GLU A . n 
A 1 87  THR 87  87  87  THR THR A . n 
A 1 88  GLU 88  88  88  GLU GLU A . n 
A 1 89  ALA 89  89  89  ALA ALA A . n 
A 1 90  PHE 90  90  90  PHE PHE A . n 
A 1 91  ASN 91  91  91  ASN ASN A . n 
A 1 92  VAL 92  92  92  VAL VAL A . n 
A 1 93  GLY 93  93  93  GLY GLY A . n 
A 1 94  SER 94  94  94  SER SER A . n 
A 1 95  PHE 95  95  95  PHE PHE A . n 
A 1 96  ARG 96  96  96  ARG ARG A . n 
A 1 97  SER 97  97  97  SER SER A . n 
A 1 98  SER 98  98  98  SER SER A . n 
A 1 99  SER 99  99  99  SER SER A . n 
A 1 100 ASP 100 100 100 ASP ASP A . n 
A 1 101 PHE 101 101 101 PHE PHE A . n 
A 1 102 THR 102 102 102 THR THR A . n 
A 1 103 GLU 103 103 103 GLU GLU A . n 
A 1 104 TYR 104 104 104 TYR TYR A . n 
A 1 105 LYS 105 105 105 LYS LYS A . n 
A 1 106 PHE 106 106 106 PHE PHE A . n 
A 1 107 GLU 107 107 107 GLU GLU A . n 
A 1 108 VAL 108 108 108 VAL VAL A . n 
A 1 109 ASP 109 109 109 ASP ASP A . n 
A 1 110 ASP 110 110 110 ASP ASP A . n 
A 1 111 GLU 111 111 111 GLU GLU A . n 
A 1 112 TYR 112 112 112 TYR TYR A . n 
A 1 113 GLN 113 113 113 GLN GLN A . n 
A 1 114 PHE 114 114 114 PHE PHE A . n 
A 1 115 ASP 115 115 115 ASP ASP A . n 
A 1 116 ARG 116 116 116 ARG ARG A . n 
A 1 117 ILE 117 117 117 ILE ILE A . n 
A 1 118 ILE 118 118 118 ILE ILE A . n 
A 1 119 VAL 119 119 119 VAL VAL A . n 
A 1 120 GLN 120 120 120 GLN GLN A . n 
A 1 121 ASP 121 121 121 ASP ASP A . n 
A 1 122 GLY 122 122 122 GLY GLY A . n 
A 1 123 PRO 123 123 123 PRO PRO A . n 
A 1 124 ALA 124 124 124 ALA ALA A . n 
A 1 125 SER 125 125 125 SER SER A . n 
A 1 126 ASN 126 126 126 ASN ASN A . n 
A 1 127 ILE 127 127 127 ILE ILE A . n 
A 1 128 PRO 128 128 128 PRO PRO A . n 
A 1 129 ILE 129 129 129 ILE ILE A . n 
A 1 130 TYR 130 130 130 TYR TYR A . n 
A 1 131 MET 131 131 131 MET MET A . n 
A 1 132 ARG 132 132 132 ARG ARG A . n 
A 1 133 TYR 133 133 133 TYR TYR A . n 
A 1 134 ILE 134 134 134 ILE ILE A . n 
A 1 135 ILE 135 135 135 ILE ILE A . n 
A 1 136 TYR 136 136 136 TYR TYR A . n 
A 1 137 SER 137 137 137 SER SER A . n 
A 1 138 THR 138 138 138 THR THR A . n 
A 1 139 GLY 139 139 139 GLY GLY A . n 
A 1 140 SER 140 140 140 SER SER A . n 
A 1 141 CYS 141 141 141 CYS CYS A . n 
A 1 142 ASP 142 142 142 ASP ASP A . n 
A 1 143 ASP 143 143 143 ASP ASP A . n 
A 1 144 HIS 144 144 144 HIS HIS A . n 
A 1 145 ILE 145 145 145 ILE ILE A . n 
A 1 146 LEU 146 146 146 LEU LEU A . n 
A 1 147 GLU 147 147 147 GLU GLU A . n 
A 1 148 HIS 148 148 148 HIS HIS A . n 
A 1 149 HIS 149 149 149 HIS HIS A . n 
A 1 150 HIS 150 150 150 HIS HIS A . n 
A 1 151 HIS 151 151 ?   ?   ?   A . n 
A 1 152 HIS 152 152 ?   ?   ?   A . n 
A 1 153 HIS 153 153 ?   ?   ?   A . n 
# 
loop_
_pdbx_nonpoly_scheme.asym_id 
_pdbx_nonpoly_scheme.entity_id 
_pdbx_nonpoly_scheme.mon_id 
_pdbx_nonpoly_scheme.ndb_seq_num 
_pdbx_nonpoly_scheme.pdb_seq_num 
_pdbx_nonpoly_scheme.auth_seq_num 
_pdbx_nonpoly_scheme.pdb_mon_id 
_pdbx_nonpoly_scheme.auth_mon_id 
_pdbx_nonpoly_scheme.pdb_strand_id 
_pdbx_nonpoly_scheme.pdb_ins_code 
B 2 GOL 1   1151 1151 GOL GOL A . 
C 3 HOH 1   2001 2001 HOH HOH A . 
C 3 HOH 2   2002 2002 HOH HOH A . 
C 3 HOH 3   2003 2003 HOH HOH A . 
C 3 HOH 4   2004 2004 HOH HOH A . 
C 3 HOH 5   2005 2005 HOH HOH A . 
C 3 HOH 6   2006 2006 HOH HOH A . 
C 3 HOH 7   2007 2007 HOH HOH A . 
C 3 HOH 8   2008 2008 HOH HOH A . 
C 3 HOH 9   2009 2009 HOH HOH A . 
C 3 HOH 10  2010 2010 HOH HOH A . 
C 3 HOH 11  2011 2011 HOH HOH A . 
C 3 HOH 12  2012 2012 HOH HOH A . 
C 3 HOH 13  2013 2013 HOH HOH A . 
C 3 HOH 14  2014 2014 HOH HOH A . 
C 3 HOH 15  2015 2015 HOH HOH A . 
C 3 HOH 16  2016 2016 HOH HOH A . 
C 3 HOH 17  2017 2017 HOH HOH A . 
C 3 HOH 18  2018 2018 HOH HOH A . 
C 3 HOH 19  2019 2019 HOH HOH A . 
C 3 HOH 20  2020 2020 HOH HOH A . 
C 3 HOH 21  2021 2021 HOH HOH A . 
C 3 HOH 22  2022 2022 HOH HOH A . 
C 3 HOH 23  2023 2023 HOH HOH A . 
C 3 HOH 24  2024 2024 HOH HOH A . 
C 3 HOH 25  2025 2025 HOH HOH A . 
C 3 HOH 26  2026 2026 HOH HOH A . 
C 3 HOH 27  2027 2027 HOH HOH A . 
C 3 HOH 28  2028 2028 HOH HOH A . 
C 3 HOH 29  2029 2029 HOH HOH A . 
C 3 HOH 30  2030 2030 HOH HOH A . 
C 3 HOH 31  2031 2031 HOH HOH A . 
C 3 HOH 32  2032 2032 HOH HOH A . 
C 3 HOH 33  2033 2033 HOH HOH A . 
C 3 HOH 34  2034 2034 HOH HOH A . 
C 3 HOH 35  2035 2035 HOH HOH A . 
C 3 HOH 36  2036 2036 HOH HOH A . 
C 3 HOH 37  2037 2037 HOH HOH A . 
C 3 HOH 38  2038 2038 HOH HOH A . 
C 3 HOH 39  2039 2039 HOH HOH A . 
C 3 HOH 40  2040 2040 HOH HOH A . 
C 3 HOH 41  2041 2041 HOH HOH A . 
C 3 HOH 42  2042 2042 HOH HOH A . 
C 3 HOH 43  2043 2043 HOH HOH A . 
C 3 HOH 44  2044 2044 HOH HOH A . 
C 3 HOH 45  2045 2045 HOH HOH A . 
C 3 HOH 46  2046 2046 HOH HOH A . 
C 3 HOH 47  2047 2047 HOH HOH A . 
C 3 HOH 48  2048 2048 HOH HOH A . 
C 3 HOH 49  2049 2049 HOH HOH A . 
C 3 HOH 50  2050 2050 HOH HOH A . 
C 3 HOH 51  2051 2051 HOH HOH A . 
C 3 HOH 52  2052 2052 HOH HOH A . 
C 3 HOH 53  2053 2053 HOH HOH A . 
C 3 HOH 54  2054 2054 HOH HOH A . 
C 3 HOH 55  2055 2055 HOH HOH A . 
C 3 HOH 56  2056 2056 HOH HOH A . 
C 3 HOH 57  2057 2057 HOH HOH A . 
C 3 HOH 58  2058 2058 HOH HOH A . 
C 3 HOH 59  2059 2059 HOH HOH A . 
C 3 HOH 60  2060 2060 HOH HOH A . 
C 3 HOH 61  2061 2061 HOH HOH A . 
C 3 HOH 62  2062 2062 HOH HOH A . 
C 3 HOH 63  2063 2063 HOH HOH A . 
C 3 HOH 64  2064 2064 HOH HOH A . 
C 3 HOH 65  2065 2065 HOH HOH A . 
C 3 HOH 66  2066 2066 HOH HOH A . 
C 3 HOH 67  2067 2067 HOH HOH A . 
C 3 HOH 68  2068 2068 HOH HOH A . 
C 3 HOH 69  2069 2069 HOH HOH A . 
C 3 HOH 70  2070 2070 HOH HOH A . 
C 3 HOH 71  2071 2071 HOH HOH A . 
C 3 HOH 72  2072 2072 HOH HOH A . 
C 3 HOH 73  2073 2073 HOH HOH A . 
C 3 HOH 74  2074 2074 HOH HOH A . 
C 3 HOH 75  2075 2075 HOH HOH A . 
C 3 HOH 76  2076 2076 HOH HOH A . 
C 3 HOH 77  2077 2077 HOH HOH A . 
C 3 HOH 78  2078 2078 HOH HOH A . 
C 3 HOH 79  2079 2079 HOH HOH A . 
C 3 HOH 80  2080 2080 HOH HOH A . 
C 3 HOH 81  2081 2081 HOH HOH A . 
C 3 HOH 82  2082 2082 HOH HOH A . 
C 3 HOH 83  2083 2083 HOH HOH A . 
C 3 HOH 84  2084 2084 HOH HOH A . 
C 3 HOH 85  2085 2085 HOH HOH A . 
C 3 HOH 86  2086 2086 HOH HOH A . 
C 3 HOH 87  2087 2087 HOH HOH A . 
C 3 HOH 88  2088 2088 HOH HOH A . 
C 3 HOH 89  2089 2089 HOH HOH A . 
C 3 HOH 90  2090 2090 HOH HOH A . 
C 3 HOH 91  2091 2091 HOH HOH A . 
C 3 HOH 92  2092 2092 HOH HOH A . 
C 3 HOH 93  2093 2093 HOH HOH A . 
C 3 HOH 94  2094 2094 HOH HOH A . 
C 3 HOH 95  2095 2095 HOH HOH A . 
C 3 HOH 96  2096 2096 HOH HOH A . 
C 3 HOH 97  2097 2097 HOH HOH A . 
C 3 HOH 98  2098 2098 HOH HOH A . 
C 3 HOH 99  2099 2099 HOH HOH A . 
C 3 HOH 100 2100 2100 HOH HOH A . 
C 3 HOH 101 2101 2101 HOH HOH A . 
C 3 HOH 102 2102 2102 HOH HOH A . 
C 3 HOH 103 2103 2103 HOH HOH A . 
C 3 HOH 104 2104 2104 HOH HOH A . 
C 3 HOH 105 2105 2105 HOH HOH A . 
C 3 HOH 106 2106 2106 HOH HOH A . 
C 3 HOH 107 2107 2107 HOH HOH A . 
C 3 HOH 108 2108 2108 HOH HOH A . 
C 3 HOH 109 2109 2109 HOH HOH A . 
C 3 HOH 110 2110 2110 HOH HOH A . 
C 3 HOH 111 2111 2111 HOH HOH A . 
C 3 HOH 112 2112 2112 HOH HOH A . 
C 3 HOH 113 2113 2113 HOH HOH A . 
C 3 HOH 114 2114 2114 HOH HOH A . 
C 3 HOH 115 2115 2115 HOH HOH A . 
C 3 HOH 116 2116 2116 HOH HOH A . 
C 3 HOH 117 2117 2117 HOH HOH A . 
C 3 HOH 118 2118 2118 HOH HOH A . 
C 3 HOH 119 2119 2119 HOH HOH A . 
C 3 HOH 120 2120 2120 HOH HOH A . 
C 3 HOH 121 2121 2121 HOH HOH A . 
C 3 HOH 122 2122 2122 HOH HOH A . 
C 3 HOH 123 2123 2123 HOH HOH A . 
C 3 HOH 124 2124 2124 HOH HOH A . 
C 3 HOH 125 2125 2125 HOH HOH A . 
C 3 HOH 126 2126 2126 HOH HOH A . 
C 3 HOH 127 2127 2127 HOH HOH A . 
C 3 HOH 128 2128 2128 HOH HOH A . 
C 3 HOH 129 2129 2129 HOH HOH A . 
C 3 HOH 130 2130 2130 HOH HOH A . 
C 3 HOH 131 2131 2131 HOH HOH A . 
C 3 HOH 132 2132 2132 HOH HOH A . 
C 3 HOH 133 2133 2133 HOH HOH A . 
C 3 HOH 134 2134 2134 HOH HOH A . 
C 3 HOH 135 2135 2135 HOH HOH A . 
C 3 HOH 136 2136 2136 HOH HOH A . 
C 3 HOH 137 2137 2137 HOH HOH A . 
C 3 HOH 138 2138 2138 HOH HOH A . 
C 3 HOH 139 2139 2139 HOH HOH A . 
C 3 HOH 140 2140 2140 HOH HOH A . 
C 3 HOH 141 2141 2141 HOH HOH A . 
C 3 HOH 142 2142 2142 HOH HOH A . 
C 3 HOH 143 2143 2143 HOH HOH A . 
C 3 HOH 144 2144 2144 HOH HOH A . 
C 3 HOH 145 2145 2145 HOH HOH A . 
C 3 HOH 146 2146 2146 HOH HOH A . 
C 3 HOH 147 2147 2147 HOH HOH A . 
C 3 HOH 148 2148 2148 HOH HOH A . 
C 3 HOH 149 2149 2149 HOH HOH A . 
C 3 HOH 150 2150 2150 HOH HOH A . 
C 3 HOH 151 2151 2151 HOH HOH A . 
C 3 HOH 152 2152 2152 HOH HOH A . 
C 3 HOH 153 2153 2153 HOH HOH A . 
C 3 HOH 154 2154 2154 HOH HOH A . 
C 3 HOH 155 2155 2155 HOH HOH A . 
C 3 HOH 156 2156 2156 HOH HOH A . 
C 3 HOH 157 2157 2157 HOH HOH A . 
C 3 HOH 158 2158 2158 HOH HOH A . 
C 3 HOH 159 2159 2159 HOH HOH A . 
C 3 HOH 160 2160 2160 HOH HOH A . 
C 3 HOH 161 2161 2161 HOH HOH A . 
C 3 HOH 162 2162 2162 HOH HOH A . 
C 3 HOH 163 2163 2163 HOH HOH A . 
C 3 HOH 164 2164 2164 HOH HOH A . 
C 3 HOH 165 2165 2165 HOH HOH A . 
C 3 HOH 166 2166 2166 HOH HOH A . 
C 3 HOH 167 2167 2167 HOH HOH A . 
C 3 HOH 168 2168 2168 HOH HOH A . 
C 3 HOH 169 2169 2169 HOH HOH A . 
C 3 HOH 170 2170 2170 HOH HOH A . 
C 3 HOH 171 2171 2171 HOH HOH A . 
C 3 HOH 172 2172 2172 HOH HOH A . 
C 3 HOH 173 2173 2173 HOH HOH A . 
C 3 HOH 174 2174 2174 HOH HOH A . 
C 3 HOH 175 2175 2175 HOH HOH A . 
C 3 HOH 176 2176 2176 HOH HOH A . 
C 3 HOH 177 2177 2177 HOH HOH A . 
C 3 HOH 178 2178 2178 HOH HOH A . 
C 3 HOH 179 2179 2179 HOH HOH A . 
C 3 HOH 180 2180 2180 HOH HOH A . 
C 3 HOH 181 2181 2181 HOH HOH A . 
C 3 HOH 182 2182 2182 HOH HOH A . 
C 3 HOH 183 2183 2183 HOH HOH A . 
C 3 HOH 184 2184 2184 HOH HOH A . 
C 3 HOH 185 2185 2185 HOH HOH A . 
C 3 HOH 186 2186 2186 HOH HOH A . 
C 3 HOH 187 2187 2187 HOH HOH A . 
C 3 HOH 188 2188 2188 HOH HOH A . 
C 3 HOH 189 2189 2189 HOH HOH A . 
C 3 HOH 190 2190 2190 HOH HOH A . 
C 3 HOH 191 2191 2191 HOH HOH A . 
C 3 HOH 192 2192 2192 HOH HOH A . 
C 3 HOH 193 2193 2193 HOH HOH A . 
C 3 HOH 194 2194 2194 HOH HOH A . 
C 3 HOH 195 2195 2195 HOH HOH A . 
C 3 HOH 196 2196 2196 HOH HOH A . 
C 3 HOH 197 2197 2197 HOH HOH A . 
C 3 HOH 198 2198 2198 HOH HOH A . 
C 3 HOH 199 2199 2199 HOH HOH A . 
C 3 HOH 200 2200 2200 HOH HOH A . 
C 3 HOH 201 2201 2201 HOH HOH A . 
C 3 HOH 202 2202 2202 HOH HOH A . 
C 3 HOH 203 2203 2203 HOH HOH A . 
C 3 HOH 204 2204 2204 HOH HOH A . 
C 3 HOH 205 2205 2205 HOH HOH A . 
C 3 HOH 206 2206 2206 HOH HOH A . 
C 3 HOH 207 2207 2207 HOH HOH A . 
C 3 HOH 208 2208 2208 HOH HOH A . 
C 3 HOH 209 2209 2209 HOH HOH A . 
C 3 HOH 210 2210 2210 HOH HOH A . 
C 3 HOH 211 2211 2211 HOH HOH A . 
C 3 HOH 212 2212 2212 HOH HOH A . 
C 3 HOH 213 2213 2213 HOH HOH A . 
C 3 HOH 214 2214 2214 HOH HOH A . 
C 3 HOH 215 2215 2215 HOH HOH A . 
C 3 HOH 216 2216 2216 HOH HOH A . 
C 3 HOH 217 2217 2217 HOH HOH A . 
C 3 HOH 218 2218 2218 HOH HOH A . 
C 3 HOH 219 2219 2219 HOH HOH A . 
C 3 HOH 220 2220 2220 HOH HOH A . 
C 3 HOH 221 2221 2221 HOH HOH A . 
C 3 HOH 222 2222 2222 HOH HOH A . 
C 3 HOH 223 2223 2223 HOH HOH A . 
C 3 HOH 224 2224 2224 HOH HOH A . 
C 3 HOH 225 2225 2225 HOH HOH A . 
C 3 HOH 226 2226 2226 HOH HOH A . 
C 3 HOH 227 2227 2227 HOH HOH A . 
C 3 HOH 228 2228 2228 HOH HOH A . 
C 3 HOH 229 2229 2229 HOH HOH A . 
C 3 HOH 230 2230 2230 HOH HOH A . 
C 3 HOH 231 2231 2231 HOH HOH A . 
C 3 HOH 232 2232 2232 HOH HOH A . 
C 3 HOH 233 2233 2233 HOH HOH A . 
C 3 HOH 234 2234 2234 HOH HOH A . 
C 3 HOH 235 2235 2235 HOH HOH A . 
C 3 HOH 236 2236 2236 HOH HOH A . 
C 3 HOH 237 2237 2237 HOH HOH A . 
C 3 HOH 238 2238 2238 HOH HOH A . 
C 3 HOH 239 2239 2239 HOH HOH A . 
C 3 HOH 240 2240 2240 HOH HOH A . 
C 3 HOH 241 2241 2241 HOH HOH A . 
C 3 HOH 242 2242 2242 HOH HOH A . 
C 3 HOH 243 2243 2243 HOH HOH A . 
C 3 HOH 244 2244 2244 HOH HOH A . 
C 3 HOH 245 2245 2245 HOH HOH A . 
C 3 HOH 246 2246 2246 HOH HOH A . 
C 3 HOH 247 2247 2247 HOH HOH A . 
C 3 HOH 248 2248 2248 HOH HOH A . 
C 3 HOH 249 2249 2249 HOH HOH A . 
C 3 HOH 250 2250 2250 HOH HOH A . 
# 
loop_
_pdbx_unobs_or_zero_occ_atoms.id 
_pdbx_unobs_or_zero_occ_atoms.PDB_model_num 
_pdbx_unobs_or_zero_occ_atoms.polymer_flag 
_pdbx_unobs_or_zero_occ_atoms.occupancy_flag 
_pdbx_unobs_or_zero_occ_atoms.auth_asym_id 
_pdbx_unobs_or_zero_occ_atoms.auth_comp_id 
_pdbx_unobs_or_zero_occ_atoms.auth_seq_id 
_pdbx_unobs_or_zero_occ_atoms.PDB_ins_code 
_pdbx_unobs_or_zero_occ_atoms.auth_atom_id 
_pdbx_unobs_or_zero_occ_atoms.label_alt_id 
_pdbx_unobs_or_zero_occ_atoms.label_asym_id 
_pdbx_unobs_or_zero_occ_atoms.label_comp_id 
_pdbx_unobs_or_zero_occ_atoms.label_seq_id 
_pdbx_unobs_or_zero_occ_atoms.label_atom_id 
1  1 Y 0 A LYS 15  ? CE  ? A LYS 15  CE  
2  1 Y 0 A LYS 15  ? NZ  ? A LYS 15  NZ  
3  1 Y 0 A LYS 28  ? C   ? A LYS 28  C   
4  1 Y 0 A LYS 28  ? CE  ? A LYS 28  CE  
5  1 Y 0 A LYS 28  ? NZ  ? A LYS 28  NZ  
6  1 Y 0 A LYS 32  ? CG  ? A LYS 32  CG  
7  1 Y 0 A LYS 32  ? CD  ? A LYS 32  CD  
8  1 Y 0 A LYS 32  ? CE  ? A LYS 32  CE  
9  1 Y 0 A LYS 32  ? NZ  ? A LYS 32  NZ  
10 1 Y 0 A ASP 85  ? OD1 B A ASP 85  OD1 
11 1 Y 0 A HIS 148 ? C   ? A HIS 148 C   
12 1 Y 0 A HIS 148 ? O   ? A HIS 148 O   
13 1 Y 0 A HIS 148 ? CB  ? A HIS 148 CB  
14 1 Y 0 A HIS 148 ? CG  ? A HIS 148 CG  
15 1 Y 0 A HIS 148 ? ND1 ? A HIS 148 ND1 
16 1 Y 0 A HIS 148 ? CD2 ? A HIS 148 CD2 
17 1 Y 0 A HIS 148 ? CE1 ? A HIS 148 CE1 
18 1 Y 0 A HIS 148 ? NE2 ? A HIS 148 NE2 
# 
loop_
_software.name 
_software.classification 
_software.version 
_software.citation_id 
_software.pdbx_ordinal 
REFMAC    refinement       5.2.0005 ? 1 
DENZO     'data reduction' .        ? 2 
SCALEPACK 'data scaling'   .        ? 3 
AMoRE     phasing          .        ? 4 
# 
_cell.entry_id           1WCU 
_cell.length_a           30.054 
_cell.length_b           57.512 
_cell.length_c           76.130 
_cell.angle_alpha        90.00 
_cell.angle_beta         90.00 
_cell.angle_gamma        90.00 
_cell.Z_PDB              4 
_cell.pdbx_unique_axis   ? 
# 
_symmetry.entry_id                         1WCU 
_symmetry.space_group_name_H-M             'P 21 21 21' 
_symmetry.pdbx_full_space_group_name_H-M   ? 
_symmetry.cell_setting                     ? 
_symmetry.Int_Tables_number                19 
# 
_exptl.entry_id          1WCU 
_exptl.method            'X-RAY DIFFRACTION' 
_exptl.crystals_number   1 
# 
_exptl_crystal.id                    1 
_exptl_crystal.density_meas          ? 
_exptl_crystal.density_Matthews      1.9 
_exptl_crystal.density_percent_sol   33.7 
_exptl_crystal.description           ? 
# 
_exptl_crystal_grow.crystal_id      1 
_exptl_crystal_grow.method          ? 
_exptl_crystal_grow.temp            ? 
_exptl_crystal_grow.temp_details    ? 
_exptl_crystal_grow.pH              ? 
_exptl_crystal_grow.pdbx_pH_range   ? 
_exptl_crystal_grow.pdbx_details    
'0.6M LITHIUM ACETATE, 20% PEG 3350. WITH PROTEIN AT A FINAL CONCENTRATION OF 10 MG / ML FINAL.' 
# 
_diffrn.id                     1 
_diffrn.ambient_temp           100.0 
_diffrn.ambient_temp_details   ? 
_diffrn.crystal_id             1 
# 
_diffrn_detector.diffrn_id              1 
_diffrn_detector.detector               CCD 
_diffrn_detector.type                   'ADSC CCD' 
_diffrn_detector.pdbx_collection_date   2002-12-01 
_diffrn_detector.details                
;A ZEISS MIRROR WITH DIMENSIONS OF 800X95X78 MM3. MADE OF MONOCRYSTALLINE SILICON AND COATED WITH 20-50 NM RH. SPECIFICATIONS SAGITTAL RADIUS 77.15, BENDING RADIUS 9KM
;
# 
_diffrn_radiation.diffrn_id                        1 
_diffrn_radiation.wavelength_id                    1 
_diffrn_radiation.pdbx_monochromatic_or_laue_m_l   M 
_diffrn_radiation.monochromator                    
'KHOZU MONOCHROMATOR WITH A MCKHOZU MONOCHROMATOR WITH A MCLENNON CONTROLLER CONTAINING A LN2 COOLED SI111 CRYSTAL' 
_diffrn_radiation.pdbx_diffrn_protocol             'SINGLE WAVELENGTH' 
_diffrn_radiation.pdbx_scattering_type             x-ray 
# 
_diffrn_radiation_wavelength.id           1 
_diffrn_radiation_wavelength.wavelength   1.0250 
_diffrn_radiation_wavelength.wt           1.0 
# 
_diffrn_source.diffrn_id                   1 
_diffrn_source.source                      SYNCHROTRON 
_diffrn_source.type                        'ESRF BEAMLINE ID14-4' 
_diffrn_source.pdbx_synchrotron_site       ESRF 
_diffrn_source.pdbx_synchrotron_beamline   ID14-4 
_diffrn_source.pdbx_wavelength             1.0250 
_diffrn_source.pdbx_wavelength_list        ? 
# 
_reflns.pdbx_diffrn_id               1 
_reflns.pdbx_ordinal                 1 
_reflns.entry_id                     1WCU 
_reflns.observed_criterion_sigma_I   2.000 
_reflns.observed_criterion_sigma_F   ? 
_reflns.d_resolution_low             46.120 
_reflns.d_resolution_high            1.500 
_reflns.number_obs                   21737 
_reflns.number_all                   ? 
_reflns.percent_possible_obs         100.0 
_reflns.pdbx_Rmerge_I_obs            0.04000 
_reflns.pdbx_Rsym_value              ? 
_reflns.pdbx_netI_over_sigmaI        40.0000 
_reflns.B_iso_Wilson_estimate        ? 
_reflns.pdbx_redundancy              5.000 
# 
_reflns_shell.pdbx_diffrn_id         1 
_reflns_shell.pdbx_ordinal           1 
_reflns_shell.d_res_high             1.50 
_reflns_shell.d_res_low              1.53 
_reflns_shell.percent_possible_all   99.0 
_reflns_shell.Rmerge_I_obs           0.10000 
_reflns_shell.pdbx_Rsym_value        ? 
_reflns_shell.meanI_over_sigI_obs    13.000 
_reflns_shell.pdbx_redundancy        3.20 
# 
_refine.pdbx_refine_id                           'X-RAY DIFFRACTION' 
_refine.entry_id                                 1WCU 
_refine.pdbx_diffrn_id                           1 
_refine.pdbx_TLS_residual_ADP_flag               ? 
_refine.ls_number_reflns_obs                     20621 
_refine.ls_number_reflns_all                     ? 
_refine.pdbx_ls_sigma_I                          ? 
_refine.pdbx_ls_sigma_F                          ? 
_refine.pdbx_data_cutoff_high_absF               ? 
_refine.pdbx_data_cutoff_low_absF                ? 
_refine.pdbx_data_cutoff_high_rms_absF           ? 
_refine.ls_d_res_low                             46.13 
_refine.ls_d_res_high                            1.50 
_refine.ls_percent_reflns_obs                    99.6 
_refine.ls_R_factor_obs                          0.141 
_refine.ls_R_factor_all                          ? 
_refine.ls_R_factor_R_work                       0.140 
_refine.ls_R_factor_R_free                       0.164 
_refine.ls_R_factor_R_free_error                 ? 
_refine.ls_R_factor_R_free_error_details         ? 
_refine.ls_percent_reflns_R_free                 5.100 
_refine.ls_number_reflns_R_free                  1114 
_refine.ls_number_parameters                     ? 
_refine.ls_number_restraints                     ? 
_refine.occupancy_min                            ? 
_refine.occupancy_max                            ? 
_refine.correlation_coeff_Fo_to_Fc               0.972 
_refine.correlation_coeff_Fo_to_Fc_free          0.962 
_refine.B_iso_mean                               10.64 
_refine.aniso_B[1][1]                            0.00000 
_refine.aniso_B[2][2]                            -0.11000 
_refine.aniso_B[3][3]                            0.11000 
_refine.aniso_B[1][2]                            0.00000 
_refine.aniso_B[1][3]                            0.00000 
_refine.aniso_B[2][3]                            0.00000 
_refine.solvent_model_details                    'BABINET MODEL WITH MASK' 
_refine.solvent_model_param_ksol                 ? 
_refine.solvent_model_param_bsol                 ? 
_refine.pdbx_solvent_vdw_probe_radii             1.20 
_refine.pdbx_solvent_ion_probe_radii             0.80 
_refine.pdbx_solvent_shrinkage_radii             0.80 
_refine.pdbx_ls_cross_valid_method               THROUGHOUT 
_refine.details                                  'HYDROGENS HAVE BEEN ADDED IN THE RIDING POSITIONS.' 
_refine.pdbx_starting_model                      'PDB ENTRY 1GWK' 
_refine.pdbx_method_to_determine_struct          'MOLECULAR REPLACEMENT' 
_refine.pdbx_isotropic_thermal_model             ? 
_refine.pdbx_stereochemistry_target_values       'MAXIMUM LIKELIHOOD' 
_refine.pdbx_stereochem_target_val_spec_case     ? 
_refine.pdbx_R_Free_selection_details            RANDOM 
_refine.pdbx_overall_ESU_R                       0.067 
_refine.pdbx_overall_ESU_R_Free                  0.067 
_refine.overall_SU_ML                            0.037 
_refine.pdbx_overall_phase_error                 ? 
_refine.overall_SU_B                             0.945 
_refine.overall_SU_R_Cruickshank_DPI             ? 
_refine.pdbx_overall_SU_R_free_Cruickshank_DPI   ? 
_refine.pdbx_overall_SU_R_Blow_DPI               ? 
_refine.pdbx_overall_SU_R_free_Blow_DPI          ? 
# 
_refine_hist.pdbx_refine_id                   'X-RAY DIFFRACTION' 
_refine_hist.cycle_id                         LAST 
_refine_hist.pdbx_number_atoms_protein        1193 
_refine_hist.pdbx_number_atoms_nucleic_acid   0 
_refine_hist.pdbx_number_atoms_ligand         6 
_refine_hist.number_atoms_solvent             250 
_refine_hist.number_atoms_total               1449 
_refine_hist.d_res_high                       1.50 
_refine_hist.d_res_low                        46.13 
# 
loop_
_refine_ls_restr.type 
_refine_ls_restr.dev_ideal 
_refine_ls_restr.dev_ideal_target 
_refine_ls_restr.weight 
_refine_ls_restr.number 
_refine_ls_restr.pdbx_refine_id 
_refine_ls_restr.pdbx_restraint_function 
r_bond_refined_d             0.010  0.022  ? 1226 'X-RAY DIFFRACTION' ? 
r_bond_other_d               0.002  0.020  ? 1014 'X-RAY DIFFRACTION' ? 
r_angle_refined_deg          1.410  1.933  ? 1655 'X-RAY DIFFRACTION' ? 
r_angle_other_deg            2.688  3.000  ? 2378 'X-RAY DIFFRACTION' ? 
r_dihedral_angle_1_deg       7.295  5.000  ? 146  'X-RAY DIFFRACTION' ? 
r_dihedral_angle_2_deg       35.165 25.294 ? 68   'X-RAY DIFFRACTION' ? 
r_dihedral_angle_3_deg       13.580 15.000 ? 199  'X-RAY DIFFRACTION' ? 
r_dihedral_angle_4_deg       10.770 15.000 ? 4    'X-RAY DIFFRACTION' ? 
r_chiral_restr               0.087  0.200  ? 170  'X-RAY DIFFRACTION' ? 
r_gen_planes_refined         0.006  0.020  ? 1384 'X-RAY DIFFRACTION' ? 
r_gen_planes_other           0.001  0.020  ? 258  'X-RAY DIFFRACTION' ? 
r_nbd_refined                0.237  0.200  ? 199  'X-RAY DIFFRACTION' ? 
r_nbd_other                  0.178  0.200  ? 984  'X-RAY DIFFRACTION' ? 
r_nbtor_refined              0.220  0.200  ? 592  'X-RAY DIFFRACTION' ? 
r_nbtor_other                0.082  0.200  ? 682  'X-RAY DIFFRACTION' ? 
r_xyhbond_nbd_refined        0.177  0.200  ? 147  'X-RAY DIFFRACTION' ? 
r_xyhbond_nbd_other          ?      ?      ? ?    'X-RAY DIFFRACTION' ? 
r_metal_ion_refined          ?      ?      ? ?    'X-RAY DIFFRACTION' ? 
r_metal_ion_other            ?      ?      ? ?    'X-RAY DIFFRACTION' ? 
r_symmetry_vdw_refined       0.177  0.200  ? 16   'X-RAY DIFFRACTION' ? 
r_symmetry_vdw_other         0.270  0.200  ? 56   'X-RAY DIFFRACTION' ? 
r_symmetry_hbond_refined     0.217  0.200  ? 50   'X-RAY DIFFRACTION' ? 
r_symmetry_hbond_other       ?      ?      ? ?    'X-RAY DIFFRACTION' ? 
r_symmetry_metal_ion_refined ?      ?      ? ?    'X-RAY DIFFRACTION' ? 
r_symmetry_metal_ion_other   ?      ?      ? ?    'X-RAY DIFFRACTION' ? 
r_mcbond_it                  1.051  1.500  ? 939  'X-RAY DIFFRACTION' ? 
r_mcbond_other               ?      ?      ? ?    'X-RAY DIFFRACTION' ? 
r_mcangle_it                 1.266  2.000  ? 1176 'X-RAY DIFFRACTION' ? 
r_mcangle_other              ?      ?      ? ?    'X-RAY DIFFRACTION' ? 
r_scbond_it                  2.351  3.000  ? 604  'X-RAY DIFFRACTION' ? 
r_scbond_other               ?      ?      ? ?    'X-RAY DIFFRACTION' ? 
r_scangle_it                 3.226  4.500  ? 479  'X-RAY DIFFRACTION' ? 
r_scangle_other              ?      ?      ? ?    'X-RAY DIFFRACTION' ? 
r_long_range_B_refined       ?      ?      ? ?    'X-RAY DIFFRACTION' ? 
r_long_range_B_other         ?      ?      ? ?    'X-RAY DIFFRACTION' ? 
r_rigid_bond_restr           ?      ?      ? ?    'X-RAY DIFFRACTION' ? 
r_sphericity_free            ?      ?      ? ?    'X-RAY DIFFRACTION' ? 
r_sphericity_bonded          ?      ?      ? ?    'X-RAY DIFFRACTION' ? 
# 
_refine_ls_shell.pdbx_refine_id                   'X-RAY DIFFRACTION' 
_refine_ls_shell.pdbx_total_number_of_bins_used   20 
_refine_ls_shell.d_res_high                       1.50 
_refine_ls_shell.d_res_low                        1.54 
_refine_ls_shell.number_reflns_R_work             1484 
_refine_ls_shell.R_factor_R_work                  0.1510 
_refine_ls_shell.percent_reflns_obs               ? 
_refine_ls_shell.R_factor_R_free                  0.1680 
_refine_ls_shell.R_factor_R_free_error            ? 
_refine_ls_shell.percent_reflns_R_free            ? 
_refine_ls_shell.number_reflns_R_free             69 
_refine_ls_shell.number_reflns_all                ? 
_refine_ls_shell.R_factor_all                     ? 
# 
_struct.entry_id                  1WCU 
_struct.title                     'CBM29_1, A Family 29 Carbohydrate Binding Module from Piromyces equi' 
_struct.pdbx_model_details        ? 
_struct.pdbx_CASP_flag            ? 
_struct.pdbx_model_type_details   ? 
# 
_struct_keywords.entry_id        1WCU 
_struct_keywords.pdbx_keywords   'CARBOHYDRATE BINDING' 
_struct_keywords.text            'CARBOHYDRATE BINDING, CBM29, CBM29_1, CARBOHYDRATE BINDING MODULE' 
# 
loop_
_struct_asym.id 
_struct_asym.pdbx_blank_PDB_chainid_flag 
_struct_asym.pdbx_modified 
_struct_asym.entity_id 
_struct_asym.details 
A N N 1 ? 
B N N 2 ? 
C N N 3 ? 
# 
loop_
_struct_ref.id 
_struct_ref.db_name 
_struct_ref.db_code 
_struct_ref.entity_id 
_struct_ref.pdbx_seq_one_letter_code 
_struct_ref.pdbx_align_begin 
_struct_ref.pdbx_db_accession 
_struct_ref.pdbx_db_isoform 
1 PDB 1WCU   1 ? ? 1WCU   ? 
2 UNP Q9C171 1 ? ? Q9C171 ? 
# 
loop_
_struct_ref_seq.align_id 
_struct_ref_seq.ref_id 
_struct_ref_seq.pdbx_PDB_id_code 
_struct_ref_seq.pdbx_strand_id 
_struct_ref_seq.seq_align_beg 
_struct_ref_seq.pdbx_seq_align_beg_ins_code 
_struct_ref_seq.seq_align_end 
_struct_ref_seq.pdbx_seq_align_end_ins_code 
_struct_ref_seq.pdbx_db_accession 
_struct_ref_seq.db_align_beg 
_struct_ref_seq.pdbx_db_align_beg_ins_code 
_struct_ref_seq.db_align_end 
_struct_ref_seq.pdbx_db_align_end_ins_code 
_struct_ref_seq.pdbx_auth_seq_align_beg 
_struct_ref_seq.pdbx_auth_seq_align_end 
1 1 1WCU A 1   ? 1   ? 1WCU   1   ? 1   ? 1   1   
2 2 1WCU A 2   ? 143 ? Q9C171 174 ? 315 ? 2   143 
3 1 1WCU A 144 ? 153 ? 1WCU   144 ? 153 ? 144 153 
# 
_pdbx_struct_assembly.id                   1 
_pdbx_struct_assembly.details              author_and_software_defined_assembly 
_pdbx_struct_assembly.method_details       PQS 
_pdbx_struct_assembly.oligomeric_details   monomeric 
_pdbx_struct_assembly.oligomeric_count     1 
# 
_pdbx_struct_assembly_gen.assembly_id       1 
_pdbx_struct_assembly_gen.oper_expression   1 
_pdbx_struct_assembly_gen.asym_id_list      A,B,C 
# 
_pdbx_struct_oper_list.id                   1 
_pdbx_struct_oper_list.type                 'identity operation' 
_pdbx_struct_oper_list.name                 1_555 
_pdbx_struct_oper_list.symmetry_operation   x,y,z 
_pdbx_struct_oper_list.matrix[1][1]         1.0000000000 
_pdbx_struct_oper_list.matrix[1][2]         0.0000000000 
_pdbx_struct_oper_list.matrix[1][3]         0.0000000000 
_pdbx_struct_oper_list.vector[1]            0.0000000000 
_pdbx_struct_oper_list.matrix[2][1]         0.0000000000 
_pdbx_struct_oper_list.matrix[2][2]         1.0000000000 
_pdbx_struct_oper_list.matrix[2][3]         0.0000000000 
_pdbx_struct_oper_list.vector[2]            0.0000000000 
_pdbx_struct_oper_list.matrix[3][1]         0.0000000000 
_pdbx_struct_oper_list.matrix[3][2]         0.0000000000 
_pdbx_struct_oper_list.matrix[3][3]         1.0000000000 
_pdbx_struct_oper_list.vector[3]            0.0000000000 
# 
_struct_biol.id   1 
# 
loop_
_struct_conf.conf_type_id 
_struct_conf.id 
_struct_conf.pdbx_PDB_helix_id 
_struct_conf.beg_label_comp_id 
_struct_conf.beg_label_asym_id 
_struct_conf.beg_label_seq_id 
_struct_conf.pdbx_beg_PDB_ins_code 
_struct_conf.end_label_comp_id 
_struct_conf.end_label_asym_id 
_struct_conf.end_label_seq_id 
_struct_conf.pdbx_end_PDB_ins_code 
_struct_conf.beg_auth_comp_id 
_struct_conf.beg_auth_asym_id 
_struct_conf.beg_auth_seq_id 
_struct_conf.end_auth_comp_id 
_struct_conf.end_auth_asym_id 
_struct_conf.end_auth_seq_id 
_struct_conf.pdbx_PDB_helix_class 
_struct_conf.details 
_struct_conf.pdbx_PDB_helix_length 
HELX_P HELX_P1 1 SER A 140 ? HIS A 144 ? SER A 140 HIS A 144 5 ? 5 
HELX_P HELX_P2 2 ILE A 145 ? HIS A 150 ? ILE A 145 HIS A 150 5 ? 6 
# 
_struct_conf_type.id          HELX_P 
_struct_conf_type.criteria    ? 
_struct_conf_type.reference   ? 
# 
_struct_conn.id                            disulf1 
_struct_conn.conn_type_id                  disulf 
_struct_conn.pdbx_leaving_atom_flag        ? 
_struct_conn.pdbx_PDB_id                   ? 
_struct_conn.ptnr1_label_asym_id           A 
_struct_conn.ptnr1_label_comp_id           CYS 
_struct_conn.ptnr1_label_seq_id            63 
_struct_conn.ptnr1_label_atom_id           SG 
_struct_conn.pdbx_ptnr1_label_alt_id       ? 
_struct_conn.pdbx_ptnr1_PDB_ins_code       ? 
_struct_conn.pdbx_ptnr1_standard_comp_id   ? 
_struct_conn.ptnr1_symmetry                1_555 
_struct_conn.ptnr2_label_asym_id           A 
_struct_conn.ptnr2_label_comp_id           CYS 
_struct_conn.ptnr2_label_seq_id            141 
_struct_conn.ptnr2_label_atom_id           SG 
_struct_conn.pdbx_ptnr2_label_alt_id       ? 
_struct_conn.pdbx_ptnr2_PDB_ins_code       ? 
_struct_conn.ptnr1_auth_asym_id            A 
_struct_conn.ptnr1_auth_comp_id            CYS 
_struct_conn.ptnr1_auth_seq_id             63 
_struct_conn.ptnr2_auth_asym_id            A 
_struct_conn.ptnr2_auth_comp_id            CYS 
_struct_conn.ptnr2_auth_seq_id             141 
_struct_conn.ptnr2_symmetry                1_555 
_struct_conn.pdbx_ptnr3_label_atom_id      ? 
_struct_conn.pdbx_ptnr3_label_seq_id       ? 
_struct_conn.pdbx_ptnr3_label_comp_id      ? 
_struct_conn.pdbx_ptnr3_label_asym_id      ? 
_struct_conn.pdbx_ptnr3_label_alt_id       ? 
_struct_conn.pdbx_ptnr3_PDB_ins_code       ? 
_struct_conn.details                       ? 
_struct_conn.pdbx_dist_value               2.073 
_struct_conn.pdbx_value_order              ? 
_struct_conn.pdbx_role                     ? 
# 
_struct_conn_type.id          disulf 
_struct_conn_type.criteria    ? 
_struct_conn_type.reference   ? 
# 
_pdbx_modification_feature.ordinal                            1 
_pdbx_modification_feature.label_comp_id                      CYS 
_pdbx_modification_feature.label_asym_id                      A 
_pdbx_modification_feature.label_seq_id                       63 
_pdbx_modification_feature.label_alt_id                       ? 
_pdbx_modification_feature.modified_residue_label_comp_id     CYS 
_pdbx_modification_feature.modified_residue_label_asym_id     A 
_pdbx_modification_feature.modified_residue_label_seq_id      141 
_pdbx_modification_feature.modified_residue_label_alt_id      ? 
_pdbx_modification_feature.auth_comp_id                       CYS 
_pdbx_modification_feature.auth_asym_id                       A 
_pdbx_modification_feature.auth_seq_id                        63 
_pdbx_modification_feature.PDB_ins_code                       ? 
_pdbx_modification_feature.symmetry                           1_555 
_pdbx_modification_feature.modified_residue_auth_comp_id      CYS 
_pdbx_modification_feature.modified_residue_auth_asym_id      A 
_pdbx_modification_feature.modified_residue_auth_seq_id       141 
_pdbx_modification_feature.modified_residue_PDB_ins_code      ? 
_pdbx_modification_feature.modified_residue_symmetry          1_555 
_pdbx_modification_feature.comp_id_linking_atom               SG 
_pdbx_modification_feature.modified_residue_id_linking_atom   SG 
_pdbx_modification_feature.modified_residue_id                . 
_pdbx_modification_feature.ref_pcm_id                         . 
_pdbx_modification_feature.ref_comp_id                        . 
_pdbx_modification_feature.type                               None 
_pdbx_modification_feature.category                           'Disulfide bridge' 
# 
loop_
_struct_sheet.id 
_struct_sheet.type 
_struct_sheet.number_strands 
_struct_sheet.details 
AA ? 4 ? 
AB ? 4 ? 
AC ? 5 ? 
# 
loop_
_struct_sheet_order.sheet_id 
_struct_sheet_order.range_id_1 
_struct_sheet_order.range_id_2 
_struct_sheet_order.offset 
_struct_sheet_order.sense 
AA 1 2 ? anti-parallel 
AA 2 3 ? anti-parallel 
AA 3 4 ? anti-parallel 
AB 1 2 ? anti-parallel 
AB 2 3 ? anti-parallel 
AB 3 4 ? anti-parallel 
AC 1 2 ? anti-parallel 
AC 2 3 ? anti-parallel 
AC 3 4 ? anti-parallel 
AC 4 5 ? anti-parallel 
# 
loop_
_struct_sheet_range.sheet_id 
_struct_sheet_range.id 
_struct_sheet_range.beg_label_comp_id 
_struct_sheet_range.beg_label_asym_id 
_struct_sheet_range.beg_label_seq_id 
_struct_sheet_range.pdbx_beg_PDB_ins_code 
_struct_sheet_range.end_label_comp_id 
_struct_sheet_range.end_label_asym_id 
_struct_sheet_range.end_label_seq_id 
_struct_sheet_range.pdbx_end_PDB_ins_code 
_struct_sheet_range.beg_auth_comp_id 
_struct_sheet_range.beg_auth_asym_id 
_struct_sheet_range.beg_auth_seq_id 
_struct_sheet_range.end_auth_comp_id 
_struct_sheet_range.end_auth_asym_id 
_struct_sheet_range.end_auth_seq_id 
AA 1 TYR A 6   ? TYR A 10  ? TYR A 6   TYR A 10  
AA 2 ILE A 129 ? SER A 137 ? ILE A 129 SER A 137 
AA 3 SER A 35  ? ALA A 40  ? SER A 35  ALA A 40  
AA 4 SER A 27  ? LYS A 32  ? SER A 27  LYS A 32  
AB 1 TYR A 6   ? TYR A 10  ? TYR A 6   TYR A 10  
AB 2 ILE A 129 ? SER A 137 ? ILE A 129 SER A 137 
AB 3 GLY A 59  ? THR A 70  ? GLY A 59  THR A 70  
AB 4 SER A 98  ? PHE A 114 ? SER A 98  PHE A 114 
AC 1 PHE A 20  ? ASN A 22  ? PHE A 20  ASN A 22  
AC 2 ALA A 47  ? ASN A 52  ? ALA A 47  ASN A 52  
AC 3 ARG A 116 ? ASP A 121 ? ARG A 116 ASP A 121 
AC 4 GLY A 74  ? GLN A 79  ? GLY A 74  GLN A 79  
AC 5 PHE A 90  ? PHE A 95  ? PHE A 90  PHE A 95  
# 
loop_
_pdbx_struct_sheet_hbond.sheet_id 
_pdbx_struct_sheet_hbond.range_id_1 
_pdbx_struct_sheet_hbond.range_id_2 
_pdbx_struct_sheet_hbond.range_1_label_atom_id 
_pdbx_struct_sheet_hbond.range_1_label_comp_id 
_pdbx_struct_sheet_hbond.range_1_label_asym_id 
_pdbx_struct_sheet_hbond.range_1_label_seq_id 
_pdbx_struct_sheet_hbond.range_1_PDB_ins_code 
_pdbx_struct_sheet_hbond.range_1_auth_atom_id 
_pdbx_struct_sheet_hbond.range_1_auth_comp_id 
_pdbx_struct_sheet_hbond.range_1_auth_asym_id 
_pdbx_struct_sheet_hbond.range_1_auth_seq_id 
_pdbx_struct_sheet_hbond.range_2_label_atom_id 
_pdbx_struct_sheet_hbond.range_2_label_comp_id 
_pdbx_struct_sheet_hbond.range_2_label_asym_id 
_pdbx_struct_sheet_hbond.range_2_label_seq_id 
_pdbx_struct_sheet_hbond.range_2_PDB_ins_code 
_pdbx_struct_sheet_hbond.range_2_auth_atom_id 
_pdbx_struct_sheet_hbond.range_2_auth_comp_id 
_pdbx_struct_sheet_hbond.range_2_auth_asym_id 
_pdbx_struct_sheet_hbond.range_2_auth_seq_id 
AA 1 2 N VAL A 9   ? N VAL A 9   O ILE A 134 ? O ILE A 134 
AA 2 3 N MET A 131 ? N MET A 131 O LEU A 36  ? O LEU A 36  
AA 3 4 N THR A 39  ? N THR A 39  O LYS A 28  ? O LYS A 28  
AB 1 2 N VAL A 9   ? N VAL A 9   O ILE A 134 ? O ILE A 134 
AB 2 3 N SER A 137 ? N SER A 137 O CYS A 63  ? O CYS A 63  
AB 3 4 N THR A 70  ? N THR A 70  O SER A 98  ? O SER A 98  
AC 1 2 N ASP A 21  ? N ASP A 21  O LYS A 51  ? O LYS A 51  
AC 2 3 N LEU A 50  ? N LEU A 50  O ILE A 117 ? O ILE A 117 
AC 3 4 N GLN A 120 ? N GLN A 120 O LEU A 75  ? O LEU A 75  
AC 4 5 N VAL A 78  ? N VAL A 78  O PHE A 90  ? O PHE A 90  
# 
_struct_site.id                   AC1 
_struct_site.pdbx_evidence_code   Software 
_struct_site.pdbx_auth_asym_id    ? 
_struct_site.pdbx_auth_comp_id    ? 
_struct_site.pdbx_auth_seq_id     ? 
_struct_site.pdbx_auth_ins_code   ? 
_struct_site.pdbx_num_residues    8 
_struct_site.details              'BINDING SITE FOR RESIDUE GOL A1151' 
# 
loop_
_struct_site_gen.id 
_struct_site_gen.site_id 
_struct_site_gen.pdbx_num_res 
_struct_site_gen.label_comp_id 
_struct_site_gen.label_asym_id 
_struct_site_gen.label_seq_id 
_struct_site_gen.pdbx_auth_ins_code 
_struct_site_gen.auth_comp_id 
_struct_site_gen.auth_asym_id 
_struct_site_gen.auth_seq_id 
_struct_site_gen.label_atom_id 
_struct_site_gen.label_alt_id 
_struct_site_gen.symmetry 
_struct_site_gen.details 
1 AC1 8 TRP A 23  ? TRP A 23   . ? 1_555 ? 
2 AC1 8 GLY A 24  ? GLY A 24   . ? 1_555 ? 
3 AC1 8 ARG A 96  ? ARG A 96   . ? 1_555 ? 
4 AC1 8 GLU A 103 ? GLU A 103  . ? 1_555 ? 
5 AC1 8 TYR A 104 ? TYR A 104  . ? 1_555 ? 
6 AC1 8 HOH C .   ? HOH A 2247 . ? 1_555 ? 
7 AC1 8 HOH C .   ? HOH A 2248 . ? 1_555 ? 
8 AC1 8 HOH C .   ? HOH A 2250 . ? 1_555 ? 
# 
_pdbx_entry_details.entry_id                   1WCU 
_pdbx_entry_details.compound_details           ? 
_pdbx_entry_details.source_details             ? 
_pdbx_entry_details.nonpolymer_details         ? 
_pdbx_entry_details.sequence_details           ? 
_pdbx_entry_details.has_ligand_of_interest     ? 
_pdbx_entry_details.has_protein_modification   Y 
# 
loop_
_pdbx_validate_close_contact.id 
_pdbx_validate_close_contact.PDB_model_num 
_pdbx_validate_close_contact.auth_atom_id_1 
_pdbx_validate_close_contact.auth_asym_id_1 
_pdbx_validate_close_contact.auth_comp_id_1 
_pdbx_validate_close_contact.auth_seq_id_1 
_pdbx_validate_close_contact.PDB_ins_code_1 
_pdbx_validate_close_contact.label_alt_id_1 
_pdbx_validate_close_contact.auth_atom_id_2 
_pdbx_validate_close_contact.auth_asym_id_2 
_pdbx_validate_close_contact.auth_comp_id_2 
_pdbx_validate_close_contact.auth_seq_id_2 
_pdbx_validate_close_contact.PDB_ins_code_2 
_pdbx_validate_close_contact.label_alt_id_2 
_pdbx_validate_close_contact.dist 
1 1 O   A HOH 2006 ? ? O   A HOH 2013 ? ? 1.97 
2 1 OD2 A ASP 21   ? ? O   A HOH 2054 ? ? 1.98 
3 1 CE  A LYS 15   ? ? O   A HOH 2036 ? ? 1.99 
4 1 OD1 A ASP 109  ? ? OE1 A GLU 111  ? ? 1.99 
5 1 CB  A HIS 148  ? ? O   A HOH 2244 ? ? 2.01 
6 1 OD2 A ASP 33   ? A O   A HOH 2082 ? ? 2.08 
7 1 OD2 A ASP 85   ? A O   A HOH 2155 ? ? 2.12 
8 1 OD1 A ASP 85   ? B O   A HOH 2158 ? ? 2.18 
# 
loop_
_pdbx_validate_rmsd_bond.id 
_pdbx_validate_rmsd_bond.PDB_model_num 
_pdbx_validate_rmsd_bond.auth_atom_id_1 
_pdbx_validate_rmsd_bond.auth_asym_id_1 
_pdbx_validate_rmsd_bond.auth_comp_id_1 
_pdbx_validate_rmsd_bond.auth_seq_id_1 
_pdbx_validate_rmsd_bond.PDB_ins_code_1 
_pdbx_validate_rmsd_bond.label_alt_id_1 
_pdbx_validate_rmsd_bond.auth_atom_id_2 
_pdbx_validate_rmsd_bond.auth_asym_id_2 
_pdbx_validate_rmsd_bond.auth_comp_id_2 
_pdbx_validate_rmsd_bond.auth_seq_id_2 
_pdbx_validate_rmsd_bond.PDB_ins_code_2 
_pdbx_validate_rmsd_bond.label_alt_id_2 
_pdbx_validate_rmsd_bond.bond_value 
_pdbx_validate_rmsd_bond.bond_target_value 
_pdbx_validate_rmsd_bond.bond_deviation 
_pdbx_validate_rmsd_bond.bond_standard_deviation 
_pdbx_validate_rmsd_bond.linker_flag 
1 1 CD A LYS 28  ? ? CE  A LYS 28  ? ? 1.113 1.508 -0.395 0.025 N 
2 1 CG A ASP 85  ? A OD1 A ASP 85  ? A 1.976 1.249 0.727  0.023 N 
3 1 CG A ASP 85  ? B OD1 A ASP 85  ? B 2.492 1.249 1.243  0.023 N 
4 1 CA A HIS 148 ? ? C   A HIS 148 ? ? 1.946 1.525 0.421  0.026 N 
# 
loop_
_pdbx_validate_rmsd_angle.id 
_pdbx_validate_rmsd_angle.PDB_model_num 
_pdbx_validate_rmsd_angle.auth_atom_id_1 
_pdbx_validate_rmsd_angle.auth_asym_id_1 
_pdbx_validate_rmsd_angle.auth_comp_id_1 
_pdbx_validate_rmsd_angle.auth_seq_id_1 
_pdbx_validate_rmsd_angle.PDB_ins_code_1 
_pdbx_validate_rmsd_angle.label_alt_id_1 
_pdbx_validate_rmsd_angle.auth_atom_id_2 
_pdbx_validate_rmsd_angle.auth_asym_id_2 
_pdbx_validate_rmsd_angle.auth_comp_id_2 
_pdbx_validate_rmsd_angle.auth_seq_id_2 
_pdbx_validate_rmsd_angle.PDB_ins_code_2 
_pdbx_validate_rmsd_angle.label_alt_id_2 
_pdbx_validate_rmsd_angle.auth_atom_id_3 
_pdbx_validate_rmsd_angle.auth_asym_id_3 
_pdbx_validate_rmsd_angle.auth_comp_id_3 
_pdbx_validate_rmsd_angle.auth_seq_id_3 
_pdbx_validate_rmsd_angle.PDB_ins_code_3 
_pdbx_validate_rmsd_angle.label_alt_id_3 
_pdbx_validate_rmsd_angle.angle_value 
_pdbx_validate_rmsd_angle.angle_target_value 
_pdbx_validate_rmsd_angle.angle_deviation 
_pdbx_validate_rmsd_angle.angle_standard_deviation 
_pdbx_validate_rmsd_angle.linker_flag 
1  1 CG  A LYS 28  ? ? CD A LYS 28  ? ? CE  A LYS 28  ? ? 130.56 111.90 18.66  3.00 N 
2  1 OD1 A ASP 85  ? A CG A ASP 85  ? A OD2 A ASP 85  ? A 141.53 123.30 18.23  1.90 N 
3  1 OD1 A ASP 85  ? B CG A ASP 85  ? B OD2 A ASP 85  ? B 65.66  123.30 -57.64 1.90 N 
4  1 CB  A ASP 85  ? ? CG A ASP 85  ? A OD1 A ASP 85  ? A 88.90  118.30 -29.40 0.90 N 
5  1 CB  A ASP 85  ? ? CG A ASP 85  ? B OD1 A ASP 85  ? B 66.44  118.30 -51.86 0.90 N 
6  1 CB  A ASP 85  ? ? CG A ASP 85  ? A OD2 A ASP 85  ? A 109.98 118.30 -8.32  0.90 N 
7  1 CB  A HIS 148 ? ? CA A HIS 148 ? ? C   A HIS 148 ? ? 89.52  110.40 -20.88 2.00 N 
8  1 CA  A HIS 148 ? ? CB A HIS 148 ? ? CG  A HIS 148 ? ? 98.88  113.60 -14.72 1.70 N 
9  1 CA  A HIS 148 ? ? C  A HIS 148 ? ? N   A HIS 149 ? ? 135.47 117.20 18.27  2.20 Y 
10 1 O   A HIS 148 ? ? C  A HIS 148 ? ? N   A HIS 149 ? ? 105.18 122.70 -17.52 1.60 Y 
11 1 C   A HIS 148 ? ? N  A HIS 149 ? ? CA  A HIS 149 ? ? 145.58 121.70 23.88  2.50 Y 
# 
loop_
_pdbx_validate_torsion.id 
_pdbx_validate_torsion.PDB_model_num 
_pdbx_validate_torsion.auth_comp_id 
_pdbx_validate_torsion.auth_asym_id 
_pdbx_validate_torsion.auth_seq_id 
_pdbx_validate_torsion.PDB_ins_code 
_pdbx_validate_torsion.label_alt_id 
_pdbx_validate_torsion.phi 
_pdbx_validate_torsion.psi 
1 1 GLU A 11  ? ? -102.47 -79.96  
2 1 THR A 72  ? ? -105.99 -156.91 
3 1 HIS A 149 ? ? -52.95  -0.95   
# 
_pdbx_validate_peptide_omega.id               1 
_pdbx_validate_peptide_omega.PDB_model_num    1 
_pdbx_validate_peptide_omega.auth_comp_id_1   HIS 
_pdbx_validate_peptide_omega.auth_asym_id_1   A 
_pdbx_validate_peptide_omega.auth_seq_id_1    148 
_pdbx_validate_peptide_omega.PDB_ins_code_1   ? 
_pdbx_validate_peptide_omega.label_alt_id_1   ? 
_pdbx_validate_peptide_omega.auth_comp_id_2   HIS 
_pdbx_validate_peptide_omega.auth_asym_id_2   A 
_pdbx_validate_peptide_omega.auth_seq_id_2    149 
_pdbx_validate_peptide_omega.PDB_ins_code_2   ? 
_pdbx_validate_peptide_omega.label_alt_id_2   ? 
_pdbx_validate_peptide_omega.omega            148.43 
# 
_pdbx_validate_planes.id              1 
_pdbx_validate_planes.PDB_model_num   1 
_pdbx_validate_planes.auth_comp_id    ASP 
_pdbx_validate_planes.auth_asym_id    A 
_pdbx_validate_planes.auth_seq_id     85 
_pdbx_validate_planes.PDB_ins_code    ? 
_pdbx_validate_planes.label_alt_id    ? 
_pdbx_validate_planes.rmsd            0.210 
_pdbx_validate_planes.type            'SIDE CHAIN' 
# 
_pdbx_database_remark.id     700 
_pdbx_database_remark.text   
;
SHEET
THE SHEET STRUCTURE OF THIS MOLECULE IS BIFURCATED. IN
ORDER TO REPRESENT THIS FEATURE IN THE SHEET RECORDS BELOW,
TWO SHEETS ARE DEFINED.
;
# 
loop_
_pdbx_unobs_or_zero_occ_residues.id 
_pdbx_unobs_or_zero_occ_residues.PDB_model_num 
_pdbx_unobs_or_zero_occ_residues.polymer_flag 
_pdbx_unobs_or_zero_occ_residues.occupancy_flag 
_pdbx_unobs_or_zero_occ_residues.auth_asym_id 
_pdbx_unobs_or_zero_occ_residues.auth_comp_id 
_pdbx_unobs_or_zero_occ_residues.auth_seq_id 
_pdbx_unobs_or_zero_occ_residues.PDB_ins_code 
_pdbx_unobs_or_zero_occ_residues.label_asym_id 
_pdbx_unobs_or_zero_occ_residues.label_comp_id 
_pdbx_unobs_or_zero_occ_residues.label_seq_id 
1 1 Y 1 A MET 1   ? A MET 1   
2 1 Y 1 A HIS 151 ? A HIS 151 
3 1 Y 1 A HIS 152 ? A HIS 152 
4 1 Y 1 A HIS 153 ? A HIS 153 
# 
loop_
_chem_comp_atom.comp_id 
_chem_comp_atom.atom_id 
_chem_comp_atom.type_symbol 
_chem_comp_atom.pdbx_aromatic_flag 
_chem_comp_atom.pdbx_stereo_config 
_chem_comp_atom.pdbx_ordinal 
ALA N    N N N 1   
ALA CA   C N S 2   
ALA C    C N N 3   
ALA O    O N N 4   
ALA CB   C N N 5   
ALA OXT  O N N 6   
ALA H    H N N 7   
ALA H2   H N N 8   
ALA HA   H N N 9   
ALA HB1  H N N 10  
ALA HB2  H N N 11  
ALA HB3  H N N 12  
ALA HXT  H N N 13  
ARG N    N N N 14  
ARG CA   C N S 15  
ARG C    C N N 16  
ARG O    O N N 17  
ARG CB   C N N 18  
ARG CG   C N N 19  
ARG CD   C N N 20  
ARG NE   N N N 21  
ARG CZ   C N N 22  
ARG NH1  N N N 23  
ARG NH2  N N N 24  
ARG OXT  O N N 25  
ARG H    H N N 26  
ARG H2   H N N 27  
ARG HA   H N N 28  
ARG HB2  H N N 29  
ARG HB3  H N N 30  
ARG HG2  H N N 31  
ARG HG3  H N N 32  
ARG HD2  H N N 33  
ARG HD3  H N N 34  
ARG HE   H N N 35  
ARG HH11 H N N 36  
ARG HH12 H N N 37  
ARG HH21 H N N 38  
ARG HH22 H N N 39  
ARG HXT  H N N 40  
ASN N    N N N 41  
ASN CA   C N S 42  
ASN C    C N N 43  
ASN O    O N N 44  
ASN CB   C N N 45  
ASN CG   C N N 46  
ASN OD1  O N N 47  
ASN ND2  N N N 48  
ASN OXT  O N N 49  
ASN H    H N N 50  
ASN H2   H N N 51  
ASN HA   H N N 52  
ASN HB2  H N N 53  
ASN HB3  H N N 54  
ASN HD21 H N N 55  
ASN HD22 H N N 56  
ASN HXT  H N N 57  
ASP N    N N N 58  
ASP CA   C N S 59  
ASP C    C N N 60  
ASP O    O N N 61  
ASP CB   C N N 62  
ASP CG   C N N 63  
ASP OD1  O N N 64  
ASP OD2  O N N 65  
ASP OXT  O N N 66  
ASP H    H N N 67  
ASP H2   H N N 68  
ASP HA   H N N 69  
ASP HB2  H N N 70  
ASP HB3  H N N 71  
ASP HD2  H N N 72  
ASP HXT  H N N 73  
CYS N    N N N 74  
CYS CA   C N R 75  
CYS C    C N N 76  
CYS O    O N N 77  
CYS CB   C N N 78  
CYS SG   S N N 79  
CYS OXT  O N N 80  
CYS H    H N N 81  
CYS H2   H N N 82  
CYS HA   H N N 83  
CYS HB2  H N N 84  
CYS HB3  H N N 85  
CYS HG   H N N 86  
CYS HXT  H N N 87  
GLN N    N N N 88  
GLN CA   C N S 89  
GLN C    C N N 90  
GLN O    O N N 91  
GLN CB   C N N 92  
GLN CG   C N N 93  
GLN CD   C N N 94  
GLN OE1  O N N 95  
GLN NE2  N N N 96  
GLN OXT  O N N 97  
GLN H    H N N 98  
GLN H2   H N N 99  
GLN HA   H N N 100 
GLN HB2  H N N 101 
GLN HB3  H N N 102 
GLN HG2  H N N 103 
GLN HG3  H N N 104 
GLN HE21 H N N 105 
GLN HE22 H N N 106 
GLN HXT  H N N 107 
GLU N    N N N 108 
GLU CA   C N S 109 
GLU C    C N N 110 
GLU O    O N N 111 
GLU CB   C N N 112 
GLU CG   C N N 113 
GLU CD   C N N 114 
GLU OE1  O N N 115 
GLU OE2  O N N 116 
GLU OXT  O N N 117 
GLU H    H N N 118 
GLU H2   H N N 119 
GLU HA   H N N 120 
GLU HB2  H N N 121 
GLU HB3  H N N 122 
GLU HG2  H N N 123 
GLU HG3  H N N 124 
GLU HE2  H N N 125 
GLU HXT  H N N 126 
GLY N    N N N 127 
GLY CA   C N N 128 
GLY C    C N N 129 
GLY O    O N N 130 
GLY OXT  O N N 131 
GLY H    H N N 132 
GLY H2   H N N 133 
GLY HA2  H N N 134 
GLY HA3  H N N 135 
GLY HXT  H N N 136 
GOL C1   C N N 137 
GOL O1   O N N 138 
GOL C2   C N N 139 
GOL O2   O N N 140 
GOL C3   C N N 141 
GOL O3   O N N 142 
GOL H11  H N N 143 
GOL H12  H N N 144 
GOL HO1  H N N 145 
GOL H2   H N N 146 
GOL HO2  H N N 147 
GOL H31  H N N 148 
GOL H32  H N N 149 
GOL HO3  H N N 150 
HIS N    N N N 151 
HIS CA   C N S 152 
HIS C    C N N 153 
HIS O    O N N 154 
HIS CB   C N N 155 
HIS CG   C Y N 156 
HIS ND1  N Y N 157 
HIS CD2  C Y N 158 
HIS CE1  C Y N 159 
HIS NE2  N Y N 160 
HIS OXT  O N N 161 
HIS H    H N N 162 
HIS H2   H N N 163 
HIS HA   H N N 164 
HIS HB2  H N N 165 
HIS HB3  H N N 166 
HIS HD1  H N N 167 
HIS HD2  H N N 168 
HIS HE1  H N N 169 
HIS HE2  H N N 170 
HIS HXT  H N N 171 
HOH O    O N N 172 
HOH H1   H N N 173 
HOH H2   H N N 174 
ILE N    N N N 175 
ILE CA   C N S 176 
ILE C    C N N 177 
ILE O    O N N 178 
ILE CB   C N S 179 
ILE CG1  C N N 180 
ILE CG2  C N N 181 
ILE CD1  C N N 182 
ILE OXT  O N N 183 
ILE H    H N N 184 
ILE H2   H N N 185 
ILE HA   H N N 186 
ILE HB   H N N 187 
ILE HG12 H N N 188 
ILE HG13 H N N 189 
ILE HG21 H N N 190 
ILE HG22 H N N 191 
ILE HG23 H N N 192 
ILE HD11 H N N 193 
ILE HD12 H N N 194 
ILE HD13 H N N 195 
ILE HXT  H N N 196 
LEU N    N N N 197 
LEU CA   C N S 198 
LEU C    C N N 199 
LEU O    O N N 200 
LEU CB   C N N 201 
LEU CG   C N N 202 
LEU CD1  C N N 203 
LEU CD2  C N N 204 
LEU OXT  O N N 205 
LEU H    H N N 206 
LEU H2   H N N 207 
LEU HA   H N N 208 
LEU HB2  H N N 209 
LEU HB3  H N N 210 
LEU HG   H N N 211 
LEU HD11 H N N 212 
LEU HD12 H N N 213 
LEU HD13 H N N 214 
LEU HD21 H N N 215 
LEU HD22 H N N 216 
LEU HD23 H N N 217 
LEU HXT  H N N 218 
LYS N    N N N 219 
LYS CA   C N S 220 
LYS C    C N N 221 
LYS O    O N N 222 
LYS CB   C N N 223 
LYS CG   C N N 224 
LYS CD   C N N 225 
LYS CE   C N N 226 
LYS NZ   N N N 227 
LYS OXT  O N N 228 
LYS H    H N N 229 
LYS H2   H N N 230 
LYS HA   H N N 231 
LYS HB2  H N N 232 
LYS HB3  H N N 233 
LYS HG2  H N N 234 
LYS HG3  H N N 235 
LYS HD2  H N N 236 
LYS HD3  H N N 237 
LYS HE2  H N N 238 
LYS HE3  H N N 239 
LYS HZ1  H N N 240 
LYS HZ2  H N N 241 
LYS HZ3  H N N 242 
LYS HXT  H N N 243 
MET N    N N N 244 
MET CA   C N S 245 
MET C    C N N 246 
MET O    O N N 247 
MET CB   C N N 248 
MET CG   C N N 249 
MET SD   S N N 250 
MET CE   C N N 251 
MET OXT  O N N 252 
MET H    H N N 253 
MET H2   H N N 254 
MET HA   H N N 255 
MET HB2  H N N 256 
MET HB3  H N N 257 
MET HG2  H N N 258 
MET HG3  H N N 259 
MET HE1  H N N 260 
MET HE2  H N N 261 
MET HE3  H N N 262 
MET HXT  H N N 263 
PHE N    N N N 264 
PHE CA   C N S 265 
PHE C    C N N 266 
PHE O    O N N 267 
PHE CB   C N N 268 
PHE CG   C Y N 269 
PHE CD1  C Y N 270 
PHE CD2  C Y N 271 
PHE CE1  C Y N 272 
PHE CE2  C Y N 273 
PHE CZ   C Y N 274 
PHE OXT  O N N 275 
PHE H    H N N 276 
PHE H2   H N N 277 
PHE HA   H N N 278 
PHE HB2  H N N 279 
PHE HB3  H N N 280 
PHE HD1  H N N 281 
PHE HD2  H N N 282 
PHE HE1  H N N 283 
PHE HE2  H N N 284 
PHE HZ   H N N 285 
PHE HXT  H N N 286 
PRO N    N N N 287 
PRO CA   C N S 288 
PRO C    C N N 289 
PRO O    O N N 290 
PRO CB   C N N 291 
PRO CG   C N N 292 
PRO CD   C N N 293 
PRO OXT  O N N 294 
PRO H    H N N 295 
PRO HA   H N N 296 
PRO HB2  H N N 297 
PRO HB3  H N N 298 
PRO HG2  H N N 299 
PRO HG3  H N N 300 
PRO HD2  H N N 301 
PRO HD3  H N N 302 
PRO HXT  H N N 303 
SER N    N N N 304 
SER CA   C N S 305 
SER C    C N N 306 
SER O    O N N 307 
SER CB   C N N 308 
SER OG   O N N 309 
SER OXT  O N N 310 
SER H    H N N 311 
SER H2   H N N 312 
SER HA   H N N 313 
SER HB2  H N N 314 
SER HB3  H N N 315 
SER HG   H N N 316 
SER HXT  H N N 317 
THR N    N N N 318 
THR CA   C N S 319 
THR C    C N N 320 
THR O    O N N 321 
THR CB   C N R 322 
THR OG1  O N N 323 
THR CG2  C N N 324 
THR OXT  O N N 325 
THR H    H N N 326 
THR H2   H N N 327 
THR HA   H N N 328 
THR HB   H N N 329 
THR HG1  H N N 330 
THR HG21 H N N 331 
THR HG22 H N N 332 
THR HG23 H N N 333 
THR HXT  H N N 334 
TRP N    N N N 335 
TRP CA   C N S 336 
TRP C    C N N 337 
TRP O    O N N 338 
TRP CB   C N N 339 
TRP CG   C Y N 340 
TRP CD1  C Y N 341 
TRP CD2  C Y N 342 
TRP NE1  N Y N 343 
TRP CE2  C Y N 344 
TRP CE3  C Y N 345 
TRP CZ2  C Y N 346 
TRP CZ3  C Y N 347 
TRP CH2  C Y N 348 
TRP OXT  O N N 349 
TRP H    H N N 350 
TRP H2   H N N 351 
TRP HA   H N N 352 
TRP HB2  H N N 353 
TRP HB3  H N N 354 
TRP HD1  H N N 355 
TRP HE1  H N N 356 
TRP HE3  H N N 357 
TRP HZ2  H N N 358 
TRP HZ3  H N N 359 
TRP HH2  H N N 360 
TRP HXT  H N N 361 
TYR N    N N N 362 
TYR CA   C N S 363 
TYR C    C N N 364 
TYR O    O N N 365 
TYR CB   C N N 366 
TYR CG   C Y N 367 
TYR CD1  C Y N 368 
TYR CD2  C Y N 369 
TYR CE1  C Y N 370 
TYR CE2  C Y N 371 
TYR CZ   C Y N 372 
TYR OH   O N N 373 
TYR OXT  O N N 374 
TYR H    H N N 375 
TYR H2   H N N 376 
TYR HA   H N N 377 
TYR HB2  H N N 378 
TYR HB3  H N N 379 
TYR HD1  H N N 380 
TYR HD2  H N N 381 
TYR HE1  H N N 382 
TYR HE2  H N N 383 
TYR HH   H N N 384 
TYR HXT  H N N 385 
VAL N    N N N 386 
VAL CA   C N S 387 
VAL C    C N N 388 
VAL O    O N N 389 
VAL CB   C N N 390 
VAL CG1  C N N 391 
VAL CG2  C N N 392 
VAL OXT  O N N 393 
VAL H    H N N 394 
VAL H2   H N N 395 
VAL HA   H N N 396 
VAL HB   H N N 397 
VAL HG11 H N N 398 
VAL HG12 H N N 399 
VAL HG13 H N N 400 
VAL HG21 H N N 401 
VAL HG22 H N N 402 
VAL HG23 H N N 403 
VAL HXT  H N N 404 
# 
loop_
_chem_comp_bond.comp_id 
_chem_comp_bond.atom_id_1 
_chem_comp_bond.atom_id_2 
_chem_comp_bond.value_order 
_chem_comp_bond.pdbx_aromatic_flag 
_chem_comp_bond.pdbx_stereo_config 
_chem_comp_bond.pdbx_ordinal 
ALA N   CA   sing N N 1   
ALA N   H    sing N N 2   
ALA N   H2   sing N N 3   
ALA CA  C    sing N N 4   
ALA CA  CB   sing N N 5   
ALA CA  HA   sing N N 6   
ALA C   O    doub N N 7   
ALA C   OXT  sing N N 8   
ALA CB  HB1  sing N N 9   
ALA CB  HB2  sing N N 10  
ALA CB  HB3  sing N N 11  
ALA OXT HXT  sing N N 12  
ARG N   CA   sing N N 13  
ARG N   H    sing N N 14  
ARG N   H2   sing N N 15  
ARG CA  C    sing N N 16  
ARG CA  CB   sing N N 17  
ARG CA  HA   sing N N 18  
ARG C   O    doub N N 19  
ARG C   OXT  sing N N 20  
ARG CB  CG   sing N N 21  
ARG CB  HB2  sing N N 22  
ARG CB  HB3  sing N N 23  
ARG CG  CD   sing N N 24  
ARG CG  HG2  sing N N 25  
ARG CG  HG3  sing N N 26  
ARG CD  NE   sing N N 27  
ARG CD  HD2  sing N N 28  
ARG CD  HD3  sing N N 29  
ARG NE  CZ   sing N N 30  
ARG NE  HE   sing N N 31  
ARG CZ  NH1  sing N N 32  
ARG CZ  NH2  doub N N 33  
ARG NH1 HH11 sing N N 34  
ARG NH1 HH12 sing N N 35  
ARG NH2 HH21 sing N N 36  
ARG NH2 HH22 sing N N 37  
ARG OXT HXT  sing N N 38  
ASN N   CA   sing N N 39  
ASN N   H    sing N N 40  
ASN N   H2   sing N N 41  
ASN CA  C    sing N N 42  
ASN CA  CB   sing N N 43  
ASN CA  HA   sing N N 44  
ASN C   O    doub N N 45  
ASN C   OXT  sing N N 46  
ASN CB  CG   sing N N 47  
ASN CB  HB2  sing N N 48  
ASN CB  HB3  sing N N 49  
ASN CG  OD1  doub N N 50  
ASN CG  ND2  sing N N 51  
ASN ND2 HD21 sing N N 52  
ASN ND2 HD22 sing N N 53  
ASN OXT HXT  sing N N 54  
ASP N   CA   sing N N 55  
ASP N   H    sing N N 56  
ASP N   H2   sing N N 57  
ASP CA  C    sing N N 58  
ASP CA  CB   sing N N 59  
ASP CA  HA   sing N N 60  
ASP C   O    doub N N 61  
ASP C   OXT  sing N N 62  
ASP CB  CG   sing N N 63  
ASP CB  HB2  sing N N 64  
ASP CB  HB3  sing N N 65  
ASP CG  OD1  doub N N 66  
ASP CG  OD2  sing N N 67  
ASP OD2 HD2  sing N N 68  
ASP OXT HXT  sing N N 69  
CYS N   CA   sing N N 70  
CYS N   H    sing N N 71  
CYS N   H2   sing N N 72  
CYS CA  C    sing N N 73  
CYS CA  CB   sing N N 74  
CYS CA  HA   sing N N 75  
CYS C   O    doub N N 76  
CYS C   OXT  sing N N 77  
CYS CB  SG   sing N N 78  
CYS CB  HB2  sing N N 79  
CYS CB  HB3  sing N N 80  
CYS SG  HG   sing N N 81  
CYS OXT HXT  sing N N 82  
GLN N   CA   sing N N 83  
GLN N   H    sing N N 84  
GLN N   H2   sing N N 85  
GLN CA  C    sing N N 86  
GLN CA  CB   sing N N 87  
GLN CA  HA   sing N N 88  
GLN C   O    doub N N 89  
GLN C   OXT  sing N N 90  
GLN CB  CG   sing N N 91  
GLN CB  HB2  sing N N 92  
GLN CB  HB3  sing N N 93  
GLN CG  CD   sing N N 94  
GLN CG  HG2  sing N N 95  
GLN CG  HG3  sing N N 96  
GLN CD  OE1  doub N N 97  
GLN CD  NE2  sing N N 98  
GLN NE2 HE21 sing N N 99  
GLN NE2 HE22 sing N N 100 
GLN OXT HXT  sing N N 101 
GLU N   CA   sing N N 102 
GLU N   H    sing N N 103 
GLU N   H2   sing N N 104 
GLU CA  C    sing N N 105 
GLU CA  CB   sing N N 106 
GLU CA  HA   sing N N 107 
GLU C   O    doub N N 108 
GLU C   OXT  sing N N 109 
GLU CB  CG   sing N N 110 
GLU CB  HB2  sing N N 111 
GLU CB  HB3  sing N N 112 
GLU CG  CD   sing N N 113 
GLU CG  HG2  sing N N 114 
GLU CG  HG3  sing N N 115 
GLU CD  OE1  doub N N 116 
GLU CD  OE2  sing N N 117 
GLU OE2 HE2  sing N N 118 
GLU OXT HXT  sing N N 119 
GLY N   CA   sing N N 120 
GLY N   H    sing N N 121 
GLY N   H2   sing N N 122 
GLY CA  C    sing N N 123 
GLY CA  HA2  sing N N 124 
GLY CA  HA3  sing N N 125 
GLY C   O    doub N N 126 
GLY C   OXT  sing N N 127 
GLY OXT HXT  sing N N 128 
GOL C1  O1   sing N N 129 
GOL C1  C2   sing N N 130 
GOL C1  H11  sing N N 131 
GOL C1  H12  sing N N 132 
GOL O1  HO1  sing N N 133 
GOL C2  O2   sing N N 134 
GOL C2  C3   sing N N 135 
GOL C2  H2   sing N N 136 
GOL O2  HO2  sing N N 137 
GOL C3  O3   sing N N 138 
GOL C3  H31  sing N N 139 
GOL C3  H32  sing N N 140 
GOL O3  HO3  sing N N 141 
HIS N   CA   sing N N 142 
HIS N   H    sing N N 143 
HIS N   H2   sing N N 144 
HIS CA  C    sing N N 145 
HIS CA  CB   sing N N 146 
HIS CA  HA   sing N N 147 
HIS C   O    doub N N 148 
HIS C   OXT  sing N N 149 
HIS CB  CG   sing N N 150 
HIS CB  HB2  sing N N 151 
HIS CB  HB3  sing N N 152 
HIS CG  ND1  sing Y N 153 
HIS CG  CD2  doub Y N 154 
HIS ND1 CE1  doub Y N 155 
HIS ND1 HD1  sing N N 156 
HIS CD2 NE2  sing Y N 157 
HIS CD2 HD2  sing N N 158 
HIS CE1 NE2  sing Y N 159 
HIS CE1 HE1  sing N N 160 
HIS NE2 HE2  sing N N 161 
HIS OXT HXT  sing N N 162 
HOH O   H1   sing N N 163 
HOH O   H2   sing N N 164 
ILE N   CA   sing N N 165 
ILE N   H    sing N N 166 
ILE N   H2   sing N N 167 
ILE CA  C    sing N N 168 
ILE CA  CB   sing N N 169 
ILE CA  HA   sing N N 170 
ILE C   O    doub N N 171 
ILE C   OXT  sing N N 172 
ILE CB  CG1  sing N N 173 
ILE CB  CG2  sing N N 174 
ILE CB  HB   sing N N 175 
ILE CG1 CD1  sing N N 176 
ILE CG1 HG12 sing N N 177 
ILE CG1 HG13 sing N N 178 
ILE CG2 HG21 sing N N 179 
ILE CG2 HG22 sing N N 180 
ILE CG2 HG23 sing N N 181 
ILE CD1 HD11 sing N N 182 
ILE CD1 HD12 sing N N 183 
ILE CD1 HD13 sing N N 184 
ILE OXT HXT  sing N N 185 
LEU N   CA   sing N N 186 
LEU N   H    sing N N 187 
LEU N   H2   sing N N 188 
LEU CA  C    sing N N 189 
LEU CA  CB   sing N N 190 
LEU CA  HA   sing N N 191 
LEU C   O    doub N N 192 
LEU C   OXT  sing N N 193 
LEU CB  CG   sing N N 194 
LEU CB  HB2  sing N N 195 
LEU CB  HB3  sing N N 196 
LEU CG  CD1  sing N N 197 
LEU CG  CD2  sing N N 198 
LEU CG  HG   sing N N 199 
LEU CD1 HD11 sing N N 200 
LEU CD1 HD12 sing N N 201 
LEU CD1 HD13 sing N N 202 
LEU CD2 HD21 sing N N 203 
LEU CD2 HD22 sing N N 204 
LEU CD2 HD23 sing N N 205 
LEU OXT HXT  sing N N 206 
LYS N   CA   sing N N 207 
LYS N   H    sing N N 208 
LYS N   H2   sing N N 209 
LYS CA  C    sing N N 210 
LYS CA  CB   sing N N 211 
LYS CA  HA   sing N N 212 
LYS C   O    doub N N 213 
LYS C   OXT  sing N N 214 
LYS CB  CG   sing N N 215 
LYS CB  HB2  sing N N 216 
LYS CB  HB3  sing N N 217 
LYS CG  CD   sing N N 218 
LYS CG  HG2  sing N N 219 
LYS CG  HG3  sing N N 220 
LYS CD  CE   sing N N 221 
LYS CD  HD2  sing N N 222 
LYS CD  HD3  sing N N 223 
LYS CE  NZ   sing N N 224 
LYS CE  HE2  sing N N 225 
LYS CE  HE3  sing N N 226 
LYS NZ  HZ1  sing N N 227 
LYS NZ  HZ2  sing N N 228 
LYS NZ  HZ3  sing N N 229 
LYS OXT HXT  sing N N 230 
MET N   CA   sing N N 231 
MET N   H    sing N N 232 
MET N   H2   sing N N 233 
MET CA  C    sing N N 234 
MET CA  CB   sing N N 235 
MET CA  HA   sing N N 236 
MET C   O    doub N N 237 
MET C   OXT  sing N N 238 
MET CB  CG   sing N N 239 
MET CB  HB2  sing N N 240 
MET CB  HB3  sing N N 241 
MET CG  SD   sing N N 242 
MET CG  HG2  sing N N 243 
MET CG  HG3  sing N N 244 
MET SD  CE   sing N N 245 
MET CE  HE1  sing N N 246 
MET CE  HE2  sing N N 247 
MET CE  HE3  sing N N 248 
MET OXT HXT  sing N N 249 
PHE N   CA   sing N N 250 
PHE N   H    sing N N 251 
PHE N   H2   sing N N 252 
PHE CA  C    sing N N 253 
PHE CA  CB   sing N N 254 
PHE CA  HA   sing N N 255 
PHE C   O    doub N N 256 
PHE C   OXT  sing N N 257 
PHE CB  CG   sing N N 258 
PHE CB  HB2  sing N N 259 
PHE CB  HB3  sing N N 260 
PHE CG  CD1  doub Y N 261 
PHE CG  CD2  sing Y N 262 
PHE CD1 CE1  sing Y N 263 
PHE CD1 HD1  sing N N 264 
PHE CD2 CE2  doub Y N 265 
PHE CD2 HD2  sing N N 266 
PHE CE1 CZ   doub Y N 267 
PHE CE1 HE1  sing N N 268 
PHE CE2 CZ   sing Y N 269 
PHE CE2 HE2  sing N N 270 
PHE CZ  HZ   sing N N 271 
PHE OXT HXT  sing N N 272 
PRO N   CA   sing N N 273 
PRO N   CD   sing N N 274 
PRO N   H    sing N N 275 
PRO CA  C    sing N N 276 
PRO CA  CB   sing N N 277 
PRO CA  HA   sing N N 278 
PRO C   O    doub N N 279 
PRO C   OXT  sing N N 280 
PRO CB  CG   sing N N 281 
PRO CB  HB2  sing N N 282 
PRO CB  HB3  sing N N 283 
PRO CG  CD   sing N N 284 
PRO CG  HG2  sing N N 285 
PRO CG  HG3  sing N N 286 
PRO CD  HD2  sing N N 287 
PRO CD  HD3  sing N N 288 
PRO OXT HXT  sing N N 289 
SER N   CA   sing N N 290 
SER N   H    sing N N 291 
SER N   H2   sing N N 292 
SER CA  C    sing N N 293 
SER CA  CB   sing N N 294 
SER CA  HA   sing N N 295 
SER C   O    doub N N 296 
SER C   OXT  sing N N 297 
SER CB  OG   sing N N 298 
SER CB  HB2  sing N N 299 
SER CB  HB3  sing N N 300 
SER OG  HG   sing N N 301 
SER OXT HXT  sing N N 302 
THR N   CA   sing N N 303 
THR N   H    sing N N 304 
THR N   H2   sing N N 305 
THR CA  C    sing N N 306 
THR CA  CB   sing N N 307 
THR CA  HA   sing N N 308 
THR C   O    doub N N 309 
THR C   OXT  sing N N 310 
THR CB  OG1  sing N N 311 
THR CB  CG2  sing N N 312 
THR CB  HB   sing N N 313 
THR OG1 HG1  sing N N 314 
THR CG2 HG21 sing N N 315 
THR CG2 HG22 sing N N 316 
THR CG2 HG23 sing N N 317 
THR OXT HXT  sing N N 318 
TRP N   CA   sing N N 319 
TRP N   H    sing N N 320 
TRP N   H2   sing N N 321 
TRP CA  C    sing N N 322 
TRP CA  CB   sing N N 323 
TRP CA  HA   sing N N 324 
TRP C   O    doub N N 325 
TRP C   OXT  sing N N 326 
TRP CB  CG   sing N N 327 
TRP CB  HB2  sing N N 328 
TRP CB  HB3  sing N N 329 
TRP CG  CD1  doub Y N 330 
TRP CG  CD2  sing Y N 331 
TRP CD1 NE1  sing Y N 332 
TRP CD1 HD1  sing N N 333 
TRP CD2 CE2  doub Y N 334 
TRP CD2 CE3  sing Y N 335 
TRP NE1 CE2  sing Y N 336 
TRP NE1 HE1  sing N N 337 
TRP CE2 CZ2  sing Y N 338 
TRP CE3 CZ3  doub Y N 339 
TRP CE3 HE3  sing N N 340 
TRP CZ2 CH2  doub Y N 341 
TRP CZ2 HZ2  sing N N 342 
TRP CZ3 CH2  sing Y N 343 
TRP CZ3 HZ3  sing N N 344 
TRP CH2 HH2  sing N N 345 
TRP OXT HXT  sing N N 346 
TYR N   CA   sing N N 347 
TYR N   H    sing N N 348 
TYR N   H2   sing N N 349 
TYR CA  C    sing N N 350 
TYR CA  CB   sing N N 351 
TYR CA  HA   sing N N 352 
TYR C   O    doub N N 353 
TYR C   OXT  sing N N 354 
TYR CB  CG   sing N N 355 
TYR CB  HB2  sing N N 356 
TYR CB  HB3  sing N N 357 
TYR CG  CD1  doub Y N 358 
TYR CG  CD2  sing Y N 359 
TYR CD1 CE1  sing Y N 360 
TYR CD1 HD1  sing N N 361 
TYR CD2 CE2  doub Y N 362 
TYR CD2 HD2  sing N N 363 
TYR CE1 CZ   doub Y N 364 
TYR CE1 HE1  sing N N 365 
TYR CE2 CZ   sing Y N 366 
TYR CE2 HE2  sing N N 367 
TYR CZ  OH   sing N N 368 
TYR OH  HH   sing N N 369 
TYR OXT HXT  sing N N 370 
VAL N   CA   sing N N 371 
VAL N   H    sing N N 372 
VAL N   H2   sing N N 373 
VAL CA  C    sing N N 374 
VAL CA  CB   sing N N 375 
VAL CA  HA   sing N N 376 
VAL C   O    doub N N 377 
VAL C   OXT  sing N N 378 
VAL CB  CG1  sing N N 379 
VAL CB  CG2  sing N N 380 
VAL CB  HB   sing N N 381 
VAL CG1 HG11 sing N N 382 
VAL CG1 HG12 sing N N 383 
VAL CG1 HG13 sing N N 384 
VAL CG2 HG21 sing N N 385 
VAL CG2 HG22 sing N N 386 
VAL CG2 HG23 sing N N 387 
VAL OXT HXT  sing N N 388 
# 
_pdbx_initial_refinement_model.id               1 
_pdbx_initial_refinement_model.entity_id_list   ? 
_pdbx_initial_refinement_model.type             'experimental model' 
_pdbx_initial_refinement_model.source_name      PDB 
_pdbx_initial_refinement_model.accession_code   1GWK 
_pdbx_initial_refinement_model.details          'PDB ENTRY 1GWK' 
# 
_atom_sites.entry_id                    1WCU 
_atom_sites.fract_transf_matrix[1][1]   -0.02370171 
_atom_sites.fract_transf_matrix[1][2]   0.00509026 
_atom_sites.fract_transf_matrix[1][3]   0.02279058 
_atom_sites.fract_transf_matrix[2][1]   0.00149459 
_atom_sites.fract_transf_matrix[2][2]   0.01717280 
_atom_sites.fract_transf_matrix[2][3]   -0.00228119 
_atom_sites.fract_transf_matrix[3][1]   -0.00914919 
_atom_sites.fract_transf_matrix[3][2]   -0.00045419 
_atom_sites.fract_transf_matrix[3][3]   -0.00941352 
_atom_sites.fract_transf_vector[1]      0.870606 
_atom_sites.fract_transf_vector[2]      0.847463 
_atom_sites.fract_transf_vector[3]      0.211058 
# 
loop_
_atom_type.symbol 
C 
N 
O 
S 
# 
loop_
_atom_site.group_PDB 
_atom_site.id 
_atom_site.type_symbol 
_atom_site.label_atom_id 
_atom_site.label_alt_id 
_atom_site.label_comp_id 
_atom_site.label_asym_id 
_atom_site.label_entity_id 
_atom_site.label_seq_id 
_atom_site.pdbx_PDB_ins_code 
_atom_site.Cartn_x 
_atom_site.Cartn_y 
_atom_site.Cartn_z 
_atom_site.occupancy 
_atom_site.B_iso_or_equiv 
_atom_site.pdbx_formal_charge 
_atom_site.auth_seq_id 
_atom_site.auth_comp_id 
_atom_site.auth_asym_id 
_atom_site.auth_atom_id 
_atom_site.pdbx_PDB_model_num 
ATOM   1    N N   . VAL A 1 2   ? 22.075  4.112   9.206   1.00   23.35  ? 2    VAL A N   1 
ATOM   2    C CA  . VAL A 1 2   ? 21.919  3.523   7.851   1.00   23.78  ? 2    VAL A CA  1 
ATOM   3    C C   . VAL A 1 2   ? 21.132  4.489   6.979   1.00   23.95  ? 2    VAL A C   1 
ATOM   4    O O   . VAL A 1 2   ? 20.161  5.099   7.446   1.00   24.58  ? 2    VAL A O   1 
ATOM   5    C CB  . VAL A 1 2   ? 21.171  2.163   7.881   1.00   23.77  ? 2    VAL A CB  1 
ATOM   6    C CG1 . VAL A 1 2   ? 21.368  1.420   6.567   1.00   24.67  ? 2    VAL A CG1 1 
ATOM   7    C CG2 . VAL A 1 2   ? 21.636  1.297   9.055   1.00   24.11  ? 2    VAL A CG2 1 
ATOM   8    N N   . SER A 1 3   ? 21.557  4.633   5.724   1.00   23.85  ? 3    SER A N   1 
ATOM   9    C CA  . SER A 1 3   ? 20.793  5.389   4.725   1.00   23.71  ? 3    SER A CA  1 
ATOM   10   C C   . SER A 1 3   ? 19.491  4.661   4.373   1.00   23.30  ? 3    SER A C   1 
ATOM   11   O O   . SER A 1 3   ? 19.264  3.519   4.792   1.00   24.08  ? 3    SER A O   1 
ATOM   12   C CB  . SER A 1 3   ? 21.643  5.626   3.469   1.00   24.21  ? 3    SER A CB  1 
ATOM   13   O OG  . SER A 1 3   ? 22.721  6.515   3.759   1.00   26.92  ? 3    SER A OG  1 
ATOM   14   N N   . ALA A 1 4   ? 18.635  5.329   3.607   1.00   22.38  ? 4    ALA A N   1 
ATOM   15   C CA  . ALA A 1 4   ? 17.313  4.785   3.295   1.00   21.40  ? 4    ALA A CA  1 
ATOM   16   C C   . ALA A 1 4   ? 17.436  3.476   2.530   1.00   20.45  ? 4    ALA A C   1 
ATOM   17   O O   . ALA A 1 4   ? 18.242  3.344   1.616   1.00   20.71  ? 4    ALA A O   1 
ATOM   18   C CB  . ALA A 1 4   ? 16.476  5.793   2.502   1.00   21.27  ? 4    ALA A CB  1 
ATOM   19   N N   . THR A 1 5   ? 16.635  2.501   2.940   1.00   19.25  ? 5    THR A N   1 
ATOM   20   C CA  . THR A 1 5   ? 16.561  1.214   2.287   1.00   19.03  ? 5    THR A CA  1 
ATOM   21   C C   . THR A 1 5   ? 15.156  1.123   1.709   1.00   17.81  ? 5    THR A C   1 
ATOM   22   O O   . THR A 1 5   ? 14.206  1.489   2.397   1.00   17.36  ? 5    THR A O   1 
ATOM   23   C CB  . THR A 1 5   ? 16.747  0.110   3.323   1.00   19.07  ? 5    THR A CB  1 
ATOM   24   O OG1 . THR A 1 5   ? 18.007  0.298   3.999   1.00   21.24  ? 5    THR A OG1 1 
ATOM   25   C CG2 . THR A 1 5   ? 16.724  -1.239  2.660   1.00   20.29  ? 5    THR A CG2 1 
ATOM   26   N N   . TYR A 1 6   ? 15.025  0.606   0.483   1.00   16.98  ? 6    TYR A N   1 
ATOM   27   C CA  . TYR A 1 6   ? 13.726  0.497   -0.190  1.00   16.12  ? 6    TYR A CA  1 
ATOM   28   C C   . TYR A 1 6   ? 13.286  -0.942  -0.366  1.00   14.48  ? 6    TYR A C   1 
ATOM   29   O O   . TYR A 1 6   ? 14.094  -1.816  -0.711  1.00   14.79  ? 6    TYR A O   1 
ATOM   30   C CB  . TYR A 1 6   ? 13.767  1.144   -1.579  1.00   18.08  ? 6    TYR A CB  1 
ATOM   31   C CG  . TYR A 1 6   ? 14.224  2.561   -1.553  1.00   20.09  ? 6    TYR A CG  1 
ATOM   32   C CD1 . TYR A 1 6   ? 13.336  3.590   -1.302  1.00   20.64  ? 6    TYR A CD1 1 
ATOM   33   C CD2 . TYR A 1 6   ? 15.563  2.877   -1.754  1.00   22.61  ? 6    TYR A CD2 1 
ATOM   34   C CE1 . TYR A 1 6   ? 13.755  4.897   -1.262  1.00   22.14  ? 6    TYR A CE1 1 
ATOM   35   C CE2 . TYR A 1 6   ? 15.990  4.180   -1.721  1.00   22.33  ? 6    TYR A CE2 1 
ATOM   36   C CZ  . TYR A 1 6   ? 15.084  5.187   -1.466  1.00   23.08  ? 6    TYR A CZ  1 
ATOM   37   O OH  . TYR A 1 6   ? 15.477  6.506   -1.438  1.00   25.52  ? 6    TYR A OH  1 
ATOM   38   N N   . SER A 1 7   ? 11.998  -1.174  -0.136  1.00   12.21  ? 7    SER A N   1 
ATOM   39   C CA  . SER A 1 7   ? 11.324  -2.434  -0.472  1.00   12.70  ? 7    SER A CA  1 
ATOM   40   C C   . SER A 1 7   ? 10.364  -2.119  -1.615  1.00   11.14  ? 7    SER A C   1 
ATOM   41   O O   . SER A 1 7   ? 9.370   -1.424  -1.397  1.00   11.18  ? 7    SER A O   1 
ATOM   42   C CB  . SER A 1 7   ? 10.490  -2.972  0.698   1.00   13.60  ? 7    SER A CB  1 
ATOM   43   O OG  . SER A 1 7   ? 11.273  -3.319  1.836   1.00   18.12  ? 7    SER A OG  1 
ATOM   44   N N   . VAL A 1 8   ? 10.636  -2.647  -2.804  1.00   10.20  ? 8    VAL A N   1 
ATOM   45   C CA  . VAL A 1 8   ? 9.784   -2.412  -3.976  1.00   9.91   ? 8    VAL A CA  1 
ATOM   46   C C   . VAL A 1 8   ? 8.784   -3.565  -4.052  1.00   9.80   ? 8    VAL A C   1 
ATOM   47   O O   . VAL A 1 8   ? 9.139   -4.689  -4.405  1.00   9.99   ? 8    VAL A O   1 
ATOM   48   C CB  . VAL A 1 8   ? 10.619  -2.292  -5.267  1.00   10.09  ? 8    VAL A CB  1 
ATOM   49   C CG1 . VAL A 1 8   ? 9.723   -2.054  -6.478  1.00   10.96  ? 8    VAL A CG1 1 
ATOM   50   C CG2 . VAL A 1 8   ? 11.652  -1.175  -5.143  1.00   11.05  ? 8    VAL A CG2 1 
ATOM   51   N N   . VAL A 1 9   ? 7.528   -3.288  -3.717  1.00   8.61   ? 9    VAL A N   1 
ATOM   52   C CA  . VAL A 1 9   ? 6.509   -4.336  -3.577  1.00   8.61   ? 9    VAL A CA  1 
ATOM   53   C C   . VAL A 1 9   ? 5.909   -4.704  -4.940  1.00   8.62   ? 9    VAL A C   1 
ATOM   54   O O   . VAL A 1 9   ? 5.688   -5.873  -5.261  1.00   8.38   ? 9    VAL A O   1 
ATOM   55   C CB  . VAL A 1 9   ? 5.381   -3.853  -2.638  1.00   8.59   ? 9    VAL A CB  1 
ATOM   56   C CG1 . VAL A 1 9   ? 4.272   -4.879  -2.518  1.00   9.48   ? 9    VAL A CG1 1 
ATOM   57   C CG2 . VAL A 1 9   ? 5.932   -3.477  -1.261  1.00   9.54   ? 9    VAL A CG2 1 
ATOM   58   N N   . TYR A 1 10  ? 5.662   -3.669  -5.733  1.00   8.05   ? 10   TYR A N   1 
ATOM   59   C CA  . TYR A 1 10  ? 5.034   -3.803  -7.039  1.00   8.64   ? 10   TYR A CA  1 
ATOM   60   C C   . TYR A 1 10  ? 5.375   -2.608  -7.912  1.00   8.82   ? 10   TYR A C   1 
ATOM   61   O O   . TYR A 1 10  ? 5.236   -1.469  -7.457  1.00   8.90   ? 10   TYR A O   1 
ATOM   62   C CB  . TYR A 1 10  ? 3.509   -3.929  -6.895  1.00   7.83   ? 10   TYR A CB  1 
ATOM   63   C CG  . TYR A 1 10  ? 2.787   -3.954  -8.224  1.00   8.47   ? 10   TYR A CG  1 
ATOM   64   C CD1 . TYR A 1 10  ? 2.263   -2.796  -8.778  1.00   7.76   ? 10   TYR A CD1 1 
ATOM   65   C CD2 . TYR A 1 10  ? 2.661   -5.135  -8.963  1.00   7.38   ? 10   TYR A CD2 1 
ATOM   66   C CE1 . TYR A 1 10  ? 1.643   -2.801  -10.025 1.00   7.44   ? 10   TYR A CE1 1 
ATOM   67   C CE2 . TYR A 1 10  ? 2.049   -5.143  -10.198 1.00   7.03   ? 10   TYR A CE2 1 
ATOM   68   C CZ  . TYR A 1 10  ? 1.532   -3.979  -10.732 1.00   7.10   ? 10   TYR A CZ  1 
ATOM   69   O OH  . TYR A 1 10  ? 0.933   -3.965  -11.970 1.00   7.16   ? 10   TYR A OH  1 
ATOM   70   N N   . GLU A 1 11  ? 5.812   -2.841  -9.146  1.00   9.42   ? 11   GLU A N   1 
ATOM   71   C CA  . GLU A 1 11  ? 6.057   -1.761  -10.098 1.00   9.55   ? 11   GLU A CA  1 
ATOM   72   C C   . GLU A 1 11  ? 4.910   -1.681  -11.098 1.00   8.94   ? 11   GLU A C   1 
ATOM   73   O O   . GLU A 1 11  ? 4.011   -0.856  -10.937 1.00   8.47   ? 11   GLU A O   1 
ATOM   74   C CB  . GLU A 1 11  ? 7.426   -1.935  -10.775 1.00   10.53  ? 11   GLU A CB  1 
ATOM   75   C CG  . GLU A 1 11  ? 8.589   -1.598  -9.836  1.00   13.16  ? 11   GLU A CG  1 
ATOM   76   C CD  . GLU A 1 11  ? 9.943   -1.565  -10.560 1.00   14.93  ? 11   GLU A CD  1 
ATOM   77   O OE1 . GLU A 1 11  ? 10.218  -2.544  -11.269 1.00   13.07  ? 11   GLU A OE1 1 
ATOM   78   O OE2 . GLU A 1 11  ? 10.720  -0.582  -10.400 1.00   21.56  ? 11   GLU A OE2 1 
ATOM   79   N N   . THR A 1 12  ? 4.941   -2.563  -12.096 1.00   8.56   ? 12   THR A N   1 
ATOM   80   C CA  . THR A 1 12  ? 3.876   -2.754  -13.074 1.00   8.80   ? 12   THR A CA  1 
ATOM   81   C C   . THR A 1 12  ? 3.814   -4.264  -13.377 1.00   8.73   ? 12   THR A C   1 
ATOM   82   O O   . THR A 1 12  ? 4.524   -5.045  -12.740 1.00   9.08   ? 12   THR A O   1 
ATOM   83   C CB  . THR A 1 12  ? 4.149   -1.949  -14.361 1.00   9.62   ? 12   THR A CB  1 
ATOM   84   O OG1 . THR A 1 12  ? 5.456   -2.297  -14.869 1.00   9.12   ? 12   THR A OG1 1 
ATOM   85   C CG2 . THR A 1 12  ? 4.081   -0.437  -14.101 1.00   10.11  ? 12   THR A CG2 1 
ATOM   86   N N   . GLY A 1 13  ? 2.982   -4.682  -14.327 1.00   9.30   ? 13   GLY A N   1 
ATOM   87   C CA  . GLY A 1 13  ? 2.897   -6.093  -14.684 1.00   9.88   ? 13   GLY A CA  1 
ATOM   88   C C   . GLY A 1 13  ? 1.847   -6.870  -13.913 1.00   10.29  ? 13   GLY A C   1 
ATOM   89   O O   . GLY A 1 13  ? 0.943   -6.283  -13.294 1.00   9.77   ? 13   GLY A O   1 
ATOM   90   N N   . LYS A 1 14  ? 1.969   -8.189  -13.959 1.00   11.00  ? 14   LYS A N   1 
ATOM   91   C CA  . LYS A 1 14  ? 0.898   -9.067  -13.509 1.00   12.39  ? 14   LYS A CA  1 
ATOM   92   C C   . LYS A 1 14  ? 1.199   -9.842  -12.234 1.00   12.24  ? 14   LYS A C   1 
ATOM   93   O O   . LYS A 1 14  ? 0.492   -10.780 -11.900 1.00   13.15  ? 14   LYS A O   1 
ATOM   94   C CB  . LYS A 1 14  ? 0.505   -10.007 -14.663 1.00   12.79  ? 14   LYS A CB  1 
ATOM   95   C CG  . LYS A 1 14  ? -0.176  -9.245  -15.832 1.00   15.80  ? 14   LYS A CG  1 
ATOM   96   C CD  . LYS A 1 14  ? -1.040  -10.112 -16.730 1.00   18.94  ? 14   LYS A CD  1 
ATOM   97   C CE  . LYS A 1 14  ? -2.495  -10.151 -16.301 1.00   23.41  ? 14   LYS A CE  1 
ATOM   98   N NZ  . LYS A 1 14  ? -3.319  -9.066  -16.937 1.00   25.20  ? 14   LYS A NZ  1 
ATOM   99   N N   . LYS A 1 15  ? 2.216   -9.431  -11.500 1.00   12.11  ? 15   LYS A N   1 
ATOM   100  C CA  . LYS A 1 15  ? 2.473   -10.061 -10.217 1.00   12.93  ? 15   LYS A CA  1 
ATOM   101  C C   . LYS A 1 15  ? 3.145   -9.135  -9.218  1.00   12.00  ? 15   LYS A C   1 
ATOM   102  O O   . LYS A 1 15  ? 3.841   -8.197  -9.579  1.00   12.04  ? 15   LYS A O   1 
ATOM   103  C CB  . LYS A 1 15  ? 3.330   -11.317 -10.419 1.00   14.09  ? 15   LYS A CB  1 
ATOM   104  C CG  . LYS A 1 15  ? 4.698   -11.057 -10.959 1.00   14.56  ? 15   LYS A CG  1 
ATOM   105  C CD  . LYS A 1 15  ? 5.373   -12.337 -11.523 1.00   16.84  ? 15   LYS A CD  1 
ATOM   106  C CE  . LYS A 1 15  ? 4.954   -12.468 -12.912 0.0000 21.59  ? 15   LYS A CE  1 
ATOM   107  N NZ  . LYS A 1 15  ? 5.472   -13.756 -13.373 0.0000 29.43  ? 15   LYS A NZ  1 
ATOM   108  N N   . LEU A 1 16  ? 2.929   -9.425  -7.942  1.00   12.40  ? 16   LEU A N   1 
ATOM   109  C CA  . LEU A 1 16  ? 3.739   -8.818  -6.897  1.00   11.94  ? 16   LEU A CA  1 
ATOM   110  C C   . LEU A 1 16  ? 5.182   -9.264  -7.047  1.00   12.33  ? 16   LEU A C   1 
ATOM   111  O O   . LEU A 1 16  ? 5.459   -10.352 -7.571  1.00   12.38  ? 16   LEU A O   1 
ATOM   112  C CB  . LEU A 1 16  ? 3.231   -9.242  -5.504  1.00   11.74  ? 16   LEU A CB  1 
ATOM   113  C CG  . LEU A 1 16  ? 1.859   -8.718  -5.107  1.00   11.82  ? 16   LEU A CG  1 
ATOM   114  C CD1 . LEU A 1 16  ? 1.291   -9.452  -3.889  1.00   13.94  ? 16   LEU A CD1 1 
ATOM   115  C CD2 . LEU A 1 16  ? 1.946   -7.240  -4.844  1.00   12.98  ? 16   LEU A CD2 1 
ATOM   116  N N   . ASN A 1 17  ? 6.117   -8.441  -6.598  1.00   12.27  ? 17   ASN A N   1 
ATOM   117  C CA  . ASN A 1 17  ? 7.513   -8.850  -6.549  1.00   12.67  ? 17   ASN A CA  1 
ATOM   118  C C   . ASN A 1 17  ? 7.760   -9.993  -5.571  1.00   12.21  ? 17   ASN A C   1 
ATOM   119  O O   . ASN A 1 17  ? 6.931   -10.283 -4.697  1.00   10.70  ? 17   ASN A O   1 
ATOM   120  C CB  . ASN A 1 17  ? 8.420   -7.665  -6.247  1.00   12.90  ? 17   ASN A CB  1 
ATOM   121  C CG  . ASN A 1 17  ? 8.598   -6.760  -7.442  1.00   14.33  ? 17   ASN A CG  1 
ATOM   122  O OD1 . ASN A 1 17  ? 8.327   -7.156  -8.592  1.00   17.98  ? 17   ASN A OD1 1 
ATOM   123  N ND2 . ASN A 1 17  ? 9.021   -5.527  -7.193  1.00   14.67  ? 17   ASN A ND2 1 
ATOM   124  N N   . SER A 1 18  ? 8.909   -10.646 -5.731  1.00   13.05  ? 18   SER A N   1 
ATOM   125  C CA  . SER A 1 18  ? 9.271   -11.795 -4.902  1.00   13.28  ? 18   SER A CA  1 
ATOM   126  C C   . SER A 1 18  ? 9.162   -11.470 -3.418  1.00   11.85  ? 18   SER A C   1 
ATOM   127  O O   . SER A 1 18  ? 9.687   -10.460 -2.958  1.00   12.87  ? 18   SER A O   1 
ATOM   128  C CB  . SER A 1 18  ? 10.712  -12.200 -5.234  1.00   14.32  ? 18   SER A CB  1 
ATOM   129  O OG  . SER A 1 18  ? 11.113  -13.344 -4.505  1.00   18.96  ? 18   SER A OG  1 
ATOM   130  N N   . GLY A 1 19  ? 8.477   -12.341 -2.677  1.00   12.26  ? 19   GLY A N   1 
ATOM   131  C CA  . GLY A 1 19  ? 8.405   -12.240 -1.218  1.00   11.75  ? 19   GLY A CA  1 
ATOM   132  C C   . GLY A 1 19  ? 7.370   -11.267 -0.666  1.00   11.09  ? 19   GLY A C   1 
ATOM   133  O O   . GLY A 1 19  ? 7.477   -10.847 0.483   1.00   11.18  ? 19   GLY A O   1 
ATOM   134  N N   . PHE A 1 20  ? 6.366   -10.932 -1.472  1.00   10.62  ? 20   PHE A N   1 
ATOM   135  C CA  . PHE A 1 20  ? 5.214   -10.138 -1.027  1.00   10.80  ? 20   PHE A CA  1 
ATOM   136  C C   . PHE A 1 20  ? 3.954   -10.908 -1.350  1.00   11.55  ? 20   PHE A C   1 
ATOM   137  O O   . PHE A 1 20  ? 3.878   -11.600 -2.372  1.00   13.17  ? 20   PHE A O   1 
ATOM   138  C CB  . PHE A 1 20  ? 5.223   -8.754  -1.683  1.00   10.40  ? 20   PHE A CB  1 
ATOM   139  C CG  . PHE A 1 20  ? 6.419   -7.946  -1.309  1.00   9.98   ? 20   PHE A CG  1 
ATOM   140  C CD1 . PHE A 1 20  ? 6.474   -7.285  -0.100  1.00   9.53   ? 20   PHE A CD1 1 
ATOM   141  C CD2 . PHE A 1 20  ? 7.544   -7.920  -2.115  1.00   9.83   ? 20   PHE A CD2 1 
ATOM   142  C CE1 . PHE A 1 20  ? 7.598   -6.584  0.261   1.00   10.00  ? 20   PHE A CE1 1 
ATOM   143  C CE2 . PHE A 1 20  ? 8.661   -7.214  -1.742  1.00   10.00  ? 20   PHE A CE2 1 
ATOM   144  C CZ  . PHE A 1 20  ? 8.688   -6.552  -0.573  1.00   9.54   ? 20   PHE A CZ  1 
ATOM   145  N N   . ASP A 1 21  ? 2.970   -10.829 -0.465  1.00   10.54  ? 21   ASP A N   1 
ATOM   146  C CA  . ASP A 1 21  ? 1.713   -11.561 -0.646  1.00   10.25  ? 21   ASP A CA  1 
ATOM   147  C C   . ASP A 1 21  ? 0.563   -10.669 -0.177  1.00   9.79   ? 21   ASP A C   1 
ATOM   148  O O   . ASP A 1 21  ? 0.756   -9.754  0.609   1.00   10.31  ? 21   ASP A O   1 
ATOM   149  C CB  . ASP A 1 21  ? 1.787   -12.860 0.161   1.00   11.11  ? 21   ASP A CB  1 
ATOM   150  C CG  . ASP A 1 21  ? 0.675   -13.826 -0.143  1.00   15.13  ? 21   ASP A CG  1 
ATOM   151  O OD1 . ASP A 1 21  ? 0.027   -13.708 -1.212  1.00   22.10  ? 21   ASP A OD1 1 
ATOM   152  O OD2 . ASP A 1 21  ? 0.467   -14.738 0.708   1.00   23.34  ? 21   ASP A OD2 1 
ATOM   153  N N   . ASN A 1 22  ? -0.637  -10.937 -0.673  1.00   8.65   ? 22   ASN A N   1 
ATOM   154  C CA  . ASN A 1 22  ? -1.829  -10.211 -0.284  1.00   8.51   ? 22   ASN A CA  1 
ATOM   155  C C   . ASN A 1 22  ? -2.600  -10.997 0.763   1.00   7.95   ? 22   ASN A C   1 
ATOM   156  O O   . ASN A 1 22  ? -3.091  -12.102 0.484   1.00   8.28   ? 22   ASN A O   1 
ATOM   157  C CB  . ASN A 1 22  ? -2.736  -9.966  -1.493  1.00   7.80   ? 22   ASN A CB  1 
ATOM   158  C CG  . ASN A 1 22  ? -4.070  -9.367  -1.116  1.00   7.98   ? 22   ASN A CG  1 
ATOM   159  O OD1 . ASN A 1 22  ? -4.158  -8.521  -0.206  1.00   8.46   ? 22   ASN A OD1 1 
ATOM   160  N ND2 . ASN A 1 22  ? -5.139  -9.788  -1.816  1.00   8.62   ? 22   ASN A ND2 1 
ATOM   161  N N   . TRP A 1 23  ? -2.677  -10.431 1.966   1.00   7.18   ? 23   TRP A N   1 
ATOM   162  C CA  . TRP A 1 23  ? -3.432  -10.972 3.105   1.00   7.44   ? 23   TRP A CA  1 
ATOM   163  C C   . TRP A 1 23  ? -4.663  -10.086 3.438   1.00   7.46   ? 23   TRP A C   1 
ATOM   164  O O   . TRP A 1 23  ? -5.071  -9.929  4.598   1.00   8.05   ? 23   TRP A O   1 
ATOM   165  C CB  . TRP A 1 23  ? -2.514  -11.083 4.322   1.00   8.32   ? 23   TRP A CB  1 
ATOM   166  C CG  . TRP A 1 23  ? -1.437  -12.125 4.231   1.00   7.23   ? 23   TRP A CG  1 
ATOM   167  C CD1 . TRP A 1 23  ? -1.066  -12.866 3.147   1.00   8.38   ? 23   TRP A CD1 1 
ATOM   168  C CD2 . TRP A 1 23  ? -0.614  -12.555 5.319   1.00   6.87   ? 23   TRP A CD2 1 
ATOM   169  N NE1 . TRP A 1 23  ? -0.029  -13.719 3.495   1.00   7.90   ? 23   TRP A NE1 1 
ATOM   170  C CE2 . TRP A 1 23  ? 0.242   -13.561 4.829   1.00   6.99   ? 23   TRP A CE2 1 
ATOM   171  C CE3 . TRP A 1 23  ? -0.524  -12.186 6.678   1.00   7.95   ? 23   TRP A CE3 1 
ATOM   172  C CZ2 . TRP A 1 23  ? 1.196   -14.181 5.649   1.00   8.34   ? 23   TRP A CZ2 1 
ATOM   173  C CZ3 . TRP A 1 23  ? 0.405   -12.809 7.470   1.00   8.13   ? 23   TRP A CZ3 1 
ATOM   174  C CH2 . TRP A 1 23  ? 1.233   -13.807 6.960   1.00   8.12   ? 23   TRP A CH2 1 
ATOM   175  N N   . GLY A 1 24  ? -5.248  -9.495  2.396   1.00   7.78   ? 24   GLY A N   1 
ATOM   176  C CA  . GLY A 1 24  ? -6.418  -8.636  2.563   1.00   8.09   ? 24   GLY A CA  1 
ATOM   177  C C   . GLY A 1 24  ? -7.708  -9.384  2.798   1.00   8.50   ? 24   GLY A C   1 
ATOM   178  O O   . GLY A 1 24  ? -7.707  -10.545 3.131   1.00   9.68   ? 24   GLY A O   1 
ATOM   179  N N   . TRP A 1 25  ? -8.826  -8.697  2.652   1.00   7.73   ? 25   TRP A N   1 
ATOM   180  C CA  . TRP A 1 25  ? -10.118 -9.246  3.019   1.00   7.99   ? 25   TRP A CA  1 
ATOM   181  C C   . TRP A 1 25  ? -11.244 -8.558  2.251   1.00   8.22   ? 25   TRP A C   1 
ATOM   182  O O   . TRP A 1 25  ? -11.134 -7.416  1.826   1.00   7.77   ? 25   TRP A O   1 
ATOM   183  C CB  . TRP A 1 25  ? -10.353 -9.077  4.530   1.00   8.89   ? 25   TRP A CB  1 
ATOM   184  C CG  . TRP A 1 25  ? -10.248 -7.658  5.021   1.00   9.51   ? 25   TRP A CG  1 
ATOM   185  C CD1 . TRP A 1 25  ? -11.243 -6.731  5.063   1.00   10.50  ? 25   TRP A CD1 1 
ATOM   186  C CD2 . TRP A 1 25  ? -9.077  -7.004  5.509   1.00   8.22   ? 25   TRP A CD2 1 
ATOM   187  N NE1 . TRP A 1 25  ? -10.768 -5.539  5.540   1.00   11.97  ? 25   TRP A NE1 1 
ATOM   188  C CE2 . TRP A 1 25  ? -9.436  -5.683  5.830   1.00   10.69  ? 25   TRP A CE2 1 
ATOM   189  C CE3 . TRP A 1 25  ? -7.753  -7.414  5.717   1.00   8.90   ? 25   TRP A CE3 1 
ATOM   190  C CZ2 . TRP A 1 25  ? -8.514  -4.758  6.343   1.00   10.38  ? 25   TRP A CZ2 1 
ATOM   191  C CZ3 . TRP A 1 25  ? -6.856  -6.500  6.227   1.00   10.33  ? 25   TRP A CZ3 1 
ATOM   192  C CH2 . TRP A 1 25  ? -7.230  -5.199  6.527   1.00   9.99   ? 25   TRP A CH2 1 
ATOM   193  N N   . ASP A 1 26  ? -12.334 -9.300  2.069   1.00   8.21   ? 26   ASP A N   1 
ATOM   194  C CA  . ASP A 1 26  ? -13.560 -8.770  1.459   1.00   8.12   ? 26   ASP A CA  1 
ATOM   195  C C   . ASP A 1 26  ? -13.279 -8.078  0.110   1.00   7.68   ? 26   ASP A C   1 
ATOM   196  O O   . ASP A 1 26  ? -13.869 -7.058  -0.229  1.00   7.71   ? 26   ASP A O   1 
ATOM   197  C CB  . ASP A 1 26  ? -14.289 -7.845  2.425   1.00   8.46   ? 26   ASP A CB  1 
ATOM   198  C CG  . ASP A 1 26  ? -14.774 -8.568  3.659   1.00   10.06  ? 26   ASP A CG  1 
ATOM   199  O OD1 . ASP A 1 26  ? -15.346 -9.674  3.494   1.00   11.81  ? 26   ASP A OD1 1 
ATOM   200  O OD2 . ASP A 1 26  ? -14.595 -8.042  4.784   1.00   11.91  ? 26   ASP A OD2 1 
ATOM   201  N N   . SER A 1 27  ? -12.406 -8.687  -0.674  1.00   8.19   ? 27   SER A N   1 
ATOM   202  C CA  . SER A 1 27  ? -11.945 -8.079  -1.919  1.00   8.25   ? 27   SER A CA  1 
ATOM   203  C C   . SER A 1 27  ? -11.312 -9.086  -2.849  1.00   8.56   ? 27   SER A C   1 
ATOM   204  O O   . SER A 1 27  ? -11.065 -10.235 -2.467  1.00   8.85   ? 27   SER A O   1 
ATOM   205  C CB  . SER A 1 27  ? -10.900 -7.019  -1.604  1.00   8.40   ? 27   SER A CB  1 
ATOM   206  O OG  . SER A 1 27  ? -9.703  -7.628  -1.121  1.00   9.46   ? 27   SER A OG  1 
ATOM   207  N N   . LYS A 1 28  ? -11.034 -8.639  -4.073  1.00   9.21   ? 28   LYS A N   1 
ATOM   208  C CA  . LYS A 1 28  ? -10.253 -9.441  -5.010  1.00   10.35  ? 28   LYS A CA  1 
ATOM   209  C C   . LYS A 1 28  ? -9.142  -8.502  -5.573  0.0000 8.63   ? 28   LYS A C   1 
ATOM   210  O O   . LYS A 1 28  ? -9.353  -7.353  -5.921  1.00   10.31  ? 28   LYS A O   1 
ATOM   211  C CB  . LYS A 1 28  ? -11.096 -9.831  -6.210  1.00   11.05  ? 28   LYS A CB  1 
ATOM   212  C CG  . LYS A 1 28  ? -12.225 -10.771 -5.869  1.00   14.66  ? 28   LYS A CG  1 
ATOM   213  C CD  . LYS A 1 28  ? -11.695 -12.112 -5.449  1.00   18.46  ? 28   LYS A CD  1 
ATOM   214  C CE  . LYS A 1 28  ? -11.229 -12.926 -6.049  0.0000 21.54  ? 28   LYS A CE  1 
ATOM   215  N NZ  . LYS A 1 28  ? -9.881  -12.705 -6.576  0.0000 20.44  ? 28   LYS A NZ  1 
ATOM   216  N N   . MET A 1 29  ? -7.929  -9.045  -5.498  1.00   9.58   ? 29   MET A N   1 
ATOM   217  C CA  . MET A 1 29  ? -6.765  -8.433  -6.127  1.00   9.78   ? 29   MET A CA  1 
ATOM   218  C C   . MET A 1 29  ? -6.578  -9.035  -7.503  1.00   9.26   ? 29   MET A C   1 
ATOM   219  O O   . MET A 1 29  ? -6.507  -10.263 -7.638  1.00   10.83  ? 29   MET A O   1 
ATOM   220  C CB  . MET A 1 29  ? -5.522  -8.670  -5.301  1.00   9.01   ? 29   MET A CB  1 
ATOM   221  C CG  . MET A 1 29  ? -4.297  -7.945  -5.864  1.00   10.24  ? 29   MET A CG  1 
ATOM   222  S SD  . MET A 1 29  ? -2.781  -8.112  -4.873  1.00   12.35  ? 29   MET A SD  1 
ATOM   223  C CE  . MET A 1 29  ? -2.386  -9.780  -5.234  1.00   13.34  ? 29   MET A CE  1 
ATOM   224  N N   . SER A 1 30  ? -6.543  -8.182  -8.516  1.00   9.04   ? 30   SER A N   1 
ATOM   225  C CA  . SER A 1 30  ? -6.319  -8.619  -9.882  1.00   9.02   ? 30   SER A CA  1 
ATOM   226  C C   . SER A 1 30  ? -5.266  -7.749  -10.536 1.00   9.01   ? 30   SER A C   1 
ATOM   227  O O   . SER A 1 30  ? -4.758  -6.809  -9.914  1.00   9.18   ? 30   SER A O   1 
ATOM   228  C CB  . SER A 1 30  ? -7.627  -8.586  -10.668 1.00   8.56   ? 30   SER A CB  1 
ATOM   229  O OG  . SER A 1 30  ? -8.164  -7.286  -10.769 1.00   10.41  ? 30   SER A OG  1 
ATOM   230  N N   . PHE A 1 31  ? -4.945  -8.068  -11.785 1.00   9.89   ? 31   PHE A N   1 
ATOM   231  C CA  . PHE A 1 31  ? -3.934  -7.352  -12.541 1.00   10.40  ? 31   PHE A CA  1 
ATOM   232  C C   . PHE A 1 31  ? -4.477  -7.020  -13.926 1.00   11.26  ? 31   PHE A C   1 
ATOM   233  O O   . PHE A 1 31  ? -4.703  -7.915  -14.742 1.00   12.81  ? 31   PHE A O   1 
ATOM   234  C CB  . PHE A 1 31  ? -2.644  -8.169  -12.605 1.00   10.85  ? 31   PHE A CB  1 
ATOM   235  C CG  . PHE A 1 31  ? -2.030  -8.398  -11.258 1.00   10.71  ? 31   PHE A CG  1 
ATOM   236  C CD1 . PHE A 1 31  ? -1.121  -7.492  -10.745 1.00   11.76  ? 31   PHE A CD1 1 
ATOM   237  C CD2 . PHE A 1 31  ? -2.396  -9.500  -10.491 1.00   10.93  ? 31   PHE A CD2 1 
ATOM   238  C CE1 . PHE A 1 31  ? -0.572  -7.664  -9.489  1.00   11.61  ? 31   PHE A CE1 1 
ATOM   239  C CE2 . PHE A 1 31  ? -1.843  -9.703  -9.218  1.00   12.04  ? 31   PHE A CE2 1 
ATOM   240  C CZ  . PHE A 1 31  ? -0.926  -8.779  -8.714  1.00   12.18  ? 31   PHE A CZ  1 
ATOM   241  N N   . LYS A 1 32  ? -4.736  -5.737  -14.142 1.00   11.63  ? 32   LYS A N   1 
ATOM   242  C CA  . LYS A 1 32  ? -5.319  -5.255  -15.396 1.00   11.99  ? 32   LYS A CA  1 
ATOM   243  C C   . LYS A 1 32  ? -4.806  -3.867  -15.673 1.00   12.28  ? 32   LYS A C   1 
ATOM   244  O O   . LYS A 1 32  ? -4.434  -3.144  -14.745 1.00   11.58  ? 32   LYS A O   1 
ATOM   245  C CB  . LYS A 1 32  ? -6.843  -5.234  -15.293 1.00   13.69  ? 32   LYS A CB  1 
ATOM   246  C CG  . LYS A 1 32  ? -7.479  -4.696  -16.572 0.0000 19.41  ? 32   LYS A CG  1 
ATOM   247  C CD  . LYS A 1 32  ? -8.986  -4.491  -16.400 0.0000 23.00  ? 32   LYS A CD  1 
ATOM   248  C CE  . LYS A 1 32  ? -9.699  -4.258  -17.735 0.0000 22.85  ? 32   LYS A CE  1 
ATOM   249  N NZ  . LYS A 1 32  ? -11.027 -3.699  -17.493 0.0000 26.48  ? 32   LYS A NZ  1 
ATOM   250  N N   . ASP A 1 33  ? -4.777  -3.472  -16.945 1.00   12.82  ? 33   ASP A N   1 
ATOM   251  C CA  . ASP A 1 33  ? -4.328  -2.141  -17.323 1.00   12.56  ? 33   ASP A CA  1 
ATOM   252  C C   . ASP A 1 33  ? -2.948  -1.847  -16.733 1.00   11.87  ? 33   ASP A C   1 
ATOM   253  O O   . ASP A 1 33  ? -2.654  -0.731  -16.304 1.00   11.04  ? 33   ASP A O   1 
ATOM   254  C CB  . ASP A 1 33  ? -5.342  -1.120  -16.829 1.00   14.03  ? 33   ASP A CB  1 
ATOM   255  C CG  A ASP A 1 33  ? -5.282  0.215   -17.577 0.50   14.73  ? 33   ASP A CG  1 
ATOM   256  C CG  B ASP A 1 33  ? -6.484  -0.871  -17.824 0.50   15.71  ? 33   ASP A CG  1 
ATOM   257  O OD1 A ASP A 1 33  ? -4.678  0.303   -18.665 0.50   18.59  ? 33   ASP A OD1 1 
ATOM   258  O OD1 B ASP A 1 33  ? -6.546  -1.574  -18.872 0.50   17.51  ? 33   ASP A OD1 1 
ATOM   259  O OD2 A ASP A 1 33  ? -5.745  1.222   -17.001 0.50   20.61  ? 33   ASP A OD2 1 
ATOM   260  O OD2 B ASP A 1 33  ? -7.394  -0.085  -17.505 0.50   19.19  ? 33   ASP A OD2 1 
ATOM   261  N N   . ASN A 1 34  ? -2.105  -2.872  -16.740 1.00   10.61  ? 34   ASN A N   1 
ATOM   262  C CA  . ASN A 1 34  ? -0.717  -2.771  -16.278 1.00   10.20  ? 34   ASN A CA  1 
ATOM   263  C C   . ASN A 1 34  ? -0.584  -2.173  -14.888 1.00   9.88   ? 34   ASN A C   1 
ATOM   264  O O   . ASN A 1 34  ? 0.318   -1.384  -14.613 1.00   10.03  ? 34   ASN A O   1 
ATOM   265  C CB  . ASN A 1 34  ? 0.131   -2.017  -17.303 1.00   10.11  ? 34   ASN A CB  1 
ATOM   266  C CG  . ASN A 1 34  ? 1.615   -2.300  -17.154 1.00   9.14   ? 34   ASN A CG  1 
ATOM   267  O OD1 . ASN A 1 34  ? 2.008   -3.402  -16.754 1.00   10.05  ? 34   ASN A OD1 1 
ATOM   268  N ND2 . ASN A 1 34  ? 2.440   -1.321  -17.472 1.00   10.22  ? 34   ASN A ND2 1 
ATOM   269  N N   . SER A 1 35  ? -1.496  -2.582  -14.011 1.00   9.42   ? 35   SER A N   1 
ATOM   270  C CA  . SER A 1 35  ? -1.532  -2.158  -12.625 1.00   9.49   ? 35   SER A CA  1 
ATOM   271  C C   . SER A 1 35  ? -2.002  -3.297  -11.735 1.00   9.14   ? 35   SER A C   1 
ATOM   272  O O   . SER A 1 35  ? -2.494  -4.317  -12.209 1.00   8.76   ? 35   SER A O   1 
ATOM   273  C CB  . SER A 1 35  ? -2.469  -0.976  -12.377 1.00   10.96  ? 35   SER A CB  1 
ATOM   274  O OG  A SER A 1 35  ? -3.304  -0.653  -13.456 0.50   15.10  ? 35   SER A OG  1 
ATOM   275  O OG  B SER A 1 35  ? -2.539  -0.085  -13.481 0.50   9.11   ? 35   SER A OG  1 
ATOM   276  N N   . LEU A 1 36  ? -1.832  -3.090  -10.427 1.00   8.38   ? 36   LEU A N   1 
ATOM   277  C CA  . LEU A 1 36  ? -2.351  -3.963  -9.384  1.00   8.54   ? 36   LEU A CA  1 
ATOM   278  C C   . LEU A 1 36  ? -3.686  -3.367  -9.016  1.00   8.33   ? 36   LEU A C   1 
ATOM   279  O O   . LEU A 1 36  ? -3.774  -2.184  -8.710  1.00   8.77   ? 36   LEU A O   1 
ATOM   280  C CB  . LEU A 1 36  ? -1.375  -3.975  -8.193  1.00   9.12   ? 36   LEU A CB  1 
ATOM   281  C CG  . LEU A 1 36  ? -1.679  -4.859  -6.988  1.00   10.49  ? 36   LEU A CG  1 
ATOM   282  C CD1 . LEU A 1 36  ? -0.389  -5.094  -6.206  1.00   12.96  ? 36   LEU A CD1 1 
ATOM   283  C CD2 . LEU A 1 36  ? -2.724  -4.252  -6.066  1.00   13.22  ? 36   LEU A CD2 1 
ATOM   284  N N   . VAL A 1 37  ? -4.730  -4.173  -9.052  1.00   8.09   ? 37   VAL A N   1 
ATOM   285  C CA  . VAL A 1 37  ? -6.095  -3.673  -8.884  1.00   8.08   ? 37   VAL A CA  1 
ATOM   286  C C   . VAL A 1 37  ? -6.741  -4.258  -7.634  1.00   8.03   ? 37   VAL A C   1 
ATOM   287  O O   . VAL A 1 37  ? -6.825  -5.485  -7.484  1.00   8.59   ? 37   VAL A O   1 
ATOM   288  C CB  . VAL A 1 37  ? -6.953  -4.043  -10.087 1.00   8.75   ? 37   VAL A CB  1 
ATOM   289  C CG1 . VAL A 1 37  ? -8.304  -3.352  -9.997  1.00   9.99   ? 37   VAL A CG1 1 
ATOM   290  C CG2 . VAL A 1 37  ? -6.257  -3.649  -11.378 1.00   11.00  ? 37   VAL A CG2 1 
ATOM   291  N N   . LEU A 1 38  ? -7.215  -3.372  -6.760  1.00   7.32   ? 38   LEU A N   1 
ATOM   292  C CA  . LEU A 1 38  ? -8.118  -3.734  -5.658  1.00   7.54   ? 38   LEU A CA  1 
ATOM   293  C C   . LEU A 1 38  ? -9.538  -3.474  -6.103  1.00   7.18   ? 38   LEU A C   1 
ATOM   294  O O   . LEU A 1 38  ? -9.868  -2.343  -6.471  1.00   7.14   ? 38   LEU A O   1 
ATOM   295  C CB  . LEU A 1 38  ? -7.835  -2.861  -4.428  1.00   7.72   ? 38   LEU A CB  1 
ATOM   296  C CG  . LEU A 1 38  ? -8.909  -2.750  -3.328  1.00   7.30   ? 38   LEU A CG  1 
ATOM   297  C CD1 . LEU A 1 38  ? -9.243  -4.120  -2.756  1.00   8.38   ? 38   LEU A CD1 1 
ATOM   298  C CD2 . LEU A 1 38  ? -8.491  -1.770  -2.242  1.00   7.46   ? 38   LEU A CD2 1 
ATOM   299  N N   . THR A 1 39  ? -10.379 -4.503  -6.051  1.00   7.77   ? 39   THR A N   1 
ATOM   300  C CA  . THR A 1 39  ? -11.819 -4.318  -6.186  1.00   8.34   ? 39   THR A CA  1 
ATOM   301  C C   . THR A 1 39  ? -12.469 -4.913  -4.941  1.00   7.95   ? 39   THR A C   1 
ATOM   302  O O   . THR A 1 39  ? -12.425 -6.130  -4.734  1.00   8.56   ? 39   THR A O   1 
ATOM   303  C CB  . THR A 1 39  ? -12.372 -5.019  -7.444  1.00   8.73   ? 39   THR A CB  1 
ATOM   304  O OG1 . THR A 1 39  ? -11.631 -4.607  -8.608  1.00   9.72   ? 39   THR A OG1 1 
ATOM   305  C CG2 . THR A 1 39  ? -13.845 -4.716  -7.636  1.00   9.63   ? 39   THR A CG2 1 
ATOM   306  N N   . ALA A 1 40  ? -13.002 -4.060  -4.070  1.00   7.98   ? 40   ALA A N   1 
ATOM   307  C CA  . ALA A 1 40  ? -13.696 -4.547  -2.871  1.00   8.45   ? 40   ALA A CA  1 
ATOM   308  C C   . ALA A 1 40  ? -14.956 -5.279  -3.305  1.00   8.23   ? 40   ALA A C   1 
ATOM   309  O O   . ALA A 1 40  ? -15.596 -4.882  -4.276  1.00   8.69   ? 40   ALA A O   1 
ATOM   310  C CB  . ALA A 1 40  ? -14.039 -3.404  -1.948  1.00   9.04   ? 40   ALA A CB  1 
ATOM   311  N N   . ASP A 1 41  ? -15.318 -6.337  -2.589  1.00   7.96   ? 41   ASP A N   1 
ATOM   312  C CA  . ASP A 1 41  ? -16.520 -7.104  -2.915  1.00   8.99   ? 41   ASP A CA  1 
ATOM   313  C C   . ASP A 1 41  ? -17.743 -6.188  -2.759  1.00   9.35   ? 41   ASP A C   1 
ATOM   314  O O   . ASP A 1 41  ? -17.698 -5.189  -2.031  1.00   8.57   ? 41   ASP A O   1 
ATOM   315  C CB  . ASP A 1 41  ? -16.674 -8.290  -1.984  1.00   9.18   ? 41   ASP A CB  1 
ATOM   316  C CG  . ASP A 1 41  ? -15.601 -9.332  -2.146  1.00   10.60  ? 41   ASP A CG  1 
ATOM   317  O OD1 . ASP A 1 41  ? -14.944 -9.386  -3.200  1.00   11.79  ? 41   ASP A OD1 1 
ATOM   318  O OD2 . ASP A 1 41  ? -15.431 -10.126 -1.198  1.00   12.49  ? 41   ASP A OD2 1 
ATOM   319  N N   . PRO A 1 42  ? -18.843 -6.502  -3.459  1.00   9.77   ? 42   PRO A N   1 
ATOM   320  C CA  . PRO A 1 42  ? -20.003 -5.627  -3.391  1.00   10.28  ? 42   PRO A CA  1 
ATOM   321  C C   . PRO A 1 42  ? -20.435 -5.265  -1.967  1.00   10.35  ? 42   PRO A C   1 
ATOM   322  O O   . PRO A 1 42  ? -20.596 -6.133  -1.111  1.00   10.89  ? 42   PRO A O   1 
ATOM   323  C CB  . PRO A 1 42  ? -21.075 -6.439  -4.115  1.00   10.65  ? 42   PRO A CB  1 
ATOM   324  C CG  . PRO A 1 42  ? -20.306 -7.270  -5.085  1.00   11.12  ? 42   PRO A CG  1 
ATOM   325  C CD  . PRO A 1 42  ? -19.052 -7.633  -4.379  1.00   10.40  ? 42   PRO A CD  1 
ATOM   326  N N   . ASP A 1 43  ? -20.592 -3.960  -1.741  1.00   10.71  ? 43   ASP A N   1 
ATOM   327  C CA  . ASP A 1 43  ? -21.029 -3.369  -0.465  1.00   10.81  ? 43   ASP A CA  1 
ATOM   328  C C   . ASP A 1 43  ? -20.074 -3.575  0.709   1.00   9.98   ? 43   ASP A C   1 
ATOM   329  O O   . ASP A 1 43  ? -20.436 -3.294  1.848   1.00   10.09  ? 43   ASP A O   1 
ATOM   330  C CB  . ASP A 1 43  ? -22.457 -3.793  -0.104  1.00   12.04  ? 43   ASP A CB  1 
ATOM   331  C CG  . ASP A 1 43  ? -23.442 -3.481  -1.210  1.00   15.69  ? 43   ASP A CG  1 
ATOM   332  O OD1 . ASP A 1 43  ? -23.547 -2.310  -1.608  1.00   20.13  ? 43   ASP A OD1 1 
ATOM   333  O OD2 . ASP A 1 43  ? -24.091 -4.424  -1.686  1.00   23.63  ? 43   ASP A OD2 1 
ATOM   334  N N   . GLU A 1 44  ? -18.834 -3.997  0.440   1.00   9.22   ? 44   GLU A N   1 
ATOM   335  C CA  . GLU A 1 44  ? -17.867 -4.240  1.515   1.00   9.15   ? 44   GLU A CA  1 
ATOM   336  C C   . GLU A 1 44  ? -16.735 -3.226  1.579   1.00   8.34   ? 44   GLU A C   1 
ATOM   337  O O   . GLU A 1 44  ? -16.291 -2.682  0.563   1.00   8.22   ? 44   GLU A O   1 
ATOM   338  C CB  . GLU A 1 44  ? -17.218 -5.620  1.369   1.00   9.10   ? 44   GLU A CB  1 
ATOM   339  C CG  . GLU A 1 44  ? -18.161 -6.826  1.309   1.00   10.23  ? 44   GLU A CG  1 
ATOM   340  C CD  . GLU A 1 44  ? -18.794 -7.206  2.638   1.00   13.64  ? 44   GLU A CD  1 
ATOM   341  O OE1 . GLU A 1 44  ? -18.311 -6.772  3.686   1.00   13.03  ? 44   GLU A OE1 1 
ATOM   342  O OE2 . GLU A 1 44  ? -19.805 -7.954  2.602   1.00   17.07  ? 44   GLU A OE2 1 
ATOM   343  N N   . TYR A 1 45  ? -16.259 -2.990  2.799   1.00   7.90   ? 45   TYR A N   1 
ATOM   344  C CA  . TYR A 1 45  ? -15.093 -2.157  3.106   1.00   8.19   ? 45   TYR A CA  1 
ATOM   345  C C   . TYR A 1 45  ? -13.884 -3.052  2.900   1.00   8.31   ? 45   TYR A C   1 
ATOM   346  O O   . TYR A 1 45  ? -13.235 -3.482  3.846   1.00   8.61   ? 45   TYR A O   1 
ATOM   347  C CB  . TYR A 1 45  ? -15.213 -1.685  4.549   1.00   8.58   ? 45   TYR A CB  1 
ATOM   348  C CG  . TYR A 1 45  ? -14.212 -0.703  5.096   1.00   7.99   ? 45   TYR A CG  1 
ATOM   349  C CD1 . TYR A 1 45  ? -13.642 0.284   4.320   1.00   7.75   ? 45   TYR A CD1 1 
ATOM   350  C CD2 . TYR A 1 45  ? -13.894 -0.729  6.450   1.00   9.03   ? 45   TYR A CD2 1 
ATOM   351  C CE1 . TYR A 1 45  ? -12.768 1.218   4.863   1.00   8.33   ? 45   TYR A CE1 1 
ATOM   352  C CE2 . TYR A 1 45  ? -13.031 0.208   7.009   1.00   9.33   ? 45   TYR A CE2 1 
ATOM   353  C CZ  . TYR A 1 45  ? -12.474 1.176   6.212   1.00   9.46   ? 45   TYR A CZ  1 
ATOM   354  O OH  . TYR A 1 45  ? -11.621 2.121   6.752   1.00   10.46  ? 45   TYR A OH  1 
ATOM   355  N N   . GLY A 1 46  ? -13.601 -3.353  1.637   1.00   7.18   ? 46   GLY A N   1 
ATOM   356  C CA  . GLY A 1 46  ? -12.605 -4.350  1.289   1.00   7.48   ? 46   GLY A CA  1 
ATOM   357  C C   . GLY A 1 46  ? -11.222 -3.768  1.142   1.00   7.24   ? 46   GLY A C   1 
ATOM   358  O O   . GLY A 1 46  ? -11.077 -2.585  0.838   1.00   7.74   ? 46   GLY A O   1 
ATOM   359  N N   . ALA A 1 47  ? -10.225 -4.624  1.307   1.00   6.77   ? 47   ALA A N   1 
ATOM   360  C CA  . ALA A 1 47  ? -8.823  -4.213  1.356   1.00   7.07   ? 47   ALA A CA  1 
ATOM   361  C C   . ALA A 1 47  ? -7.895  -5.200  0.690   1.00   7.05   ? 47   ALA A C   1 
ATOM   362  O O   . ALA A 1 47  ? -8.139  -6.407  0.709   1.00   7.01   ? 47   ALA A O   1 
ATOM   363  C CB  . ALA A 1 47  ? -8.374  -4.082  2.777   1.00   8.29   ? 47   ALA A CB  1 
ATOM   364  N N   . ILE A 1 48  ? -6.783  -4.680  0.175   1.00   6.75   ? 48   ILE A N   1 
ATOM   365  C CA  . ILE A 1 48  ? -5.571  -5.493  0.060   1.00   7.11   ? 48   ILE A CA  1 
ATOM   366  C C   . ILE A 1 48  ? -4.698  -5.209  1.281   1.00   6.91   ? 48   ILE A C   1 
ATOM   367  O O   . ILE A 1 48  ? -4.790  -4.137  1.891   1.00   7.06   ? 48   ILE A O   1 
ATOM   368  C CB  . ILE A 1 48  ? -4.788  -5.256  -1.240  1.00   7.47   ? 48   ILE A CB  1 
ATOM   369  C CG1 . ILE A 1 48  ? -4.407  -3.781  -1.401  1.00   7.81   ? 48   ILE A CG1 1 
ATOM   370  C CG2 . ILE A 1 48  ? -5.535  -5.823  -2.414  1.00   8.93   ? 48   ILE A CG2 1 
ATOM   371  C CD1 . ILE A 1 48  ? -3.387  -3.557  -2.484  1.00   8.69   ? 48   ILE A CD1 1 
ATOM   372  N N   . SER A 1 49  ? -3.882  -6.175  1.673   1.00   6.82   ? 49   SER A N   1 
ATOM   373  C CA  . SER A 1 49  ? -2.919  -5.972  2.757   1.00   6.60   ? 49   SER A CA  1 
ATOM   374  C C   . SER A 1 49  ? -1.627  -6.682  2.352   1.00   6.62   ? 49   SER A C   1 
ATOM   375  O O   . SER A 1 49  ? -1.555  -7.922  2.325   1.00   6.99   ? 49   SER A O   1 
ATOM   376  C CB  . SER A 1 49  ? -3.464  -6.473  4.086   1.00   7.24   ? 49   SER A CB  1 
ATOM   377  O OG  . SER A 1 49  ? -2.512  -6.187  5.093   1.00   7.12   ? 49   SER A OG  1 
ATOM   378  N N   . LEU A 1 50  ? -0.627  -5.893  1.971   1.00   6.37   ? 50   LEU A N   1 
ATOM   379  C CA  . LEU A 1 50  ? 0.545   -6.431  1.312   1.00   6.95   ? 50   LEU A CA  1 
ATOM   380  C C   . LEU A 1 50  ? 1.603   -6.741  2.362   1.00   6.52   ? 50   LEU A C   1 
ATOM   381  O O   . LEU A 1 50  ? 2.227   -5.837  2.948   1.00   6.25   ? 50   LEU A O   1 
ATOM   382  C CB  . LEU A 1 50  ? 1.051   -5.468  0.231   1.00   7.50   ? 50   LEU A CB  1 
ATOM   383  C CG  . LEU A 1 50  ? -0.017  -5.143  -0.823  1.00   8.13   ? 50   LEU A CG  1 
ATOM   384  C CD1 . LEU A 1 50  ? 0.526   -4.088  -1.787  1.00   10.37  ? 50   LEU A CD1 1 
ATOM   385  C CD2 . LEU A 1 50  ? -0.474  -6.398  -1.591  1.00   9.99   ? 50   LEU A CD2 1 
ATOM   386  N N   . LYS A 1 51  ? 1.753   -8.036  2.600   1.00   7.07   ? 51   LYS A N   1 
ATOM   387  C CA  . LYS A 1 51  ? 2.629   -8.618  3.624   1.00   7.29   ? 51   LYS A CA  1 
ATOM   388  C C   . LYS A 1 51  ? 4.028   -8.842  3.074   1.00   7.73   ? 51   LYS A C   1 
ATOM   389  O O   . LYS A 1 51  ? 4.199   -9.396  1.993   1.00   7.45   ? 51   LYS A O   1 
ATOM   390  C CB  . LYS A 1 51  ? 2.017   -9.954  4.104   1.00   7.47   ? 51   LYS A CB  1 
ATOM   391  C CG  . LYS A 1 51  ? 2.943   -10.873 4.903   1.00   7.52   ? 51   LYS A CG  1 
ATOM   392  C CD  . LYS A 1 51  ? 3.191   -10.395 6.343   1.00   8.84   ? 51   LYS A CD  1 
ATOM   393  C CE  . LYS A 1 51  ? 4.071   -11.430 7.067   1.00   10.10  ? 51   LYS A CE  1 
ATOM   394  N NZ  . LYS A 1 51  ? 4.204   -11.257 8.544   1.00   12.65  ? 51   LYS A NZ  1 
ATOM   395  N N   . ASN A 1 52  ? 5.018   -8.373  3.834   1.00   8.39   ? 52   ASN A N   1 
ATOM   396  C CA  . ASN A 1 52  ? 6.433   -8.624  3.549   1.00   9.11   ? 52   ASN A CA  1 
ATOM   397  C C   . ASN A 1 52  ? 6.829   -9.982  4.114   1.00   9.39   ? 52   ASN A C   1 
ATOM   398  O O   . ASN A 1 52  ? 6.827   -10.169 5.327   1.00   9.96   ? 52   ASN A O   1 
ATOM   399  C CB  . ASN A 1 52  ? 7.275   -7.504  4.180   1.00   8.88   ? 52   ASN A CB  1 
ATOM   400  C CG  . ASN A 1 52  ? 8.676   -7.448  3.651   1.00   11.36  ? 52   ASN A CG  1 
ATOM   401  O OD1 . ASN A 1 52  ? 9.219   -8.439  3.164   1.00   12.24  ? 52   ASN A OD1 1 
ATOM   402  N ND2 . ASN A 1 52  ? 9.260   -6.273  3.700   1.00   13.07  ? 52   ASN A ND2 1 
ATOM   403  N N   . LEU A 1 53  ? 7.169   -10.910 3.219   1.00   10.05  ? 53   LEU A N   1 
ATOM   404  C CA  . LEU A 1 53  ? 7.669   -12.234 3.595   1.00   11.56  ? 53   LEU A CA  1 
ATOM   405  C C   . LEU A 1 53  ? 9.188   -12.328 3.534   1.00   12.86  ? 53   LEU A C   1 
ATOM   406  O O   . LEU A 1 53  ? 9.749   -13.370 3.880   1.00   14.60  ? 53   LEU A O   1 
ATOM   407  C CB  . LEU A 1 53  ? 7.048   -13.297 2.681   1.00   12.17  ? 53   LEU A CB  1 
ATOM   408  C CG  . LEU A 1 53  ? 5.519   -13.384 2.761   1.00   14.52  ? 53   LEU A CG  1 
ATOM   409  C CD1 . LEU A 1 53  ? 5.004   -14.251 1.607   1.00   16.11  ? 53   LEU A CD1 1 
ATOM   410  C CD2 . LEU A 1 53  ? 5.062   -13.912 4.102   1.00   16.22  ? 53   LEU A CD2 1 
ATOM   411  N N   . ASN A 1 54  ? 9.847   -11.255 3.110   1.00   13.11  ? 54   ASN A N   1 
ATOM   412  C CA  . ASN A 1 54  ? 11.312  -11.245 3.015   1.00   13.96  ? 54   ASN A CA  1 
ATOM   413  C C   . ASN A 1 54  ? 11.931  -11.007 4.395   1.00   15.23  ? 54   ASN A C   1 
ATOM   414  O O   . ASN A 1 54  ? 12.929  -11.643 4.771   1.00   17.18  ? 54   ASN A O   1 
ATOM   415  C CB  . ASN A 1 54  ? 11.777  -10.187 2.024   1.00   14.14  ? 54   ASN A CB  1 
ATOM   416  C CG  . ASN A 1 54  ? 11.302  -10.455 0.607   1.00   14.05  ? 54   ASN A CG  1 
ATOM   417  O OD1 . ASN A 1 54  ? 10.626  -9.611  -0.012  1.00   19.06  ? 54   ASN A OD1 1 
ATOM   418  N ND2 . ASN A 1 54  ? 11.623  -11.628 0.082   1.00   12.18  ? 54   ASN A ND2 1 
ATOM   419  N N   . SER A 1 55  ? 11.334  -10.099 5.163   1.00   14.23  ? 55   SER A N   1 
ATOM   420  C CA  . SER A 1 55  ? 11.771  -9.794  6.534   1.00   14.18  ? 55   SER A CA  1 
ATOM   421  C C   . SER A 1 55  ? 10.545  -9.824  7.430   1.00   13.64  ? 55   SER A C   1 
ATOM   422  O O   . SER A 1 55  ? 9.425   -9.757  6.935   1.00   13.78  ? 55   SER A O   1 
ATOM   423  C CB  . SER A 1 55  ? 12.411  -8.398  6.632   1.00   14.09  ? 55   SER A CB  1 
ATOM   424  O OG  A SER A 1 55  ? 12.790  -8.244  7.999   0.50   12.69  ? 55   SER A OG  1 
ATOM   425  O OG  B SER A 1 55  ? 12.208  -7.807  5.373   0.50   17.47  ? 55   SER A OG  1 
ATOM   426  N N   . ASN A 1 56  ? 10.758  -9.876  8.740   1.00   12.66  ? 56   ASN A N   1 
ATOM   427  C CA  . ASN A 1 56  ? 9.673   -9.873  9.683   1.00   12.38  ? 56   ASN A CA  1 
ATOM   428  C C   . ASN A 1 56  ? 8.904   -8.552  9.644   1.00   10.40  ? 56   ASN A C   1 
ATOM   429  O O   . ASN A 1 56  ? 7.727   -8.538  9.970   1.00   10.89  ? 56   ASN A O   1 
ATOM   430  C CB  . ASN A 1 56  ? 10.173  -10.174 11.107  1.00   13.28  ? 56   ASN A CB  1 
ATOM   431  C CG  A ASN A 1 56  ? 10.770  -11.545 11.212  0.50   15.14  ? 56   ASN A CG  1 
ATOM   432  C CG  B ASN A 1 56  ? 10.917  -11.508 11.215  0.50   15.62  ? 56   ASN A CG  1 
ATOM   433  O OD1 A ASN A 1 56  ? 11.983  -11.710 11.413  0.50   18.23  ? 56   ASN A OD1 1 
ATOM   434  O OD1 B ASN A 1 56  ? 11.592  -11.765 12.217  0.50   18.32  ? 56   ASN A OD1 1 
ATOM   435  N ND2 A ASN A 1 56  ? 9.928   -12.551 11.025  0.50   13.95  ? 56   ASN A ND2 1 
ATOM   436  N ND2 B ASN A 1 56  ? 10.825  -12.340 10.178  0.50   15.49  ? 56   ASN A ND2 1 
ATOM   437  N N   . TYR A 1 57  ? 9.561   -7.455  9.252   1.00   9.26   ? 57   TYR A N   1 
ATOM   438  C CA  . TYR A 1 57  ? 8.904   -6.143  9.115   1.00   8.86   ? 57   TYR A CA  1 
ATOM   439  C C   . TYR A 1 57  ? 9.418   -5.410  7.891   1.00   8.49   ? 57   TYR A C   1 
ATOM   440  O O   . TYR A 1 57  ? 10.533  -5.658  7.439   1.00   7.91   ? 57   TYR A O   1 
ATOM   441  C CB  . TYR A 1 57  ? 9.169   -5.262  10.343  1.00   9.05   ? 57   TYR A CB  1 
ATOM   442  C CG  . TYR A 1 57  ? 8.789   -5.897  11.655  1.00   9.22   ? 57   TYR A CG  1 
ATOM   443  C CD1 . TYR A 1 57  ? 7.466   -5.939  12.088  1.00   7.80   ? 57   TYR A CD1 1 
ATOM   444  C CD2 . TYR A 1 57  ? 9.757   -6.464  12.471  1.00   10.02  ? 57   TYR A CD2 1 
ATOM   445  C CE1 . TYR A 1 57  ? 7.133   -6.540  13.289  1.00   8.83   ? 57   TYR A CE1 1 
ATOM   446  C CE2 . TYR A 1 57  ? 9.431   -7.041  13.662  1.00   10.88  ? 57   TYR A CE2 1 
ATOM   447  C CZ  . TYR A 1 57  ? 8.126   -7.090  14.066  1.00   9.99   ? 57   TYR A CZ  1 
ATOM   448  O OH  . TYR A 1 57  ? 7.856   -7.704  15.296  1.00   12.23  ? 57   TYR A OH  1 
ATOM   449  N N   . TYR A 1 58  ? 8.605   -4.509  7.342   1.00   6.95   ? 58   TYR A N   1 
ATOM   450  C CA  . TYR A 1 58  ? 9.113   -3.501  6.414   1.00   7.04   ? 58   TYR A CA  1 
ATOM   451  C C   . TYR A 1 58  ? 10.168  -2.655  7.108   1.00   7.53   ? 58   TYR A C   1 
ATOM   452  O O   . TYR A 1 58  ? 11.262  -2.471  6.589   1.00   7.32   ? 58   TYR A O   1 
ATOM   453  C CB  . TYR A 1 58  ? 7.977   -2.599  5.927   1.00   6.45   ? 58   TYR A CB  1 
ATOM   454  C CG  . TYR A 1 58  ? 7.088   -3.224  4.878   1.00   6.21   ? 58   TYR A CG  1 
ATOM   455  C CD1 . TYR A 1 58  ? 7.434   -3.175  3.541   1.00   7.20   ? 58   TYR A CD1 1 
ATOM   456  C CD2 . TYR A 1 58  ? 5.878   -3.817  5.207   1.00   6.36   ? 58   TYR A CD2 1 
ATOM   457  C CE1 . TYR A 1 58  ? 6.620   -3.711  2.558   1.00   7.06   ? 58   TYR A CE1 1 
ATOM   458  C CE2 . TYR A 1 58  ? 5.068   -4.365  4.238   1.00   6.84   ? 58   TYR A CE2 1 
ATOM   459  C CZ  . TYR A 1 58  ? 5.438   -4.320  2.909   1.00   7.01   ? 58   TYR A CZ  1 
ATOM   460  O OH  . TYR A 1 58  ? 4.602   -4.854  1.941   1.00   7.72   ? 58   TYR A OH  1 
ATOM   461  N N   . GLY A 1 59  ? 9.815   -2.136  8.276   1.00   7.14   ? 59   GLY A N   1 
ATOM   462  C CA  . GLY A 1 59  ? 10.680  -1.263  9.048   1.00   7.26   ? 59   GLY A CA  1 
ATOM   463  C C   . GLY A 1 59  ? 9.891   -0.580  10.129  1.00   7.26   ? 59   GLY A C   1 
ATOM   464  O O   . GLY A 1 59  ? 8.731   -0.918  10.365  1.00   7.84   ? 59   GLY A O   1 
ATOM   465  N N   . LYS A 1 60  ? 10.527  0.370   10.805  1.00   7.96   ? 60   LYS A N   1 
ATOM   466  C CA  . LYS A 1 60  ? 9.937   1.119   11.910  1.00   9.00   ? 60   LYS A CA  1 
ATOM   467  C C   . LYS A 1 60  ? 9.888   2.570   11.463  1.00   8.86   ? 60   LYS A C   1 
ATOM   468  O O   . LYS A 1 60  ? 10.916  3.176   11.185  1.00   9.39   ? 60   LYS A O   1 
ATOM   469  C CB  . LYS A 1 60  ? 10.776  0.941   13.174  1.00   9.60   ? 60   LYS A CB  1 
ATOM   470  C CG  . LYS A 1 60  ? 10.242  1.670   14.389  1.00   9.54   ? 60   LYS A CG  1 
ATOM   471  C CD  . LYS A 1 60  ? 10.988  1.261   15.646  1.00   12.57  ? 60   LYS A CD  1 
ATOM   472  C CE  . LYS A 1 60  ? 10.424  1.946   16.880  1.00   16.83  ? 60   LYS A CE  1 
ATOM   473  N NZ  . LYS A 1 60  ? 10.872  3.328   16.998  1.00   20.89  ? 60   LYS A NZ  1 
ATOM   474  N N   . GLY A 1 61  ? 8.692   3.130   11.379  1.00   8.21   ? 61   GLY A N   1 
ATOM   475  C CA  . GLY A 1 61  ? 8.527   4.432   10.727  1.00   8.57   ? 61   GLY A CA  1 
ATOM   476  C C   . GLY A 1 61  ? 8.793   4.316   9.238   1.00   8.47   ? 61   GLY A C   1 
ATOM   477  O O   . GLY A 1 61  ? 8.578   3.260   8.651   1.00   9.23   ? 61   GLY A O   1 
ATOM   478  N N   . GLY A 1 62  ? 9.257   5.400   8.632   1.00   8.28   ? 62   GLY A N   1 
ATOM   479  C CA  . GLY A 1 62  ? 9.560   5.432   7.205   1.00   8.74   ? 62   GLY A CA  1 
ATOM   480  C C   . GLY A 1 62  ? 8.472   6.090   6.366   1.00   8.11   ? 62   GLY A C   1 
ATOM   481  O O   . GLY A 1 62  ? 7.693   6.921   6.856   1.00   8.64   ? 62   GLY A O   1 
ATOM   482  N N   . CYS A 1 63  ? 8.434   5.701   5.095   1.00   8.11   ? 63   CYS A N   1 
ATOM   483  C CA  . CYS A 1 63  ? 7.550   6.319   4.117   1.00   8.00   ? 63   CYS A CA  1 
ATOM   484  C C   . CYS A 1 63  ? 6.966   5.259   3.209   1.00   8.05   ? 63   CYS A C   1 
ATOM   485  O O   . CYS A 1 63  ? 7.695   4.376   2.735   1.00   7.75   ? 63   CYS A O   1 
ATOM   486  C CB  . CYS A 1 63  ? 8.330   7.323   3.293   1.00   8.21   ? 63   CYS A CB  1 
ATOM   487  S SG  . CYS A 1 63  ? 7.272   8.342   2.197   1.00   10.62  ? 63   CYS A SG  1 
ATOM   488  N N   . ILE A 1 64  ? 5.666   5.352   2.965   1.00   7.95   ? 64   ILE A N   1 
ATOM   489  C CA  . ILE A 1 64  ? 4.998   4.528   1.968   1.00   8.03   ? 64   ILE A CA  1 
ATOM   490  C C   . ILE A 1 64  ? 4.657   5.414   0.770   1.00   7.79   ? 64   ILE A C   1 
ATOM   491  O O   . ILE A 1 64  ? 3.951   6.419   0.912   1.00   8.53   ? 64   ILE A O   1 
ATOM   492  C CB  . ILE A 1 64  ? 3.711   3.873   2.545   1.00   8.14   ? 64   ILE A CB  1 
ATOM   493  C CG1 . ILE A 1 64  ? 4.054   2.873   3.661   1.00   8.03   ? 64   ILE A CG1 1 
ATOM   494  C CG2 . ILE A 1 64  ? 2.898   3.178   1.452   1.00   9.03   ? 64   ILE A CG2 1 
ATOM   495  C CD1 . ILE A 1 64  ? 2.899   2.498   4.562   1.00   8.30   ? 64   ILE A CD1 1 
ATOM   496  N N   . TYR A 1 65  ? 5.150   5.022   -0.401  1.00   7.63   ? 65   TYR A N   1 
ATOM   497  C CA  . TYR A 1 65  ? 4.888   5.688   -1.679  1.00   7.57   ? 65   TYR A CA  1 
ATOM   498  C C   . TYR A 1 65  ? 4.078   4.748   -2.557  1.00   7.72   ? 65   TYR A C   1 
ATOM   499  O O   . TYR A 1 65  ? 4.344   3.537   -2.595  1.00   8.10   ? 65   TYR A O   1 
ATOM   500  C CB  . TYR A 1 65  ? 6.205   6.032   -2.380  1.00   8.14   ? 65   TYR A CB  1 
ATOM   501  C CG  . TYR A 1 65  ? 6.054   6.549   -3.787  1.00   8.18   ? 65   TYR A CG  1 
ATOM   502  C CD1 . TYR A 1 65  ? 5.938   5.681   -4.849  1.00   9.59   ? 65   TYR A CD1 1 
ATOM   503  C CD2 . TYR A 1 65  ? 6.038   7.913   -4.055  1.00   8.82   ? 65   TYR A CD2 1 
ATOM   504  C CE1 . TYR A 1 65  ? 5.804   6.155   -6.156  1.00   9.81   ? 65   TYR A CE1 1 
ATOM   505  C CE2 . TYR A 1 65  ? 5.893   8.390   -5.359  1.00   8.90   ? 65   TYR A CE2 1 
ATOM   506  C CZ  . TYR A 1 65  ? 5.780   7.507   -6.391  1.00   10.58  ? 65   TYR A CZ  1 
ATOM   507  O OH  . TYR A 1 65  ? 5.633   7.965   -7.696  1.00   12.51  ? 65   TYR A OH  1 
ATOM   508  N N   . LEU A 1 66  ? 3.103   5.293   -3.275  1.00   7.27   ? 66   LEU A N   1 
ATOM   509  C CA  . LEU A 1 66  ? 2.475   4.580   -4.398  1.00   7.55   ? 66   LEU A CA  1 
ATOM   510  C C   . LEU A 1 66  ? 1.771   5.559   -5.314  1.00   7.65   ? 66   LEU A C   1 
ATOM   511  O O   . LEU A 1 66  ? 1.549   6.729   -4.943  1.00   7.54   ? 66   LEU A O   1 
ATOM   512  C CB  . LEU A 1 66  ? 1.499   3.498   -3.912  1.00   7.73   ? 66   LEU A CB  1 
ATOM   513  C CG  . LEU A 1 66  ? 0.114   3.941   -3.437  1.00   9.81   ? 66   LEU A CG  1 
ATOM   514  C CD1 . LEU A 1 66  ? -0.799  2.722   -3.271  1.00   10.59  ? 66   LEU A CD1 1 
ATOM   515  C CD2 . LEU A 1 66  ? 0.198   4.706   -2.154  1.00   12.44  ? 66   LEU A CD2 1 
ATOM   516  N N   . GLN A 1 67  ? 1.429   5.067   -6.496  1.00   7.03   ? 67   GLN A N   1 
ATOM   517  C CA  . GLN A 1 67  ? 0.564   5.790   -7.428  1.00   8.24   ? 67   GLN A CA  1 
ATOM   518  C C   . GLN A 1 67  ? -0.796  5.094   -7.510  1.00   7.71   ? 67   GLN A C   1 
ATOM   519  O O   . GLN A 1 67  ? -0.873  3.860   -7.548  1.00   8.04   ? 67   GLN A O   1 
ATOM   520  C CB  . GLN A 1 67  ? 1.204   5.880   -8.814  1.00   8.64   ? 67   GLN A CB  1 
ATOM   521  C CG  . GLN A 1 67  ? 2.542   6.601   -8.805  1.00   9.77   ? 67   GLN A CG  1 
ATOM   522  C CD  . GLN A 1 67  ? 3.174   6.770   -10.171 1.00   12.16  ? 67   GLN A CD  1 
ATOM   523  O OE1 . GLN A 1 67  ? 4.350   7.166   -10.267 1.00   18.68  ? 67   GLN A OE1 1 
ATOM   524  N NE2 . GLN A 1 67  ? 2.436   6.448   -11.219 1.00   14.27  ? 67   GLN A NE2 1 
ATOM   525  N N   . VAL A 1 68  ? -1.854  5.903   -7.542  1.00   7.55   ? 68   VAL A N   1 
ATOM   526  C CA  . VAL A 1 68  ? -3.227  5.392   -7.606  1.00   7.90   ? 68   VAL A CA  1 
ATOM   527  C C   . VAL A 1 68  ? -3.996  6.105   -8.716  1.00   7.95   ? 68   VAL A C   1 
ATOM   528  O O   . VAL A 1 68  ? -3.844  7.320   -8.896  1.00   8.51   ? 68   VAL A O   1 
ATOM   529  C CB  . VAL A 1 68  ? -3.979  5.619   -6.288  1.00   8.30   ? 68   VAL A CB  1 
ATOM   530  C CG1 . VAL A 1 68  ? -5.355  4.951   -6.335  1.00   8.62   ? 68   VAL A CG1 1 
ATOM   531  C CG2 . VAL A 1 68  ? -3.169  5.082   -5.121  1.00   9.25   ? 68   VAL A CG2 1 
ATOM   532  N N   . LYS A 1 69  ? -4.826  5.344   -9.442  1.00   7.84   ? 69   LYS A N   1 
ATOM   533  C CA  . LYS A 1 69  ? -5.797  5.856   -10.412 1.00   8.51   ? 69   LYS A CA  1 
ATOM   534  C C   . LYS A 1 69  ? -7.105  5.183   -10.071 1.00   7.73   ? 69   LYS A C   1 
ATOM   535  O O   . LYS A 1 69  ? -7.167  3.960   -10.001 1.00   7.93   ? 69   LYS A O   1 
ATOM   536  C CB  . LYS A 1 69  ? -5.370  5.499   -11.843 1.00   8.89   ? 69   LYS A CB  1 
ATOM   537  C CG  . LYS A 1 69  ? -6.407  5.866   -12.894 1.00   9.23   ? 69   LYS A CG  1 
ATOM   538  C CD  . LYS A 1 69  ? -5.933  5.521   -14.297 1.00   11.21  ? 69   LYS A CD  1 
ATOM   539  C CE  . LYS A 1 69  ? -5.940  4.069   -14.577 1.00   14.93  ? 69   LYS A CE  1 
ATOM   540  N NZ  . LYS A 1 69  ? -5.566  3.808   -16.014 1.00   18.45  ? 69   LYS A NZ  1 
ATOM   541  N N   . THR A 1 70  ? -8.160  5.959   -9.853  1.00   7.89   ? 70   THR A N   1 
ATOM   542  C CA  . THR A 1 70  ? -9.448  5.389   -9.452  1.00   8.07   ? 70   THR A CA  1 
ATOM   543  C C   . THR A 1 70  ? -10.566 6.417   -9.473  1.00   8.08   ? 70   THR A C   1 
ATOM   544  O O   . THR A 1 70  ? -10.316 7.616   -9.331  1.00   8.16   ? 70   THR A O   1 
ATOM   545  C CB  . THR A 1 70  ? -9.355  4.778   -8.010  1.00   8.08   ? 70   THR A CB  1 
ATOM   546  O OG1 . THR A 1 70  ? -10.565 4.064   -7.705  1.00   7.83   ? 70   THR A OG1 1 
ATOM   547  C CG2 . THR A 1 70  ? -9.124  5.838   -6.961  1.00   7.68   ? 70   THR A CG2 1 
ATOM   548  N N   . GLU A 1 71  ? -11.800 5.923   -9.596  1.00   8.98   ? 71   GLU A N   1 
ATOM   549  C CA  . GLU A 1 71  ? -13.000 6.743   -9.443  1.00   9.92   ? 71   GLU A CA  1 
ATOM   550  C C   . GLU A 1 71  ? -13.589 6.723   -8.027  1.00   10.15  ? 71   GLU A C   1 
ATOM   551  O O   . GLU A 1 71  ? -14.552 7.433   -7.738  1.00   11.70  ? 71   GLU A O   1 
ATOM   552  C CB  . GLU A 1 71  ? -14.060 6.312   -10.459 1.00   10.47  ? 71   GLU A CB  1 
ATOM   553  C CG  A GLU A 1 71  ? -13.709 6.603   -11.903 0.50   11.04  ? 71   GLU A CG  1 
ATOM   554  C CG  B GLU A 1 71  ? -13.652 6.501   -11.911 0.50   12.09  ? 71   GLU A CG  1 
ATOM   555  C CD  A GLU A 1 71  ? -14.865 6.264   -12.821 0.50   12.58  ? 71   GLU A CD  1 
ATOM   556  C CD  B GLU A 1 71  ? -13.450 7.939   -12.274 0.50   15.62  ? 71   GLU A CD  1 
ATOM   557  O OE1 A GLU A 1 71  ? -15.815 7.070   -12.897 0.50   16.88  ? 71   GLU A OE1 1 
ATOM   558  O OE1 B GLU A 1 71  ? -14.236 8.783   -11.802 0.50   18.53  ? 71   GLU A OE1 1 
ATOM   559  O OE2 A GLU A 1 71  ? -14.836 5.173   -13.427 0.50   15.16  ? 71   GLU A OE2 1 
ATOM   560  O OE2 B GLU A 1 71  ? -12.499 8.242   -13.020 0.50   17.53  ? 71   GLU A OE2 1 
ATOM   561  N N   . THR A 1 72  ? -13.028 5.910   -7.131  1.00   8.79   ? 72   THR A N   1 
ATOM   562  C CA  . THR A 1 72  ? -13.445 5.916   -5.741  1.00   9.33   ? 72   THR A CA  1 
ATOM   563  C C   . THR A 1 72  ? -12.360 6.611   -4.877  1.00   8.83   ? 72   THR A C   1 
ATOM   564  O O   . THR A 1 72  ? -11.612 7.451   -5.369  1.00   9.36   ? 72   THR A O   1 
ATOM   565  C CB  . THR A 1 72  ? -13.858 4.493   -5.265  1.00   9.47   ? 72   THR A CB  1 
ATOM   566  O OG1 . THR A 1 72  ? -14.487 4.568   -3.977  1.00   10.05  ? 72   THR A OG1 1 
ATOM   567  C CG2 . THR A 1 72  ? -12.676 3.510   -5.212  1.00   9.19   ? 72   THR A CG2 1 
ATOM   568  N N   . GLU A 1 73  ? -12.330 6.305   -3.588  1.00   9.45   ? 73   GLU A N   1 
ATOM   569  C CA  . GLU A 1 73  ? -11.429 6.945   -2.639  1.00   9.88   ? 73   GLU A CA  1 
ATOM   570  C C   . GLU A 1 73  ? -11.273 6.014   -1.458  1.00   9.10   ? 73   GLU A C   1 
ATOM   571  O O   . GLU A 1 73  ? -12.015 5.034   -1.326  1.00   8.89   ? 73   GLU A O   1 
ATOM   572  C CB  . GLU A 1 73  ? -11.980 8.296   -2.191  1.00   10.08  ? 73   GLU A CB  1 
ATOM   573  C CG  . GLU A 1 73  ? -13.347 8.235   -1.513  1.00   13.04  ? 73   GLU A CG  1 
ATOM   574  C CD  . GLU A 1 73  ? -13.910 9.609   -1.201  1.00   17.37  ? 73   GLU A CD  1 
ATOM   575  O OE1 . GLU A 1 73  ? -13.866 10.494  -2.089  1.00   27.04  ? 73   GLU A OE1 1 
ATOM   576  O OE2 . GLU A 1 73  ? -14.396 9.813   -0.070  1.00   25.34  ? 73   GLU A OE2 1 
ATOM   577  N N   . GLY A 1 74  ? -10.349 6.329   -0.565  1.00   7.94   ? 74   GLY A N   1 
ATOM   578  C CA  . GLY A 1 74  ? -10.173 5.470   0.585   1.00   8.35   ? 74   GLY A CA  1 
ATOM   579  C C   . GLY A 1 74  ? -8.967  5.748   1.438   1.00   8.43   ? 74   GLY A C   1 
ATOM   580  O O   . GLY A 1 74  ? -8.461  6.857   1.462   1.00   8.44   ? 74   GLY A O   1 
ATOM   581  N N   . LEU A 1 75  ? -8.537  4.720   2.173   1.00   8.92   ? 75   LEU A N   1 
ATOM   582  C CA  . LEU A 1 75  ? -7.520  4.842   3.203   1.00   8.94   ? 75   LEU A CA  1 
ATOM   583  C C   . LEU A 1 75  ? -6.332  3.940   2.941   1.00   9.05   ? 75   LEU A C   1 
ATOM   584  O O   . LEU A 1 75  ? -6.457  2.866   2.345   1.00   8.85   ? 75   LEU A O   1 
ATOM   585  C CB  . LEU A 1 75  ? -8.117  4.475   4.559   1.00   10.39  ? 75   LEU A CB  1 
ATOM   586  C CG  . LEU A 1 75  ? -9.195  5.445   5.077   1.00   12.85  ? 75   LEU A CG  1 
ATOM   587  C CD1 . LEU A 1 75  ? -9.856  4.982   6.343   1.00   14.94  ? 75   LEU A CD1 1 
ATOM   588  C CD2 . LEU A 1 75  ? -8.629  6.820   5.305   1.00   15.89  ? 75   LEU A CD2 1 
ATOM   589  N N   . VAL A 1 76  ? -5.161  4.414   3.351   1.00   7.98   ? 76   VAL A N   1 
ATOM   590  C CA  . VAL A 1 76  ? -3.937  3.612   3.432   1.00   8.24   ? 76   VAL A CA  1 
ATOM   591  C C   . VAL A 1 76  ? -3.572  3.471   4.915   1.00   7.76   ? 76   VAL A C   1 
ATOM   592  O O   . VAL A 1 76  ? -3.617  4.435   5.688   1.00   8.24   ? 76   VAL A O   1 
ATOM   593  C CB  . VAL A 1 76  ? -2.801  4.247   2.614   1.00   8.28   ? 76   VAL A CB  1 
ATOM   594  C CG1 . VAL A 1 76  ? -1.542  3.397   2.661   1.00   9.42   ? 76   VAL A CG1 1 
ATOM   595  C CG2 . VAL A 1 76  ? -3.245  4.421   1.165   1.00   9.72   ? 76   VAL A CG2 1 
ATOM   596  N N   . LYS A 1 77  ? -3.263  2.241   5.312   1.00   7.19   ? 77   LYS A N   1 
ATOM   597  C CA  . LYS A 1 77  ? -3.009  1.918   6.708   1.00   7.76   ? 77   LYS A CA  1 
ATOM   598  C C   . LYS A 1 77  ? -1.823  0.965   6.802   1.00   6.68   ? 77   LYS A C   1 
ATOM   599  O O   . LYS A 1 77  ? -1.383  0.403   5.804   1.00   7.20   ? 77   LYS A O   1 
ATOM   600  C CB  . LYS A 1 77  ? -4.225  1.230   7.332   1.00   7.78   ? 77   LYS A CB  1 
ATOM   601  C CG  . LYS A 1 77  ? -5.563  1.942   7.155   1.00   9.40   ? 77   LYS A CG  1 
ATOM   602  C CD  . LYS A 1 77  ? -6.676  1.122   7.747   1.00   11.15  ? 77   LYS A CD  1 
ATOM   603  C CE  . LYS A 1 77  ? -8.056  1.749   7.642   1.00   13.47  ? 77   LYS A CE  1 
ATOM   604  N NZ  . LYS A 1 77  ? -8.906  1.131   8.673   1.00   20.31  ? 77   LYS A NZ  1 
ATOM   605  N N   . VAL A 1 78  ? -1.352  0.751   8.022   1.00   7.21   ? 78   VAL A N   1 
ATOM   606  C CA  . VAL A 1 78  ? -0.430  -0.342  8.331   1.00   6.90   ? 78   VAL A CA  1 
ATOM   607  C C   . VAL A 1 78  ? -1.052  -1.263  9.385   1.00   6.58   ? 78   VAL A C   1 
ATOM   608  O O   . VAL A 1 78  ? -1.896  -0.834  10.172  1.00   7.02   ? 78   VAL A O   1 
ATOM   609  C CB  . VAL A 1 78  ? 0.980   0.161   8.803   1.00   6.81   ? 78   VAL A CB  1 
ATOM   610  C CG1 . VAL A 1 78  ? 1.636   0.981   7.704   1.00   7.27   ? 78   VAL A CG1 1 
ATOM   611  C CG2 . VAL A 1 78  ? 0.897   0.940   10.084  1.00   7.98   ? 78   VAL A CG2 1 
ATOM   612  N N   . GLN A 1 79  ? -0.673  -2.539  9.350   1.00   6.41   ? 79   GLN A N   1 
ATOM   613  C CA  . GLN A 1 79  ? -1.027  -3.474  10.404  1.00   6.60   ? 79   GLN A CA  1 
ATOM   614  C C   . GLN A 1 79  ? 0.157   -4.423  10.647  1.00   6.55   ? 79   GLN A C   1 
ATOM   615  O O   . GLN A 1 79  ? 1.253   -4.218  10.119  1.00   7.15   ? 79   GLN A O   1 
ATOM   616  C CB  . GLN A 1 79  ? -2.340  -4.231  10.097  1.00   6.78   ? 79   GLN A CB  1 
ATOM   617  C CG  . GLN A 1 79  ? -2.201  -5.224  8.956   1.00   6.57   ? 79   GLN A CG  1 
ATOM   618  C CD  . GLN A 1 79  ? -3.417  -6.079  8.669   1.00   8.15   ? 79   GLN A CD  1 
ATOM   619  O OE1 . GLN A 1 79  ? -3.704  -6.365  7.509   1.00   8.24   ? 79   GLN A OE1 1 
ATOM   620  N NE2 . GLN A 1 79  ? -4.096  -6.561  9.718   1.00   11.49  ? 79   GLN A NE2 1 
ATOM   621  N N   . GLY A 1 80  ? -0.028  -5.434  11.483  1.00   6.26   ? 80   GLY A N   1 
ATOM   622  C CA  . GLY A 1 80  ? 1.088   -6.271  11.916  1.00   6.70   ? 80   GLY A CA  1 
ATOM   623  C C   . GLY A 1 80  ? 2.124   -5.443  12.656  1.00   6.91   ? 80   GLY A C   1 
ATOM   624  O O   . GLY A 1 80  ? 3.333   -5.651  12.499  1.00   8.31   ? 80   GLY A O   1 
ATOM   625  N N   . VAL A 1 81  ? 1.641   -4.518  13.482  1.00   6.81   ? 81   VAL A N   1 
ATOM   626  C CA  . VAL A 1 81  ? 2.508   -3.591  14.204  1.00   6.90   ? 81   VAL A CA  1 
ATOM   627  C C   . VAL A 1 81  ? 3.017   -4.235  15.492  1.00   6.75   ? 81   VAL A C   1 
ATOM   628  O O   . VAL A 1 81  ? 2.254   -4.800  16.277  1.00   6.53   ? 81   VAL A O   1 
ATOM   629  C CB  . VAL A 1 81  ? 1.770   -2.264  14.510  1.00   7.10   ? 81   VAL A CB  1 
ATOM   630  C CG1 . VAL A 1 81  ? 2.671   -1.271  15.241  1.00   7.64   ? 81   VAL A CG1 1 
ATOM   631  C CG2 . VAL A 1 81  ? 1.298   -1.632  13.205  1.00   7.94   ? 81   VAL A CG2 1 
ATOM   632  N N   . ARG A 1 82  ? 4.328   -4.171  15.700  1.00   7.03   ? 82   ARG A N   1 
ATOM   633  C CA  . ARG A 1 82  ? 4.942   -4.792  16.871  1.00   7.07   ? 82   ARG A CA  1 
ATOM   634  C C   . ARG A 1 82  ? 4.355   -4.145  18.112  1.00   8.41   ? 82   ARG A C   1 
ATOM   635  O O   . ARG A 1 82  ? 4.318   -2.838  18.244  1.00   7.44   ? 82   ARG A O   1 
ATOM   636  C CB  . ARG A 1 82  ? 6.459   -4.615  16.825  1.00   7.93   ? 82   ARG A CB  1 
ATOM   637  C CG  . ARG A 1 82  ? 7.281   -5.494  17.768  1.00   8.24   ? 82   ARG A CG  1 
ATOM   638  C CD  . ARG A 1 82  ? 8.741   -5.205  17.493  1.00   8.42   ? 82   ARG A CD  1 
ATOM   639  N NE  . ARG A 1 82  ? 9.613   -5.993  18.358  1.00   9.46   ? 82   ARG A NE  1 
ATOM   640  C CZ  . ARG A 1 82  ? 10.928  -6.016  18.247  1.00   9.33   ? 82   ARG A CZ  1 
ATOM   641  N NH1 . ARG A 1 82  ? 11.518  -5.311  17.312  1.00   9.42   ? 82   ARG A NH1 1 
ATOM   642  N NH2 . ARG A 1 82  ? 11.638  -6.738  19.098  1.00   10.69  ? 82   ARG A NH2 1 
ATOM   643  N N   . GLY A 1 83  ? 3.932   -4.985  19.043  1.00   6.87   ? 83   GLY A N   1 
ATOM   644  C CA  . GLY A 1 83  ? 3.303   -4.541  20.292  1.00   7.62   ? 83   GLY A CA  1 
ATOM   645  C C   . GLY A 1 83  ? 1.789   -4.671  20.301  1.00   7.42   ? 83   GLY A C   1 
ATOM   646  O O   . GLY A 1 83  ? 1.161   -4.544  21.332  1.00   7.48   ? 83   GLY A O   1 
ATOM   647  N N   . TYR A 1 84  ? 1.207   -4.946  19.140  1.00   7.08   ? 84   TYR A N   1 
ATOM   648  C CA  . TYR A 1 84  ? -0.258  -4.988  18.960  1.00   6.98   ? 84   TYR A CA  1 
ATOM   649  C C   . TYR A 1 84  ? -0.747  -6.328  18.437  1.00   7.32   ? 84   TYR A C   1 
ATOM   650  O O   . TYR A 1 84  ? 0.001   -7.108  17.876  1.00   7.42   ? 84   TYR A O   1 
ATOM   651  C CB  . TYR A 1 84  ? -0.704  -3.899  17.970  1.00   8.16   ? 84   TYR A CB  1 
ATOM   652  C CG  . TYR A 1 84  ? -0.522  -2.490  18.473  1.00   8.73   ? 84   TYR A CG  1 
ATOM   653  C CD1 . TYR A 1 84  ? 0.661   -1.823  18.285  1.00   10.71  ? 84   TYR A CD1 1 
ATOM   654  C CD2 . TYR A 1 84  ? -1.562  -1.815  19.120  1.00   7.99   ? 84   TYR A CD2 1 
ATOM   655  C CE1 . TYR A 1 84  ? 0.826   -0.516  18.749  1.00   11.50  ? 84   TYR A CE1 1 
ATOM   656  C CE2 . TYR A 1 84  ? -1.401  -0.528  19.570  1.00   9.55   ? 84   TYR A CE2 1 
ATOM   657  C CZ  . TYR A 1 84  ? -0.220  0.119   19.368  1.00   10.62  ? 84   TYR A CZ  1 
ATOM   658  O OH  . TYR A 1 84  ? -0.103  1.433   19.835  1.00   14.02  ? 84   TYR A OH  1 
ATOM   659  N N   . ASP A 1 85  ? -2.044  -6.562  18.574  1.00   7.72   ? 85   ASP A N   1 
ATOM   660  C CA  . ASP A 1 85  ? -2.698  -7.599  17.807  1.00   8.19   ? 85   ASP A CA  1 
ATOM   661  C C   . ASP A 1 85  ? -2.448  -7.313  16.319  1.00   7.69   ? 85   ASP A C   1 
ATOM   662  O O   . ASP A 1 85  ? -2.604  -6.167  15.874  1.00   7.31   ? 85   ASP A O   1 
ATOM   663  C CB  . ASP A 1 85  ? -4.188  -7.494  18.114  1.00   9.35   ? 85   ASP A CB  1 
ATOM   664  C CG  A ASP A 1 85  ? -4.847  -8.789  18.169  0.50   12.70  ? 85   ASP A CG  1 
ATOM   665  C CG  B ASP A 1 85  ? -4.652  -8.406  19.258  0.50   9.25   ? 85   ASP A CG  1 
ATOM   666  O OD1 A ASP A 1 85  ? -3.858  -9.178  19.834  0.50   9.91   ? 85   ASP A OD1 1 
ATOM   667  O OD1 B ASP A 1 85  ? -6.332  -8.164  17.433  0.0000 22.16  ? 85   ASP A OD1 1 
ATOM   668  O OD2 A ASP A 1 85  ? -5.028  -9.230  17.004  0.50   15.79  ? 85   ASP A OD2 1 
ATOM   669  O OD2 B ASP A 1 85  ? -5.827  -8.260  19.656  0.50   10.58  ? 85   ASP A OD2 1 
ATOM   670  N N   . GLU A 1 86  ? -2.115  -8.340  15.532  1.00   7.72   ? 86   GLU A N   1 
ATOM   671  C CA  . GLU A 1 86  ? -1.821  -8.111  14.121  1.00   8.43   ? 86   GLU A CA  1 
ATOM   672  C C   . GLU A 1 86  ? -2.996  -7.531  13.350  1.00   8.08   ? 86   GLU A C   1 
ATOM   673  O O   . GLU A 1 86  ? -2.802  -6.851  12.345  1.00   7.88   ? 86   GLU A O   1 
ATOM   674  C CB  . GLU A 1 86  ? -1.298  -9.376  13.435  1.00   8.72   ? 86   GLU A CB  1 
ATOM   675  C CG  . GLU A 1 86  ? -2.327  -10.472 13.300  1.00   8.78   ? 86   GLU A CG  1 
ATOM   676  C CD  . GLU A 1 86  ? -1.825  -11.684 12.554  1.00   11.12  ? 86   GLU A CD  1 
ATOM   677  O OE1 . GLU A 1 86  ? -1.079  -11.558 11.568  1.00   12.57  ? 86   GLU A OE1 1 
ATOM   678  O OE2 . GLU A 1 86  ? -2.207  -12.789 12.964  1.00   12.00  ? 86   GLU A OE2 1 
ATOM   679  N N   . THR A 1 87  ? -4.211  -7.788  13.817  1.00   8.81   ? 87   THR A N   1 
ATOM   680  C CA  . THR A 1 87  ? -5.422  -7.281  13.155  1.00   8.95   ? 87   THR A CA  1 
ATOM   681  C C   . THR A 1 87  ? -5.640  -5.783  13.338  1.00   9.33   ? 87   THR A C   1 
ATOM   682  O O   . THR A 1 87  ? -6.389  -5.169  12.574  1.00   10.56  ? 87   THR A O   1 
ATOM   683  C CB  . THR A 1 87  ? -6.674  -7.992  13.665  1.00   9.55   ? 87   THR A CB  1 
ATOM   684  O OG1 . THR A 1 87  ? -6.721  -7.893  15.100  1.00   12.12  ? 87   THR A OG1 1 
ATOM   685  C CG2 . THR A 1 87  ? -6.638  -9.455  13.280  1.00   10.98  ? 87   THR A CG2 1 
ATOM   686  N N   . GLU A 1 88  ? -5.039  -5.164  14.352  1.00   8.13   ? 88   GLU A N   1 
ATOM   687  C CA  . GLU A 1 88  ? -5.267  -3.734  14.559  1.00   8.19   ? 88   GLU A CA  1 
ATOM   688  C C   . GLU A 1 88  ? -4.556  -2.930  13.473  1.00   8.41   ? 88   GLU A C   1 
ATOM   689  O O   . GLU A 1 88  ? -3.381  -3.149  13.185  1.00   8.97   ? 88   GLU A O   1 
ATOM   690  C CB  . GLU A 1 88  ? -4.859  -3.277  15.981  1.00   7.97   ? 88   GLU A CB  1 
ATOM   691  C CG  . GLU A 1 88  ? -5.315  -1.846  16.287  1.00   8.13   ? 88   GLU A CG  1 
ATOM   692  C CD  . GLU A 1 88  ? -5.336  -1.484  17.751  1.00   9.78   ? 88   GLU A CD  1 
ATOM   693  O OE1 . GLU A 1 88  ? -4.938  -2.324  18.584  1.00   10.05  ? 88   GLU A OE1 1 
ATOM   694  O OE2 . GLU A 1 88  ? -5.781  -0.347  18.052  1.00   12.26  ? 88   GLU A OE2 1 
ATOM   695  N N   . ALA A 1 89  ? -5.295  -2.020  12.841  1.00   8.66   ? 89   ALA A N   1 
ATOM   696  C CA  . ALA A 1 89  ? -4.762  -1.218  11.742  1.00   8.69   ? 89   ALA A CA  1 
ATOM   697  C C   . ALA A 1 89  ? -4.679  0.260   12.125  1.00   9.49   ? 89   ALA A C   1 
ATOM   698  O O   . ALA A 1 89  ? -5.467  0.767   12.958  1.00   9.99   ? 89   ALA A O   1 
ATOM   699  C CB  . ALA A 1 89  ? -5.598  -1.388  10.497  1.00   9.70   ? 89   ALA A CB  1 
ATOM   700  N N   . PHE A 1 90  ? -3.698  0.943   11.545  1.00   8.81   ? 90   PHE A N   1 
ATOM   701  C CA  . PHE A 1 90  ? -3.413  2.339   11.853  1.00   9.23   ? 90   PHE A CA  1 
ATOM   702  C C   . PHE A 1 90  ? -3.374  3.156   10.581  1.00   9.37   ? 90   PHE A C   1 
ATOM   703  O O   . PHE A 1 90  ? -2.598  2.846   9.675   1.00   8.63   ? 90   PHE A O   1 
ATOM   704  C CB  . PHE A 1 90  ? -2.079  2.441   12.610  1.00   10.33  ? 90   PHE A CB  1 
ATOM   705  C CG  . PHE A 1 90  ? -2.058  1.621   13.860  1.00   9.60   ? 90   PHE A CG  1 
ATOM   706  C CD1 . PHE A 1 90  ? -1.747  0.275   13.824  1.00   11.23  ? 90   PHE A CD1 1 
ATOM   707  C CD2 . PHE A 1 90  ? -2.423  2.183   15.073  1.00   11.77  ? 90   PHE A CD2 1 
ATOM   708  C CE1 . PHE A 1 90  ? -1.780  -0.494  14.976  1.00   11.28  ? 90   PHE A CE1 1 
ATOM   709  C CE2 . PHE A 1 90  ? -2.453  1.403   16.223  1.00   11.79  ? 90   PHE A CE2 1 
ATOM   710  C CZ  . PHE A 1 90  ? -2.124  0.080   16.157  1.00   11.56  ? 90   PHE A CZ  1 
ATOM   711  N N   . ASN A 1 91  ? -4.190  4.205   10.519  1.00   10.26  ? 91   ASN A N   1 
ATOM   712  C CA  . ASN A 1 91  ? -4.301  5.002   9.318   1.00   10.79  ? 91   ASN A CA  1 
ATOM   713  C C   . ASN A 1 91  ? -3.039  5.831   9.134   1.00   10.92  ? 91   ASN A C   1 
ATOM   714  O O   . ASN A 1 91  ? -2.582  6.475   10.084  1.00   12.05  ? 91   ASN A O   1 
ATOM   715  C CB  . ASN A 1 91  ? -5.516  5.954   9.358   1.00   11.85  ? 91   ASN A CB  1 
ATOM   716  C CG  A ASN A 1 91  ? -6.774  5.363   8.658   0.50   17.55  ? 91   ASN A CG  1 
ATOM   717  C CG  B ASN A 1 91  ? -6.836  5.236   9.523   0.50   14.86  ? 91   ASN A CG  1 
ATOM   718  O OD1 A ASN A 1 91  ? -7.865  5.220   9.256   0.50   21.15  ? 91   ASN A OD1 1 
ATOM   719  O OD1 B ASN A 1 91  ? -7.903  5.902   9.635   0.50   15.28  ? 91   ASN A OD1 1 
ATOM   720  N ND2 A ASN A 1 91  ? -6.636  5.091   7.363   0.50   18.27  ? 91   ASN A ND2 1 
ATOM   721  N ND2 B ASN A 1 91  ? -6.810  3.910   9.579   0.50   12.96  ? 91   ASN A ND2 1 
ATOM   722  N N   . VAL A 1 92  ? -2.505  5.841   7.915   1.00   9.75   ? 92   VAL A N   1 
ATOM   723  C CA  . VAL A 1 92  ? -1.364  6.686   7.561   1.00   10.18  ? 92   VAL A CA  1 
ATOM   724  C C   . VAL A 1 92  ? -1.682  7.714   6.481   1.00   9.77   ? 92   VAL A C   1 
ATOM   725  O O   . VAL A 1 92  ? -0.912  8.653   6.276   1.00   10.68  ? 92   VAL A O   1 
ATOM   726  C CB  . VAL A 1 92  ? -0.101  5.871   7.161   1.00   10.18  ? 92   VAL A CB  1 
ATOM   727  C CG1 . VAL A 1 92  ? 0.348   4.996   8.318   1.00   11.91  ? 92   VAL A CG1 1 
ATOM   728  C CG2 . VAL A 1 92  ? -0.308  5.064   5.891   1.00   10.83  ? 92   VAL A CG2 1 
ATOM   729  N N   . GLY A 1 93  ? -2.813  7.570   5.797   1.00   9.78   ? 93   GLY A N   1 
ATOM   730  C CA  . GLY A 1 93  ? -3.176  8.550   4.777   1.00   10.14  ? 93   GLY A CA  1 
ATOM   731  C C   . GLY A 1 93  ? -4.431  8.180   4.038   1.00   9.93   ? 93   GLY A C   1 
ATOM   732  O O   . GLY A 1 93  ? -5.058  7.179   4.372   1.00   9.89   ? 93   GLY A O   1 
ATOM   733  N N   . SER A 1 94  ? -4.815  9.021   3.075   1.00   10.44  ? 94   SER A N   1 
ATOM   734  C CA  . SER A 1 94  ? -5.996  8.777   2.252   1.00   10.46  ? 94   SER A CA  1 
ATOM   735  C C   . SER A 1 94  ? -5.645  8.962   0.796   1.00   9.97   ? 94   SER A C   1 
ATOM   736  O O   . SER A 1 94  ? -4.697  9.685   0.482   1.00   11.40  ? 94   SER A O   1 
ATOM   737  C CB  . SER A 1 94  ? -7.122  9.724   2.624   1.00   10.91  ? 94   SER A CB  1 
ATOM   738  O OG  . SER A 1 94  ? -6.750  11.056  2.388   1.00   14.64  ? 94   SER A OG  1 
ATOM   739  N N   . PHE A 1 95  ? -6.392  8.298   -0.082  1.00   9.07   ? 95   PHE A N   1 
ATOM   740  C CA  . PHE A 1 95  ? -6.297  8.561   -1.516  1.00   8.79   ? 95   PHE A CA  1 
ATOM   741  C C   . PHE A 1 95  ? -7.665  9.026   -1.978  1.00   8.61   ? 95   PHE A C   1 
ATOM   742  O O   . PHE A 1 95  ? -8.668  8.773   -1.309  1.00   9.16   ? 95   PHE A O   1 
ATOM   743  C CB  . PHE A 1 95  ? -5.804  7.342   -2.329  1.00   8.95   ? 95   PHE A CB  1 
ATOM   744  C CG  . PHE A 1 95  ? -6.693  6.147   -2.235  1.00   8.54   ? 95   PHE A CG  1 
ATOM   745  C CD1 . PHE A 1 95  ? -6.540  5.241   -1.193  1.00   9.17   ? 95   PHE A CD1 1 
ATOM   746  C CD2 . PHE A 1 95  ? -7.698  5.926   -3.158  1.00   10.27  ? 95   PHE A CD2 1 
ATOM   747  C CE1 . PHE A 1 95  ? -7.354  4.158   -1.087  1.00   9.04   ? 95   PHE A CE1 1 
ATOM   748  C CE2 . PHE A 1 95  ? -8.525  4.830   -3.051  1.00   8.25   ? 95   PHE A CE2 1 
ATOM   749  C CZ  . PHE A 1 95  ? -8.349  3.934   -2.016  1.00   8.82   ? 95   PHE A CZ  1 
ATOM   750  N N   . ARG A 1 96  ? -7.683  9.680   -3.134  1.00   7.95   ? 96   ARG A N   1 
ATOM   751  C CA  . ARG A 1 96  ? -8.919  10.269  -3.675  1.00   7.98   ? 96   ARG A CA  1 
ATOM   752  C C   . ARG A 1 96  ? -9.054  9.931   -5.160  1.00   7.94   ? 96   ARG A C   1 
ATOM   753  O O   . ARG A 1 96  ? -8.197  9.263   -5.727  1.00   8.30   ? 96   ARG A O   1 
ATOM   754  C CB  . ARG A 1 96  ? -8.976  11.771  -3.391  1.00   8.61   ? 96   ARG A CB  1 
ATOM   755  C CG  . ARG A 1 96  ? -7.710  12.548  -3.699  1.00   8.18   ? 96   ARG A CG  1 
ATOM   756  C CD  . ARG A 1 96  ? -7.453  12.707  -5.184  1.00   7.80   ? 96   ARG A CD  1 
ATOM   757  N NE  . ARG A 1 96  ? -6.291  13.581  -5.424  1.00   7.19   ? 96   ARG A NE  1 
ATOM   758  C CZ  . ARG A 1 96  ? -5.969  14.064  -6.621  1.00   8.67   ? 96   ARG A CZ  1 
ATOM   759  N NH1 . ARG A 1 96  ? -6.720  13.795  -7.679  1.00   9.58   ? 96   ARG A NH1 1 
ATOM   760  N NH2 . ARG A 1 96  ? -4.903  14.852  -6.765  1.00   8.99   ? 96   ARG A NH2 1 
ATOM   761  N N   . SER A 1 97  ? -10.126 10.378  -5.801  1.00   8.19   ? 97   SER A N   1 
ATOM   762  C CA  . SER A 1 97  ? -10.350 10.026  -7.207  1.00   8.95   ? 97   SER A CA  1 
ATOM   763  C C   . SER A 1 97  ? -9.371  10.779  -8.093  1.00   9.07   ? 97   SER A C   1 
ATOM   764  O O   . SER A 1 97  ? -9.072  11.962  -7.862  1.00   9.19   ? 97   SER A O   1 
ATOM   765  C CB  . SER A 1 97  ? -11.816 10.283  -7.652  1.00   10.11  ? 97   SER A CB  1 
ATOM   766  O OG  A SER A 1 97  ? -12.652 9.669   -6.684  0.50   9.26   ? 97   SER A OG  1 
ATOM   767  O OG  B SER A 1 97  ? -11.785 10.705  -8.993  0.50   12.98  ? 97   SER A OG  1 
ATOM   768  N N   . SER A 1 98  ? -8.878  10.088  -9.110  1.00   8.61   ? 98   SER A N   1 
ATOM   769  C CA  . SER A 1 98  ? -8.042  10.711  -10.126 1.00   9.38   ? 98   SER A CA  1 
ATOM   770  C C   . SER A 1 98  ? -8.173  10.016  -11.446 1.00   9.79   ? 98   SER A C   1 
ATOM   771  O O   . SER A 1 98  ? -8.272  8.799   -11.503 1.00   10.19  ? 98   SER A O   1 
ATOM   772  C CB  . SER A 1 98  ? -6.583  10.762  -9.703  1.00   9.37   ? 98   SER A CB  1 
ATOM   773  O OG  . SER A 1 98  ? -5.997  9.472   -9.573  1.00   9.67   ? 98   SER A OG  1 
ATOM   774  N N   . SER A 1 99  ? -8.183  10.820  -12.509 1.00   10.35  ? 99   SER A N   1 
ATOM   775  C CA  . SER A 1 99  ? -8.315  10.335  -13.872 1.00   11.38  ? 99   SER A CA  1 
ATOM   776  C C   . SER A 1 99  ? -7.090  9.552   -14.367 1.00   11.57  ? 99   SER A C   1 
ATOM   777  O O   . SER A 1 99  ? -7.224  8.600   -15.166 1.00   13.31  ? 99   SER A O   1 
ATOM   778  C CB  . SER A 1 99  ? -8.677  11.548  -14.772 1.00   12.43  ? 99   SER A CB  1 
ATOM   779  O OG  A SER A 1 99  ? -10.077 11.695  -14.627 0.50   14.64  ? 99   SER A OG  1 
ATOM   780  O OG  B SER A 1 99  ? -7.490  12.214  -15.110 0.50   12.82  ? 99   SER A OG  1 
ATOM   781  N N   . ASP A 1 100 ? -5.912  9.940   -13.898 1.00   11.88  ? 100  ASP A N   1 
ATOM   782  C CA  . ASP A 1 100 ? -4.658  9.245   -14.202 1.00   11.71  ? 100  ASP A CA  1 
ATOM   783  C C   . ASP A 1 100 ? -3.962  8.944   -12.893 1.00   11.15  ? 100  ASP A C   1 
ATOM   784  O O   . ASP A 1 100 ? -4.456  9.296   -11.822 1.00   11.31  ? 100  ASP A O   1 
ATOM   785  C CB  . ASP A 1 100 ? -3.754  10.103  -15.105 1.00   12.74  ? 100  ASP A CB  1 
ATOM   786  C CG  . ASP A 1 100 ? -2.828  9.265   -16.005 1.00   15.09  ? 100  ASP A CG  1 
ATOM   787  O OD1 . ASP A 1 100 ? -2.536  8.077   -15.703 1.00   17.86  ? 100  ASP A OD1 1 
ATOM   788  O OD2 . ASP A 1 100 ? -2.378  9.811   -17.046 1.00   21.50  ? 100  ASP A OD2 1 
ATOM   789  N N   . PHE A 1 101 ? -2.826  8.265   -12.976 1.00   10.09  ? 101  PHE A N   1 
ATOM   790  C CA  . PHE A 1 101 ? -2.059  7.923   -11.779 1.00   10.33  ? 101  PHE A CA  1 
ATOM   791  C C   . PHE A 1 101 ? -1.556  9.157   -11.040 1.00   10.79  ? 101  PHE A C   1 
ATOM   792  O O   . PHE A 1 101 ? -0.952  10.058  -11.633 1.00   12.80  ? 101  PHE A O   1 
ATOM   793  C CB  . PHE A 1 101 ? -0.915  6.962   -12.152 1.00   10.53  ? 101  PHE A CB  1 
ATOM   794  C CG  . PHE A 1 101 ? -1.409  5.581   -12.467 1.00   9.25   ? 101  PHE A CG  1 
ATOM   795  C CD1 . PHE A 1 101 ? -1.642  4.669   -11.457 1.00   10.30  ? 101  PHE A CD1 1 
ATOM   796  C CD2 . PHE A 1 101 ? -1.739  5.221   -13.760 1.00   10.82  ? 101  PHE A CD2 1 
ATOM   797  C CE1 . PHE A 1 101 ? -2.159  3.416   -11.733 1.00   10.97  ? 101  PHE A CE1 1 
ATOM   798  C CE2 . PHE A 1 101 ? -2.245  3.975   -14.042 1.00   11.98  ? 101  PHE A CE2 1 
ATOM   799  C CZ  . PHE A 1 101 ? -2.463  3.068   -13.024 1.00   10.78  ? 101  PHE A CZ  1 
ATOM   800  N N   . THR A 1 102 ? -1.854  9.196   -9.748  1.00   9.89   ? 102  THR A N   1 
ATOM   801  C CA  . THR A 1 102 ? -1.470  10.278  -8.837  1.00   9.79   ? 102  THR A CA  1 
ATOM   802  C C   . THR A 1 102 ? -0.492  9.712   -7.801  1.00   9.06   ? 102  THR A C   1 
ATOM   803  O O   . THR A 1 102 ? -0.720  8.633   -7.253  1.00   8.39   ? 102  THR A O   1 
ATOM   804  C CB  . THR A 1 102 ? -2.721  10.786  -8.101  1.00   10.36  ? 102  THR A CB  1 
ATOM   805  O OG1 . THR A 1 102 ? -3.694  11.210  -9.068  1.00   12.63  ? 102  THR A OG1 1 
ATOM   806  C CG2 . THR A 1 102 ? -2.434  11.909  -7.128  1.00   10.38  ? 102  THR A CG2 1 
ATOM   807  N N   . GLU A 1 103 ? 0.598   10.432  -7.536  1.00   9.00   ? 103  GLU A N   1 
ATOM   808  C CA  . GLU A 1 103 ? 1.570   10.034  -6.538  1.00   9.93   ? 103  GLU A CA  1 
ATOM   809  C C   . GLU A 1 103 ? 1.109   10.411  -5.144  1.00   9.24   ? 103  GLU A C   1 
ATOM   810  O O   . GLU A 1 103 ? 0.577   11.518  -4.933  1.00   10.17  ? 103  GLU A O   1 
ATOM   811  C CB  . GLU A 1 103 ? 2.912   10.747  -6.771  1.00   10.28  ? 103  GLU A CB  1 
ATOM   812  C CG  . GLU A 1 103 ? 3.528   10.550  -8.144  1.00   12.48  ? 103  GLU A CG  1 
ATOM   813  C CD  . GLU A 1 103 ? 4.892   11.218  -8.250  1.00   14.56  ? 103  GLU A CD  1 
ATOM   814  O OE1 . GLU A 1 103 ? 4.947   12.412  -8.619  1.00   18.80  ? 103  GLU A OE1 1 
ATOM   815  O OE2 . GLU A 1 103 ? 5.898   10.551  -7.991  1.00   17.11  ? 103  GLU A OE2 1 
ATOM   816  N N   . TYR A 1 104 ? 1.347   9.513   -4.190  1.00   8.35   ? 104  TYR A N   1 
ATOM   817  C CA  . TYR A 1 104 ? 1.132   9.765   -2.783  1.00   8.86   ? 104  TYR A CA  1 
ATOM   818  C C   . TYR A 1 104 ? 2.354   9.316   -1.986  1.00   8.83   ? 104  TYR A C   1 
ATOM   819  O O   . TYR A 1 104 ? 2.953   8.274   -2.299  1.00   8.36   ? 104  TYR A O   1 
ATOM   820  C CB  . TYR A 1 104 ? -0.068  8.963   -2.285  1.00   8.68   ? 104  TYR A CB  1 
ATOM   821  C CG  . TYR A 1 104 ? -1.408  9.311   -2.914  1.00   7.94   ? 104  TYR A CG  1 
ATOM   822  C CD1 . TYR A 1 104 ? -1.821  8.730   -4.110  1.00   8.22   ? 104  TYR A CD1 1 
ATOM   823  C CD2 . TYR A 1 104 ? -2.276  10.209  -2.301  1.00   8.25   ? 104  TYR A CD2 1 
ATOM   824  C CE1 . TYR A 1 104 ? -3.041  9.056   -4.689  1.00   8.53   ? 104  TYR A CE1 1 
ATOM   825  C CE2 . TYR A 1 104 ? -3.501  10.522  -2.870  1.00   7.30   ? 104  TYR A CE2 1 
ATOM   826  C CZ  . TYR A 1 104 ? -3.874  9.944   -4.063  1.00   8.64   ? 104  TYR A CZ  1 
ATOM   827  O OH  . TYR A 1 104 ? -5.113  10.224  -4.624  1.00   8.76   ? 104  TYR A OH  1 
ATOM   828  N N   . LYS A 1 105 ? 2.682   10.073  -0.948  1.00   9.17   ? 105  LYS A N   1 
ATOM   829  C CA  . LYS A 1 105 ? 3.690   9.700   0.047   1.00   10.46  ? 105  LYS A CA  1 
ATOM   830  C C   . LYS A 1 105 ? 3.072   9.839   1.425   1.00   10.75  ? 105  LYS A C   1 
ATOM   831  O O   . LYS A 1 105 ? 2.539   10.900  1.750   1.00   11.71  ? 105  LYS A O   1 
ATOM   832  C CB  . LYS A 1 105 ? 4.896   10.632  -0.012  1.00   11.14  ? 105  LYS A CB  1 
ATOM   833  C CG  . LYS A 1 105 ? 5.806   10.392  -1.176  1.00   13.01  ? 105  LYS A CG  1 
ATOM   834  C CD  . LYS A 1 105 ? 7.137   11.120  -1.033  1.00   13.93  ? 105  LYS A CD  1 
ATOM   835  C CE  . LYS A 1 105 ? 6.979   12.634  -0.964  1.00   14.87  ? 105  LYS A CE  1 
ATOM   836  N NZ  . LYS A 1 105 ? 8.283   13.363  -1.072  1.00   16.05  ? 105  LYS A NZ  1 
ATOM   837  N N   . PHE A 1 106 ? 3.147   8.785   2.232   1.00   9.66   ? 106  PHE A N   1 
ATOM   838  C CA  . PHE A 1 106 ? 2.557   8.756   3.577   1.00   10.32  ? 106  PHE A CA  1 
ATOM   839  C C   . PHE A 1 106 ? 3.642   8.490   4.615   1.00   10.35  ? 106  PHE A C   1 
ATOM   840  O O   . PHE A 1 106 ? 4.374   7.519   4.514   1.00   9.47   ? 106  PHE A O   1 
ATOM   841  C CB  . PHE A 1 106 ? 1.462   7.702   3.702   1.00   11.59  ? 106  PHE A CB  1 
ATOM   842  C CG  . PHE A 1 106 ? 0.388   7.794   2.638   1.00   10.97  ? 106  PHE A CG  1 
ATOM   843  C CD1 . PHE A 1 106 ? -0.446  8.889   2.579   1.00   13.25  ? 106  PHE A CD1 1 
ATOM   844  C CD2 . PHE A 1 106 ? 0.242   6.797   1.704   1.00   12.81  ? 106  PHE A CD2 1 
ATOM   845  C CE1 . PHE A 1 106 ? -1.437  8.976   1.604   1.00   13.88  ? 106  PHE A CE1 1 
ATOM   846  C CE2 . PHE A 1 106 ? -0.739  6.884   0.734   1.00   14.40  ? 106  PHE A CE2 1 
ATOM   847  C CZ  . PHE A 1 106 ? -1.578  7.963   0.701   1.00   13.27  ? 106  PHE A CZ  1 
ATOM   848  N N   . GLU A 1 107 ? 3.748   9.357   5.611   1.00   10.56  ? 107  GLU A N   1 
ATOM   849  C CA  . GLU A 1 107 ? 4.684   9.166   6.699   1.00   11.74  ? 107  GLU A CA  1 
ATOM   850  C C   . GLU A 1 107 ? 4.145   8.127   7.667   1.00   11.64  ? 107  GLU A C   1 
ATOM   851  O O   . GLU A 1 107 ? 2.989   8.209   8.109   1.00   13.36  ? 107  GLU A O   1 
ATOM   852  C CB  . GLU A 1 107 ? 4.898   10.493  7.444   1.00   12.01  ? 107  GLU A CB  1 
ATOM   853  C CG  . GLU A 1 107 ? 5.438   11.603  6.545   1.00   13.67  ? 107  GLU A CG  1 
ATOM   854  C CD  . GLU A 1 107 ? 5.695   12.926  7.262   1.00   16.23  ? 107  GLU A CD  1 
ATOM   855  O OE1 . GLU A 1 107 ? 5.366   13.039  8.460   1.00   23.62  ? 107  GLU A OE1 1 
ATOM   856  O OE2 . GLU A 1 107 ? 6.201   13.862  6.601   1.00   21.33  ? 107  GLU A OE2 1 
ATOM   857  N N   . VAL A 1 108 ? 4.973   7.142   7.992   1.00   10.86  ? 108  VAL A N   1 
ATOM   858  C CA  . VAL A 1 108 ? 4.623   6.158   9.001   1.00   11.84  ? 108  VAL A CA  1 
ATOM   859  C C   . VAL A 1 108 ? 5.200   6.633   10.330  1.00   11.68  ? 108  VAL A C   1 
ATOM   860  O O   . VAL A 1 108 ? 6.401   6.917   10.434  1.00   11.59  ? 108  VAL A O   1 
ATOM   861  C CB  . VAL A 1 108 ? 5.164   4.754   8.634   1.00   11.59  ? 108  VAL A CB  1 
ATOM   862  C CG1 . VAL A 1 108 ? 4.830   3.720   9.714   1.00   12.97  ? 108  VAL A CG1 1 
ATOM   863  C CG2 . VAL A 1 108 ? 4.615   4.296   7.284   1.00   12.13  ? 108  VAL A CG2 1 
ATOM   864  N N   . ASP A 1 109 ? 4.341   6.725   11.338  1.00   13.68  ? 109  ASP A N   1 
ATOM   865  C CA  . ASP A 1 109 ? 4.783   7.139   12.663  1.00   13.85  ? 109  ASP A CA  1 
ATOM   866  C C   . ASP A 1 109 ? 5.954   6.291   13.134  1.00   13.67  ? 109  ASP A C   1 
ATOM   867  O O   . ASP A 1 109 ? 5.955   5.082   12.934  1.00   12.68  ? 109  ASP A O   1 
ATOM   868  C CB  . ASP A 1 109 ? 3.632   7.014   13.666  1.00   14.53  ? 109  ASP A CB  1 
ATOM   869  C CG  . ASP A 1 109 ? 3.919   7.749   14.963  1.00   18.01  ? 109  ASP A CG  1 
ATOM   870  O OD1 . ASP A 1 109 ? 4.793   7.284   15.725  1.00   23.46  ? 109  ASP A OD1 1 
ATOM   871  O OD2 . ASP A 1 109 ? 3.288   8.806   15.197  1.00   26.62  ? 109  ASP A OD2 1 
ATOM   872  N N   . ASP A 1 110 ? 6.944   6.896   13.797  1.00   14.36  ? 110  ASP A N   1 
ATOM   873  C CA  . ASP A 1 110 ? 8.105   6.138   14.255  1.00   15.12  ? 110  ASP A CA  1 
ATOM   874  C C   . ASP A 1 110 ? 7.779   5.085   15.297  1.00   14.52  ? 110  ASP A C   1 
ATOM   875  O O   . ASP A 1 110 ? 8.585   4.191   15.525  1.00   15.49  ? 110  ASP A O   1 
ATOM   876  C CB  . ASP A 1 110 ? 9.208   7.053   14.814  1.00   15.91  ? 110  ASP A CB  1 
ATOM   877  C CG  . ASP A 1 110 ? 9.955   7.781   13.730  1.00   19.39  ? 110  ASP A CG  1 
ATOM   878  O OD1 . ASP A 1 110 ? 10.291  7.158   12.701  1.00   21.41  ? 110  ASP A OD1 1 
ATOM   879  O OD2 . ASP A 1 110 ? 10.212  8.989   13.909  1.00   26.64  ? 110  ASP A OD2 1 
ATOM   880  N N   . GLU A 1 111 ? 6.596   5.183   15.909  1.00   14.41  ? 111  GLU A N   1 
ATOM   881  C CA  . GLU A 1 111 ? 6.135   4.212   16.891  1.00   14.76  ? 111  GLU A CA  1 
ATOM   882  C C   . GLU A 1 111 ? 5.751   2.879   16.259  1.00   13.10  ? 111  GLU A C   1 
ATOM   883  O O   . GLU A 1 111 ? 5.559   1.897   16.975  1.00   13.64  ? 111  GLU A O   1 
ATOM   884  C CB  . GLU A 1 111 ? 4.913   4.760   17.661  1.00   15.97  ? 111  GLU A CB  1 
ATOM   885  C CG  . GLU A 1 111 ? 5.244   5.731   18.782  1.00   21.54  ? 111  GLU A CG  1 
ATOM   886  C CD  . GLU A 1 111 ? 5.660   7.096   18.301  1.00   26.94  ? 111  GLU A CD  1 
ATOM   887  O OE1 . GLU A 1 111 ? 4.831   7.774   17.659  1.00   31.62  ? 111  GLU A OE1 1 
ATOM   888  O OE2 . GLU A 1 111 ? 6.817   7.498   18.560  1.00   30.86  ? 111  GLU A OE2 1 
ATOM   889  N N   . TYR A 1 112 ? 5.574   2.839   14.938  1.00   11.01  ? 112  TYR A N   1 
ATOM   890  C CA  . TYR A 1 112 ? 5.015   1.657   14.269  1.00   10.19  ? 112  TYR A CA  1 
ATOM   891  C C   . TYR A 1 112 ? 6.049   0.896   13.465  1.00   8.47   ? 112  TYR A C   1 
ATOM   892  O O   . TYR A 1 112 ? 6.561   1.388   12.469  1.00   8.47   ? 112  TYR A O   1 
ATOM   893  C CB  . TYR A 1 112 ? 3.882   2.053   13.322  1.00   11.69  ? 112  TYR A CB  1 
ATOM   894  C CG  . TYR A 1 112 ? 2.723   2.784   13.961  1.00   13.58  ? 112  TYR A CG  1 
ATOM   895  C CD1 . TYR A 1 112 ? 2.379   2.554   15.292  1.00   15.14  ? 112  TYR A CD1 1 
ATOM   896  C CD2 . TYR A 1 112 ? 1.968   3.688   13.235  1.00   16.57  ? 112  TYR A CD2 1 
ATOM   897  C CE1 . TYR A 1 112 ? 1.315   3.214   15.891  1.00   16.17  ? 112  TYR A CE1 1 
ATOM   898  C CE2 . TYR A 1 112 ? 0.880   4.360   13.842  1.00   15.66  ? 112  TYR A CE2 1 
ATOM   899  C CZ  . TYR A 1 112 ? 0.587   4.107   15.163  1.00   15.93  ? 112  TYR A CZ  1 
ATOM   900  O OH  . TYR A 1 112 ? -0.476  4.747   15.800  1.00   18.97  ? 112  TYR A OH  1 
ATOM   901  N N   . GLN A 1 113 ? 6.346   -0.312  13.930  1.00   6.89   ? 113  GLN A N   1 
ATOM   902  C CA  . GLN A 1 113 ? 7.168   -1.260  13.197  1.00   7.13   ? 113  GLN A CA  1 
ATOM   903  C C   . GLN A 1 113 ? 6.231   -2.340  12.665  1.00   6.84   ? 113  GLN A C   1 
ATOM   904  O O   . GLN A 1 113 ? 5.607   -3.052  13.439  1.00   6.81   ? 113  GLN A O   1 
ATOM   905  C CB  . GLN A 1 113 ? 8.238   -1.831  14.129  1.00   6.70   ? 113  GLN A CB  1 
ATOM   906  C CG  . GLN A 1 113 ? 9.207   -2.749  13.435  1.00   7.07   ? 113  GLN A CG  1 
ATOM   907  C CD  . GLN A 1 113 ? 10.353  -3.150  14.315  1.00   8.08   ? 113  GLN A CD  1 
ATOM   908  O OE1 . GLN A 1 113 ? 10.230  -3.153  15.552  1.00   8.77   ? 113  GLN A OE1 1 
ATOM   909  N NE2 . GLN A 1 113 ? 11.468  -3.509  13.701  1.00   9.42   ? 113  GLN A NE2 1 
ATOM   910  N N   . PHE A 1 114 ? 6.097   -2.423  11.350  1.00   6.52   ? 114  PHE A N   1 
ATOM   911  C CA  . PHE A 1 114 ? 4.920   -3.062  10.736  1.00   6.42   ? 114  PHE A CA  1 
ATOM   912  C C   . PHE A 1 114 ? 5.277   -3.999  9.590   1.00   6.60   ? 114  PHE A C   1 
ATOM   913  O O   . PHE A 1 114 ? 6.345   -3.843  8.984   1.00   6.08   ? 114  PHE A O   1 
ATOM   914  C CB  . PHE A 1 114 ? 3.947   -1.968  10.231  1.00   6.90   ? 114  PHE A CB  1 
ATOM   915  C CG  . PHE A 1 114 ? 4.469   -1.206  9.042   1.00   6.03   ? 114  PHE A CG  1 
ATOM   916  C CD1 . PHE A 1 114 ? 5.401   -0.182  9.202   1.00   6.81   ? 114  PHE A CD1 1 
ATOM   917  C CD2 . PHE A 1 114 ? 4.096   -1.563  7.751   1.00   6.10   ? 114  PHE A CD2 1 
ATOM   918  C CE1 . PHE A 1 114 ? 5.914   0.498   8.116   1.00   7.00   ? 114  PHE A CE1 1 
ATOM   919  C CE2 . PHE A 1 114 ? 4.605   -0.893  6.647   1.00   6.92   ? 114  PHE A CE2 1 
ATOM   920  C CZ  . PHE A 1 114 ? 5.533   0.138   6.834   1.00   7.11   ? 114  PHE A CZ  1 
ATOM   921  N N   . ASP A 1 115 ? 4.390   -4.954  9.299   1.00   6.29   ? 115  ASP A N   1 
ATOM   922  C CA  . ASP A 1 115 ? 4.667   -5.980  8.290   1.00   6.64   ? 115  ASP A CA  1 
ATOM   923  C C   . ASP A 1 115 ? 3.696   -5.974  7.102   1.00   6.04   ? 115  ASP A C   1 
ATOM   924  O O   . ASP A 1 115 ? 3.856   -6.791  6.199   1.00   6.81   ? 115  ASP A O   1 
ATOM   925  C CB  . ASP A 1 115 ? 4.695   -7.383  8.902   1.00   7.36   ? 115  ASP A CB  1 
ATOM   926  C CG  . ASP A 1 115 ? 3.336   -7.889  9.287   1.00   7.93   ? 115  ASP A CG  1 
ATOM   927  O OD1 . ASP A 1 115 ? 2.367   -7.156  9.058   1.00   8.37   ? 115  ASP A OD1 1 
ATOM   928  O OD2 . ASP A 1 115 ? 3.245   -9.029  9.814   1.00   9.48   ? 115  ASP A OD2 1 
ATOM   929  N N   . ARG A 1 116 ? 2.721   -5.064  7.099   1.00   6.74   ? 116  ARG A N   1 
ATOM   930  C CA  . ARG A 1 116 ? 1.649   -5.059  6.087   1.00   6.59   ? 116  ARG A CA  1 
ATOM   931  C C   . ARG A 1 116 ? 1.203   -3.641  5.752   1.00   6.59   ? 116  ARG A C   1 
ATOM   932  O O   . ARG A 1 116 ? 0.957   -2.828  6.663   1.00   6.79   ? 116  ARG A O   1 
ATOM   933  C CB  . ARG A 1 116 ? 0.437   -5.851  6.578   1.00   6.73   ? 116  ARG A CB  1 
ATOM   934  C CG  . ARG A 1 116 ? 0.386   -7.294  6.150   1.00   6.95   ? 116  ARG A CG  1 
ATOM   935  C CD  . ARG A 1 116 ? -0.584  -8.104  6.989   1.00   7.25   ? 116  ARG A CD  1 
ATOM   936  N NE  . ARG A 1 116 ? 0.027   -8.446  8.260   1.00   7.22   ? 116  ARG A NE  1 
ATOM   937  C CZ  . ARG A 1 116 ? -0.461  -9.298  9.144   1.00   7.37   ? 116  ARG A CZ  1 
ATOM   938  N NH1 . ARG A 1 116 ? -1.674  -9.794  9.023   1.00   8.47   ? 116  ARG A NH1 1 
ATOM   939  N NH2 . ARG A 1 116 ? 0.265   -9.586  10.200  1.00   8.60   ? 116  ARG A NH2 1 
ATOM   940  N N   . ILE A 1 117 ? 1.077   -3.384  4.447   1.00   6.87   ? 117  ILE A N   1 
ATOM   941  C CA  . ILE A 1 117 ? 0.544   -2.149  3.899   1.00   6.70   ? 117  ILE A CA  1 
ATOM   942  C C   . ILE A 1 117 ? -0.882  -2.408  3.392   1.00   6.32   ? 117  ILE A C   1 
ATOM   943  O O   . ILE A 1 117 ? -1.091  -3.202  2.464   1.00   5.83   ? 117  ILE A O   1 
ATOM   944  C CB  . ILE A 1 117 ? 1.417   -1.634  2.725   1.00   6.30   ? 117  ILE A CB  1 
ATOM   945  C CG1 . ILE A 1 117 ? 2.830   -1.326  3.214   1.00   7.35   ? 117  ILE A CG1 1 
ATOM   946  C CG2 . ILE A 1 117 ? 0.773   -0.388  2.096   1.00   7.45   ? 117  ILE A CG2 1 
ATOM   947  C CD1 . ILE A 1 117 ? 3.849   -1.045  2.112   1.00   8.70   ? 117  ILE A CD1 1 
ATOM   948  N N   . ILE A 1 118 ? -1.844  -1.700  3.964   1.00   6.05   ? 118  ILE A N   1 
ATOM   949  C CA  . ILE A 1 118 ? -3.264  -1.838  3.629   1.00   6.47   ? 118  ILE A CA  1 
ATOM   950  C C   . ILE A 1 118 ? -3.730  -0.713  2.718   1.00   7.06   ? 118  ILE A C   1 
ATOM   951  O O   . ILE A 1 118 ? -3.404  0.445   2.951   1.00   7.00   ? 118  ILE A O   1 
ATOM   952  C CB  . ILE A 1 118 ? -4.114  -1.766  4.921   1.00   6.64   ? 118  ILE A CB  1 
ATOM   953  C CG1 . ILE A 1 118 ? -3.910  -3.014  5.791   1.00   7.45   ? 118  ILE A CG1 1 
ATOM   954  C CG2 . ILE A 1 118 ? -5.597  -1.593  4.606   1.00   7.03   ? 118  ILE A CG2 1 
ATOM   955  C CD1 . ILE A 1 118 ? -4.336  -2.795  7.242   1.00   7.06   ? 118  ILE A CD1 1 
ATOM   956  N N   . VAL A 1 119 ? -4.475  -1.060  1.675   1.00   7.08   ? 119  VAL A N   1 
ATOM   957  C CA  . VAL A 1 119 ? -5.203  -0.075  0.851   1.00   7.12   ? 119  VAL A CA  1 
ATOM   958  C C   . VAL A 1 119 ? -6.651  -0.527  0.901   1.00   6.97   ? 119  VAL A C   1 
ATOM   959  O O   . VAL A 1 119 ? -6.926  -1.700  0.667   1.00   6.73   ? 119  VAL A O   1 
ATOM   960  C CB  . VAL A 1 119 ? -4.703  0.000   -0.602  1.00   7.27   ? 119  VAL A CB  1 
ATOM   961  C CG1 . VAL A 1 119 ? -5.438  1.083   -1.390  1.00   7.56   ? 119  VAL A CG1 1 
ATOM   962  C CG2 . VAL A 1 119 ? -3.205  0.297   -0.622  1.00   7.73   ? 119  VAL A CG2 1 
ATOM   963  N N   . GLN A 1 120 ? -7.570  0.387   1.209   1.00   7.46   ? 120  GLN A N   1 
ATOM   964  C CA  . GLN A 1 120 ? -8.947  0.025   1.522   1.00   8.32   ? 120  GLN A CA  1 
ATOM   965  C C   . GLN A 1 120 ? -9.944  1.004   0.893   1.00   8.16   ? 120  GLN A C   1 
ATOM   966  O O   . GLN A 1 120 ? -9.707  2.218   0.887   1.00   8.06   ? 120  GLN A O   1 
ATOM   967  C CB  . GLN A 1 120 ? -9.103  -0.034  3.059   1.00   9.50   ? 120  GLN A CB  1 
ATOM   968  C CG  . GLN A 1 120 ? -10.289 -0.767  3.560   1.00   10.58  ? 120  GLN A CG  1 
ATOM   969  C CD  . GLN A 1 120 ? -10.143 -1.275  5.007   1.00   10.00  ? 120  GLN A CD  1 
ATOM   970  O OE1 . GLN A 1 120 ? -9.237  -0.891  5.784   1.00   12.38  ? 120  GLN A OE1 1 
ATOM   971  N NE2 . GLN A 1 120 ? -11.042 -2.146  5.371   1.00   10.85  ? 120  GLN A NE2 1 
ATOM   972  N N   . ASP A 1 121 ? -11.036 0.468   0.358   1.00   8.12   ? 121  ASP A N   1 
ATOM   973  C CA  . ASP A 1 121 ? -12.102 1.256   -0.294  1.00   8.41   ? 121  ASP A CA  1 
ATOM   974  C C   . ASP A 1 121 ? -13.112 1.800   0.704   1.00   9.23   ? 121  ASP A C   1 
ATOM   975  O O   . ASP A 1 121 ? -14.009 1.088   1.116   1.00   10.41  ? 121  ASP A O   1 
ATOM   976  C CB  . ASP A 1 121 ? -12.828 0.378   -1.329  1.00   8.70   ? 121  ASP A CB  1 
ATOM   977  C CG  . ASP A 1 121 ? -13.843 1.140   -2.141  1.00   9.92   ? 121  ASP A CG  1 
ATOM   978  O OD1 . ASP A 1 121 ? -13.866 2.397   -2.095  1.00   12.74  ? 121  ASP A OD1 1 
ATOM   979  O OD2 . ASP A 1 121 ? -14.550 0.476   -2.925  1.00   9.89   ? 121  ASP A OD2 1 
ATOM   980  N N   . GLY A 1 122 ? -12.995 3.082   1.036   1.00   9.39   ? 122  GLY A N   1 
ATOM   981  C CA  . GLY A 1 122 ? -13.810 3.668   2.101   1.00   9.05   ? 122  GLY A CA  1 
ATOM   982  C C   . GLY A 1 122 ? -15.302 3.651   1.832   1.00   9.15   ? 122  GLY A C   1 
ATOM   983  O O   . GLY A 1 122 ? -16.078 3.243   2.702   1.00   9.65   ? 122  GLY A O   1 
ATOM   984  N N   . PRO A 1 123 ? -15.715 4.125   0.651   1.00   8.92   ? 123  PRO A N   1 
ATOM   985  C CA  . PRO A 1 123 ? -17.129 4.067   0.299   1.00   9.03   ? 123  PRO A CA  1 
ATOM   986  C C   . PRO A 1 123 ? -17.757 2.706   0.027   1.00   8.98   ? 123  PRO A C   1 
ATOM   987  O O   . PRO A 1 123 ? -18.956 2.677   -0.270  1.00   10.35  ? 123  PRO A O   1 
ATOM   988  C CB  . PRO A 1 123 ? -17.214 4.903   -0.985  1.00   9.33   ? 123  PRO A CB  1 
ATOM   989  C CG  . PRO A 1 123 ? -16.005 5.733   -0.979  1.00   9.86   ? 123  PRO A CG  1 
ATOM   990  C CD  . PRO A 1 123 ? -14.945 4.895   -0.336  1.00   10.21  ? 123  PRO A CD  1 
ATOM   991  N N   . ALA A 1 124 ? -17.013 1.602   0.106   1.00   9.25   ? 124  ALA A N   1 
ATOM   992  C CA  . ALA A 1 124 ? -17.553 0.274   -0.209  1.00   9.24   ? 124  ALA A CA  1 
ATOM   993  C C   . ALA A 1 124 ? -18.269 0.297   -1.559  1.00   9.71   ? 124  ALA A C   1 
ATOM   994  O O   . ALA A 1 124 ? -19.440 -0.045  -1.679  1.00   10.29  ? 124  ALA A O   1 
ATOM   995  C CB  . ALA A 1 124 ? -18.480 -0.196  0.903   1.00   9.03   ? 124  ALA A CB  1 
ATOM   996  N N   . SER A 1 125 ? -17.512 0.669   -2.584  1.00   9.52   ? 125  SER A N   1 
ATOM   997  C CA  . SER A 1 125 ? -18.038 1.050   -3.897  1.00   9.43   ? 125  SER A CA  1 
ATOM   998  C C   . SER A 1 125 ? -18.009 -0.032  -4.968  1.00   9.73   ? 125  SER A C   1 
ATOM   999  O O   . SER A 1 125 ? -18.634 0.134   -6.018  1.00   10.33  ? 125  SER A O   1 
ATOM   1000 C CB  . SER A 1 125 ? -17.233 2.236   -4.435  1.00   10.29  ? 125  SER A CB  1 
ATOM   1001 O OG  . SER A 1 125 ? -15.917 1.841   -4.776  1.00   10.17  ? 125  SER A OG  1 
ATOM   1002 N N   . ASN A 1 126 ? -17.214 -1.078  -4.758  1.00   9.63   ? 126  ASN A N   1 
ATOM   1003 C CA  . ASN A 1 126 ? -17.013 -2.119  -5.771  1.00   9.70   ? 126  ASN A CA  1 
ATOM   1004 C C   . ASN A 1 126 ? -16.396 -1.564  -7.059  1.00   9.98   ? 126  ASN A C   1 
ATOM   1005 O O   . ASN A 1 126 ? -16.493 -2.210  -8.111  1.00   11.83  ? 126  ASN A O   1 
ATOM   1006 C CB  . ASN A 1 126 ? -18.344 -2.858  -6.068  1.00   10.07  ? 126  ASN A CB  1 
ATOM   1007 C CG  . ASN A 1 126 ? -18.172 -4.157  -6.846  1.00   10.62  ? 126  ASN A CG  1 
ATOM   1008 O OD1 . ASN A 1 126 ? -17.354 -5.037  -6.513  1.00   13.12  ? 126  ASN A OD1 1 
ATOM   1009 N ND2 . ASN A 1 126 ? -18.971 -4.297  -7.893  1.00   11.43  ? 126  ASN A ND2 1 
ATOM   1010 N N   . ILE A 1 127 ? -15.706 -0.421  -6.951  1.00   9.20   ? 127  ILE A N   1 
ATOM   1011 C CA  . ILE A 1 127 ? -15.045 0.246   -8.093  1.00   9.35   ? 127  ILE A CA  1 
ATOM   1012 C C   . ILE A 1 127 ? -13.548 -0.075  -8.054  1.00   9.29   ? 127  ILE A C   1 
ATOM   1013 O O   . ILE A 1 127 ? -12.941 0.010   -6.996  1.00   9.30   ? 127  ILE A O   1 
ATOM   1014 C CB  . ILE A 1 127 ? -15.213 1.777   -7.998  1.00   9.15   ? 127  ILE A CB  1 
ATOM   1015 C CG1 . ILE A 1 127 ? -16.688 2.153   -8.266  1.00   9.03   ? 127  ILE A CG1 1 
ATOM   1016 C CG2 . ILE A 1 127 ? -14.292 2.527   -8.976  1.00   9.83   ? 127  ILE A CG2 1 
ATOM   1017 C CD1 . ILE A 1 127 ? -16.994 3.595   -8.040  1.00   10.54  ? 127  ILE A CD1 1 
ATOM   1018 N N   . PRO A 1 128 ? -12.949 -0.430  -9.196  1.00   8.90   ? 128  PRO A N   1 
ATOM   1019 C CA  . PRO A 1 128 ? -11.529 -0.781  -9.168  1.00   8.49   ? 128  PRO A CA  1 
ATOM   1020 C C   . PRO A 1 128 ? -10.622 0.390   -8.773  1.00   8.20   ? 128  PRO A C   1 
ATOM   1021 O O   . PRO A 1 128 ? -10.851 1.547   -9.157  1.00   8.33   ? 128  PRO A O   1 
ATOM   1022 C CB  . PRO A 1 128 ? -11.249 -1.271  -10.588 1.00   8.74   ? 128  PRO A CB  1 
ATOM   1023 C CG  . PRO A 1 128 ? -12.292 -0.608  -11.422 1.00   10.19  ? 128  PRO A CG  1 
ATOM   1024 C CD  . PRO A 1 128 ? -13.523 -0.579  -10.546 1.00   9.44   ? 128  PRO A CD  1 
ATOM   1025 N N   . ILE A 1 129 ? -9.600  0.057   -7.985  1.00   7.62   ? 129  ILE A N   1 
ATOM   1026 C CA  . ILE A 1 129 ? -8.558  0.972   -7.543  1.00   7.38   ? 129  ILE A CA  1 
ATOM   1027 C C   . ILE A 1 129 ? -7.263  0.459   -8.160  1.00   7.38   ? 129  ILE A C   1 
ATOM   1028 O O   . ILE A 1 129 ? -6.790  -0.622  -7.786  1.00   7.27   ? 129  ILE A O   1 
ATOM   1029 C CB  . ILE A 1 129 ? -8.481  1.005   -5.997  1.00   7.07   ? 129  ILE A CB  1 
ATOM   1030 C CG1 . ILE A 1 129 ? -9.812  1.509   -5.416  1.00   7.68   ? 129  ILE A CG1 1 
ATOM   1031 C CG2 . ILE A 1 129 ? -7.319  1.885   -5.536  1.00   7.64   ? 129  ILE A CG2 1 
ATOM   1032 C CD1 . ILE A 1 129 ? -10.023 1.118   -3.989  1.00   8.02   ? 129  ILE A CD1 1 
ATOM   1033 N N   . TYR A 1 130 ? -6.730  1.202   -9.129  1.00   7.13   ? 130  TYR A N   1 
ATOM   1034 C CA  . TYR A 1 130 ? -5.535  0.809   -9.877  1.00   7.34   ? 130  TYR A CA  1 
ATOM   1035 C C   . TYR A 1 130 ? -4.287  1.405   -9.248  1.00   7.71   ? 130  TYR A C   1 
ATOM   1036 O O   . TYR A 1 130 ? -4.244  2.601   -8.937  1.00   7.83   ? 130  TYR A O   1 
ATOM   1037 C CB  . TYR A 1 130 ? -5.626  1.285   -11.345 1.00   8.40   ? 130  TYR A CB  1 
ATOM   1038 C CG  . TYR A 1 130 ? -6.839  0.769   -12.095 1.00   8.54   ? 130  TYR A CG  1 
ATOM   1039 C CD1 . TYR A 1 130 ? -8.026  1.475   -12.086 1.00   7.52   ? 130  TYR A CD1 1 
ATOM   1040 C CD2 . TYR A 1 130 ? -6.783  -0.414  -12.827 1.00   9.69   ? 130  TYR A CD2 1 
ATOM   1041 C CE1 . TYR A 1 130 ? -9.142  1.021   -12.769 1.00   9.84   ? 130  TYR A CE1 1 
ATOM   1042 C CE2 . TYR A 1 130 ? -7.899  -0.894  -13.509 1.00   10.54  ? 130  TYR A CE2 1 
ATOM   1043 C CZ  . TYR A 1 130 ? -9.068  -0.162  -13.488 1.00   10.44  ? 130  TYR A CZ  1 
ATOM   1044 O OH  . TYR A 1 130 ? -10.194 -0.642  -14.164 1.00   12.85  ? 130  TYR A OH  1 
ATOM   1045 N N   . MET A 1 131 ? -3.269  0.567   -9.052  1.00   7.07   ? 131  MET A N   1 
ATOM   1046 C CA  . MET A 1 131 ? -2.064  0.997   -8.338  1.00   7.45   ? 131  MET A CA  1 
ATOM   1047 C C   . MET A 1 131 ? -0.801  0.620   -9.105  1.00   7.43   ? 131  MET A C   1 
ATOM   1048 O O   . MET A 1 131 ? -0.748  -0.421  -9.755  1.00   7.12   ? 131  MET A O   1 
ATOM   1049 C CB  . MET A 1 131 ? -2.019  0.365   -6.937  1.00   7.24   ? 131  MET A CB  1 
ATOM   1050 C CG  . MET A 1 131 ? -3.099  0.921   -6.037  1.00   8.05   ? 131  MET A CG  1 
ATOM   1051 S SD  . MET A 1 131 ? -3.362  -0.040  -4.550  1.00   9.56   ? 131  MET A SD  1 
ATOM   1052 C CE  . MET A 1 131 ? -4.560  -1.203  -5.147  1.00   12.55  ? 131  MET A CE  1 
ATOM   1053 N N   . ARG A 1 132 ? 0.225   1.460   -8.978  1.00   7.12   ? 132  ARG A N   1 
ATOM   1054 C CA  . ARG A 1 132 ? 1.551   1.167   -9.507  1.00   7.61   ? 132  ARG A CA  1 
ATOM   1055 C C   . ARG A 1 132 ? 2.615   1.664   -8.539  1.00   7.94   ? 132  ARG A C   1 
ATOM   1056 O O   . ARG A 1 132 ? 2.361   2.564   -7.741  1.00   7.51   ? 132  ARG A O   1 
ATOM   1057 C CB  . ARG A 1 132 ? 1.777   1.855   -10.866 1.00   7.90   ? 132  ARG A CB  1 
ATOM   1058 C CG  . ARG A 1 132 ? 0.968   1.272   -12.001 1.00   8.32   ? 132  ARG A CG  1 
ATOM   1059 C CD  . ARG A 1 132 ? 1.123   2.094   -13.281 1.00   9.66   ? 132  ARG A CD  1 
ATOM   1060 N NE  . ARG A 1 132 ? 0.345   1.510   -14.371 1.00   9.52   ? 132  ARG A NE  1 
ATOM   1061 C CZ  . ARG A 1 132 ? 0.058   2.122   -15.518 1.00   10.47  ? 132  ARG A CZ  1 
ATOM   1062 N NH1 . ARG A 1 132 ? 0.508   3.342   -15.753 1.00   14.21  ? 132  ARG A NH1 1 
ATOM   1063 N NH2 . ARG A 1 132 ? -0.708  1.518   -16.410 1.00   11.96  ? 132  ARG A NH2 1 
ATOM   1064 N N   . TYR A 1 133 ? 3.811   1.098   -8.637  1.00   7.51   ? 133  TYR A N   1 
ATOM   1065 C CA  . TYR A 1 133 ? 4.991   1.607   -7.925  1.00   8.56   ? 133  TYR A CA  1 
ATOM   1066 C C   . TYR A 1 133 ? 4.751   1.733   -6.414  1.00   8.03   ? 133  TYR A C   1 
ATOM   1067 O O   . TYR A 1 133 ? 4.956   2.790   -5.826  1.00   8.30   ? 133  TYR A O   1 
ATOM   1068 C CB  . TYR A 1 133 ? 5.497   2.933   -8.533  1.00   10.38  ? 133  TYR A CB  1 
ATOM   1069 C CG  . TYR A 1 133 ? 5.564   2.958   -10.045 1.00   12.46  ? 133  TYR A CG  1 
ATOM   1070 C CD1 . TYR A 1 133 ? 6.424   2.138   -10.752 1.00   14.59  ? 133  TYR A CD1 1 
ATOM   1071 C CD2 . TYR A 1 133 ? 4.729   3.796   -10.750 1.00   14.74  ? 133  TYR A CD2 1 
ATOM   1072 C CE1 . TYR A 1 133 ? 6.444   2.178   -12.185 1.00   13.25  ? 133  TYR A CE1 1 
ATOM   1073 C CE2 . TYR A 1 133 ? 4.736   3.849   -12.122 1.00   16.37  ? 133  TYR A CE2 1 
ATOM   1074 C CZ  . TYR A 1 133 ? 5.579   3.050   -12.834 1.00   13.46  ? 133  TYR A CZ  1 
ATOM   1075 O OH  . TYR A 1 133 ? 5.529   3.152   -14.216 1.00   18.34  ? 133  TYR A OH  1 
ATOM   1076 N N   . ILE A 1 134 ? 4.342   0.631   -5.810  1.00   8.13   ? 134  ILE A N   1 
ATOM   1077 C CA  . ILE A 1 134 ? 4.173   0.549   -4.371  1.00   8.02   ? 134  ILE A CA  1 
ATOM   1078 C C   . ILE A 1 134 ? 5.549   0.288   -3.768  1.00   8.60   ? 134  ILE A C   1 
ATOM   1079 O O   . ILE A 1 134 ? 6.139   -0.773  -3.982  1.00   8.92   ? 134  ILE A O   1 
ATOM   1080 C CB  . ILE A 1 134 ? 3.191   -0.569  -3.963  1.00   7.95   ? 134  ILE A CB  1 
ATOM   1081 C CG1 . ILE A 1 134 ? 1.825   -0.344  -4.632  1.00   7.46   ? 134  ILE A CG1 1 
ATOM   1082 C CG2 . ILE A 1 134 ? 3.062   -0.586  -2.436  1.00   8.26   ? 134  ILE A CG2 1 
ATOM   1083 C CD1 . ILE A 1 134 ? 0.856   -1.504  -4.425  1.00   9.45   ? 134  ILE A CD1 1 
ATOM   1084 N N   . ILE A 1 135 ? 6.064   1.267   -3.033  1.00   8.39   ? 135  ILE A N   1 
ATOM   1085 C CA  . ILE A 1 135 ? 7.448   1.245   -2.550  1.00   8.84   ? 135  ILE A CA  1 
ATOM   1086 C C   . ILE A 1 135 ? 7.488   1.738   -1.113  1.00   8.99   ? 135  ILE A C   1 
ATOM   1087 O O   . ILE A 1 135 ? 6.961   2.798   -0.805  1.00   9.41   ? 135  ILE A O   1 
ATOM   1088 C CB  . ILE A 1 135 ? 8.384   2.160   -3.403  1.00   8.61   ? 135  ILE A CB  1 
ATOM   1089 C CG1 . ILE A 1 135 ? 8.380   1.730   -4.876  1.00   9.57   ? 135  ILE A CG1 1 
ATOM   1090 C CG2 . ILE A 1 135 ? 9.809   2.168   -2.834  1.00   9.30   ? 135  ILE A CG2 1 
ATOM   1091 C CD1 . ILE A 1 135 ? 8.969   2.754   -5.818  1.00   10.88  ? 135  ILE A CD1 1 
ATOM   1092 N N   . TYR A 1 136 ? 8.127   0.982   -0.235  1.00   8.21   ? 136  TYR A N   1 
ATOM   1093 C CA  . TYR A 1 136 ? 8.402   1.411   1.135   1.00   8.01   ? 136  TYR A CA  1 
ATOM   1094 C C   . TYR A 1 136 ? 9.861   1.844   1.283   1.00   7.94   ? 136  TYR A C   1 
ATOM   1095 O O   . TYR A 1 136 ? 10.756  1.184   0.783   1.00   7.86   ? 136  TYR A O   1 
ATOM   1096 C CB  . TYR A 1 136 ? 8.131   0.255   2.114   1.00   7.86   ? 136  TYR A CB  1 
ATOM   1097 C CG  . TYR A 1 136 ? 8.660   0.564   3.502   1.00   7.99   ? 136  TYR A CG  1 
ATOM   1098 C CD1 . TYR A 1 136 ? 7.970   1.431   4.356   1.00   8.15   ? 136  TYR A CD1 1 
ATOM   1099 C CD2 . TYR A 1 136 ? 9.868   0.051   3.946   1.00   7.44   ? 136  TYR A CD2 1 
ATOM   1100 C CE1 . TYR A 1 136 ? 8.457   1.764   5.599   1.00   8.44   ? 136  TYR A CE1 1 
ATOM   1101 C CE2 . TYR A 1 136 ? 10.369  0.376   5.221   1.00   8.15   ? 136  TYR A CE2 1 
ATOM   1102 C CZ  . TYR A 1 136 ? 9.669   1.230   6.032   1.00   7.09   ? 136  TYR A CZ  1 
ATOM   1103 O OH  . TYR A 1 136 ? 10.164  1.566   7.280   1.00   7.88   ? 136  TYR A OH  1 
ATOM   1104 N N   . SER A 1 137 ? 10.081  2.939   1.995   1.00   7.13   ? 137  SER A N   1 
ATOM   1105 C CA  . SER A 1 137 ? 11.413  3.425   2.326   1.00   7.94   ? 137  SER A CA  1 
ATOM   1106 C C   . SER A 1 137 ? 11.550  3.530   3.836   1.00   7.86   ? 137  SER A C   1 
ATOM   1107 O O   . SER A 1 137 ? 10.645  4.006   4.519   1.00   7.86   ? 137  SER A O   1 
ATOM   1108 C CB  . SER A 1 137 ? 11.620  4.810   1.725   1.00   8.45   ? 137  SER A CB  1 
ATOM   1109 O OG  . SER A 1 137 ? 12.874  5.347   2.124   1.00   10.48  ? 137  SER A OG  1 
ATOM   1110 N N   . THR A 1 138 ? 12.705  3.124   4.364   1.00   8.63   ? 138  THR A N   1 
ATOM   1111 C CA  . THR A 1 138 ? 12.995  3.352   5.775   1.00   8.94   ? 138  THR A CA  1 
ATOM   1112 C C   . THR A 1 138 ? 13.239  4.828   6.074   1.00   8.76   ? 138  THR A C   1 
ATOM   1113 O O   . THR A 1 138 ? 13.204  5.239   7.235   1.00   9.89   ? 138  THR A O   1 
ATOM   1114 C CB  . THR A 1 138 ? 14.239  2.575   6.247   1.00   9.51   ? 138  THR A CB  1 
ATOM   1115 O OG1 . THR A 1 138 ? 15.359  2.935   5.444   1.00   10.91  ? 138  THR A OG1 1 
ATOM   1116 C CG2 . THR A 1 138 ? 13.997  1.062   6.145   1.00   10.16  ? 138  THR A CG2 1 
ATOM   1117 N N   . GLY A 1 139 ? 13.484  5.611   5.026   1.00   9.33   ? 139  GLY A N   1 
ATOM   1118 C CA  . GLY A 1 139 ? 13.785  7.039   5.173   1.00   9.90   ? 139  GLY A CA  1 
ATOM   1119 C C   . GLY A 1 139 ? 12.525  7.891   5.268   1.00   10.63  ? 139  GLY A C   1 
ATOM   1120 O O   . GLY A 1 139 ? 11.409  7.396   5.203   1.00   10.87  ? 139  GLY A O   1 
ATOM   1121 N N   . SER A 1 140 ? 12.705  9.194   5.418   1.00   11.88  ? 140  SER A N   1 
ATOM   1122 C CA  . SER A 1 140 ? 11.560  10.080  5.527   1.00   11.53  ? 140  SER A CA  1 
ATOM   1123 C C   . SER A 1 140 ? 10.947  10.326  4.157   1.00   11.73  ? 140  SER A C   1 
ATOM   1124 O O   . SER A 1 140 ? 11.592  10.198  3.119   1.00   11.19  ? 140  SER A O   1 
ATOM   1125 C CB  . SER A 1 140 ? 11.998  11.393  6.135   1.00   12.80  ? 140  SER A CB  1 
ATOM   1126 O OG  . SER A 1 140 ? 12.790  12.085  5.223   1.00   15.32  ? 140  SER A OG  1 
ATOM   1127 N N   . CYS A 1 141 ? 9.674   10.692  4.143   1.00   11.04  ? 141  CYS A N   1 
ATOM   1128 C CA  . CYS A 1 141 ? 9.053   11.032  2.876   1.00   11.85  ? 141  CYS A CA  1 
ATOM   1129 C C   . CYS A 1 141 ? 9.696   12.250  2.224   1.00   12.27  ? 141  CYS A C   1 
ATOM   1130 O O   . CYS A 1 141 ? 9.758   12.302  1.016   1.00   12.04  ? 141  CYS A O   1 
ATOM   1131 C CB  . CYS A 1 141 ? 7.552   11.273  3.039   1.00   10.78  ? 141  CYS A CB  1 
ATOM   1132 S SG  . CYS A 1 141 ? 6.572   9.821   3.471   1.00   10.79  ? 141  CYS A SG  1 
ATOM   1133 N N   . ASP A 1 142 ? 10.172  13.193  3.029   1.00   14.70  ? 142  ASP A N   1 
ATOM   1134 C CA  . ASP A 1 142 ? 10.881  14.366  2.486   1.00   16.75  ? 142  ASP A CA  1 
ATOM   1135 C C   . ASP A 1 142 ? 12.058  13.944  1.595   1.00   18.73  ? 142  ASP A C   1 
ATOM   1136 O O   . ASP A 1 142 ? 12.331  14.571  0.561   1.00   19.72  ? 142  ASP A O   1 
ATOM   1137 C CB  . ASP A 1 142 ? 11.399  15.262  3.615   1.00   16.64  ? 142  ASP A CB  1 
ATOM   1138 C CG  . ASP A 1 142 ? 10.307  16.074  4.292   1.00   17.82  ? 142  ASP A CG  1 
ATOM   1139 O OD1 . ASP A 1 142 ? 9.137   16.053  3.856   1.00   16.58  ? 142  ASP A OD1 1 
ATOM   1140 O OD2 . ASP A 1 142 ? 10.635  16.762  5.287   1.00   19.14  ? 142  ASP A OD2 1 
ATOM   1141 N N   . ASP A 1 143 ? 12.741  12.864  1.982   1.00   20.39  ? 143  ASP A N   1 
ATOM   1142 C CA  . ASP A 1 143 ? 13.919  12.383  1.243   1.00   21.78  ? 143  ASP A CA  1 
ATOM   1143 C C   . ASP A 1 143 ? 13.617  11.385  0.107   1.00   23.17  ? 143  ASP A C   1 
ATOM   1144 O O   . ASP A 1 143 ? 14.545  10.948  -0.563  1.00   23.51  ? 143  ASP A O   1 
ATOM   1145 C CB  . ASP A 1 143 ? 14.923  11.754  2.216   1.00   22.55  ? 143  ASP A CB  1 
ATOM   1146 C CG  . ASP A 1 143 ? 15.517  12.761  3.202   1.00   24.61  ? 143  ASP A CG  1 
ATOM   1147 O OD1 . ASP A 1 143 ? 15.527  13.975  2.904   1.00   27.28  ? 143  ASP A OD1 1 
ATOM   1148 O OD2 . ASP A 1 143 ? 16.004  12.334  4.269   1.00   28.44  ? 143  ASP A OD2 1 
ATOM   1149 N N   . HIS A 1 144 ? 12.345  11.026  -0.107  1.00   23.81  ? 144  HIS A N   1 
ATOM   1150 C CA  . HIS A 1 144 ? 11.941  10.103  -1.196  1.00   25.30  ? 144  HIS A CA  1 
ATOM   1151 C C   . HIS A 1 144 ? 11.466  10.812  -2.489  1.00   26.95  ? 144  HIS A C   1 
ATOM   1152 O O   . HIS A 1 144 ? 10.592  11.676  -2.433  1.00   27.64  ? 144  HIS A O   1 
ATOM   1153 C CB  . HIS A 1 144 ? 10.786  9.201   -0.708  1.00   24.87  ? 144  HIS A CB  1 
ATOM   1154 C CG  . HIS A 1 144 ? 10.420  8.105   -1.666  1.00   23.77  ? 144  HIS A CG  1 
ATOM   1155 N ND1 . HIS A 1 144 ? 9.699   8.331   -2.819  1.00   23.63  ? 144  HIS A ND1 1 
ATOM   1156 C CD2 . HIS A 1 144 ? 10.678  6.775   -1.645  1.00   26.33  ? 144  HIS A CD2 1 
ATOM   1157 C CE1 . HIS A 1 144 ? 9.527   7.192   -3.468  1.00   23.57  ? 144  HIS A CE1 1 
ATOM   1158 N NE2 . HIS A 1 144 ? 10.105  6.227   -2.773  1.00   25.87  ? 144  HIS A NE2 1 
ATOM   1159 N N   . ILE A 1 145 ? 11.993  10.400  -3.647  1.00   28.83  ? 145  ILE A N   1 
ATOM   1160 C CA  . ILE A 1 145 ? 11.386  10.737  -4.962  1.00   30.18  ? 145  ILE A CA  1 
ATOM   1161 C C   . ILE A 1 145 ? 11.569  9.601   -5.976  1.00   30.93  ? 145  ILE A C   1 
ATOM   1162 O O   . ILE A 1 145 ? 12.645  9.003   -6.051  1.00   30.69  ? 145  ILE A O   1 
ATOM   1163 C CB  . ILE A 1 145 ? 11.952  12.038  -5.594  1.00   30.55  ? 145  ILE A CB  1 
ATOM   1164 C CG1 . ILE A 1 145 ? 13.460  12.163  -5.367  1.00   31.16  ? 145  ILE A CG1 1 
ATOM   1165 C CG2 . ILE A 1 145 ? 11.224  13.258  -5.053  1.00   31.09  ? 145  ILE A CG2 1 
ATOM   1166 C CD1 . ILE A 1 145 ? 14.137  13.138  -6.318  1.00   31.44  ? 145  ILE A CD1 1 
ATOM   1167 N N   . LEU A 1 146 ? 10.525  9.326   -6.761  1.00   32.11  ? 146  LEU A N   1 
ATOM   1168 C CA  . LEU A 1 146 ? 10.543  8.201   -7.707  1.00   32.73  ? 146  LEU A CA  1 
ATOM   1169 C C   . LEU A 1 146 ? 11.505  8.420   -8.877  1.00   33.56  ? 146  LEU A C   1 
ATOM   1170 O O   . LEU A 1 146 ? 12.037  7.458   -9.430  1.00   33.76  ? 146  LEU A O   1 
ATOM   1171 C CB  . LEU A 1 146 ? 9.135   7.914   -8.252  1.00   32.80  ? 146  LEU A CB  1 
ATOM   1172 C CG  . LEU A 1 146 ? 8.948   6.569   -8.967  1.00   32.60  ? 146  LEU A CG  1 
ATOM   1173 C CD1 . LEU A 1 146 ? 9.116   5.415   -7.983  1.00   33.12  ? 146  LEU A CD1 1 
ATOM   1174 C CD2 . LEU A 1 146 ? 7.591   6.477   -9.660  1.00   33.08  ? 146  LEU A CD2 1 
ATOM   1175 N N   . GLU A 1 147 ? 11.726  9.676   -9.254  1.00   34.16  ? 147  GLU A N   1 
ATOM   1176 C CA  . GLU A 1 147 ? 12.611  9.984   -10.381 1.00   34.78  ? 147  GLU A CA  1 
ATOM   1177 C C   . GLU A 1 147 ? 14.035  9.490   -10.117 1.00   35.13  ? 147  GLU A C   1 
ATOM   1178 O O   . GLU A 1 147 ? 14.727  9.051   -11.042 1.00   35.22  ? 147  GLU A O   1 
ATOM   1179 C CB  . GLU A 1 147 ? 12.604  11.484  -10.699 1.00   35.24  ? 147  GLU A CB  1 
ATOM   1180 C CG  . GLU A 1 147 ? 11.362  11.957  -11.464 1.00   36.90  ? 147  GLU A CG  1 
ATOM   1181 C CD  . GLU A 1 147 ? 10.104  12.022  -10.605 1.00   39.65  ? 147  GLU A CD  1 
ATOM   1182 O OE1 . GLU A 1 147 ? 10.163  12.561  -9.477  1.00   41.78  ? 147  GLU A OE1 1 
ATOM   1183 O OE2 . GLU A 1 147 ? 9.048   11.540  -11.065 1.00   41.72  ? 147  GLU A OE2 1 
ATOM   1184 N N   . HIS A 1 148 ? 14.457  9.534   -8.853  1.00   35.34  ? 148  HIS A N   1 
ATOM   1185 C CA  . HIS A 1 148 ? 15.757  9.004   -8.461  1.00   35.28  ? 148  HIS A CA  1 
ATOM   1186 C C   . HIS A 1 148 ? 15.614  7.091   -8.795  0.0000 40.80  ? 148  HIS A C   1 
ATOM   1187 O O   . HIS A 1 148 ? 16.600  6.474   -9.200  0.0000 41.24  ? 148  HIS A O   1 
ATOM   1188 C CB  . HIS A 1 148 ? 16.063  8.697   -6.915  0.0000 40.92  ? 148  HIS A CB  1 
ATOM   1189 C CG  . HIS A 1 148 ? 16.676  10.011  -6.536  0.0000 41.97  ? 148  HIS A CG  1 
ATOM   1190 N ND1 . HIS A 1 148 ? 17.700  10.590  -7.254  0.0000 43.78  ? 148  HIS A ND1 1 
ATOM   1191 C CD2 . HIS A 1 148 ? 16.425  10.845  -5.498  0.0000 43.34  ? 148  HIS A CD2 1 
ATOM   1192 C CE1 . HIS A 1 148 ? 18.040  11.735  -6.687  0.0000 44.15  ? 148  HIS A CE1 1 
ATOM   1193 N NE2 . HIS A 1 148 ? 17.281  11.912  -5.620  0.0000 43.91  ? 148  HIS A NE2 1 
ATOM   1194 N N   . HIS A 1 149 ? 14.587  6.114   -8.671  1.00   41.26  ? 149  HIS A N   1 
ATOM   1195 C CA  . HIS A 1 149 ? 14.034  4.873   -9.206  1.00   41.14  ? 149  HIS A CA  1 
ATOM   1196 C C   . HIS A 1 149 ? 13.777  4.939   -10.721 1.00   41.00  ? 149  HIS A C   1 
ATOM   1197 O O   . HIS A 1 149 ? 13.313  3.961   -11.310 1.00   41.22  ? 149  HIS A O   1 
ATOM   1198 C CB  . HIS A 1 149 ? 12.741  4.501   -8.462  1.00   41.38  ? 149  HIS A CB  1 
ATOM   1199 C CG  . HIS A 1 149 ? 12.971  3.814   -7.150  1.00   41.88  ? 149  HIS A CG  1 
ATOM   1200 N ND1 . HIS A 1 149 ? 12.892  2.444   -7.003  1.00   42.34  ? 149  HIS A ND1 1 
ATOM   1201 C CD2 . HIS A 1 149 ? 13.272  4.306   -5.925  1.00   42.59  ? 149  HIS A CD2 1 
ATOM   1202 C CE1 . HIS A 1 149 ? 13.138  2.124   -5.745  1.00   42.14  ? 149  HIS A CE1 1 
ATOM   1203 N NE2 . HIS A 1 149 ? 13.374  3.235   -5.070  1.00   42.71  ? 149  HIS A NE2 1 
ATOM   1204 N N   . HIS A 1 150 ? 14.058  6.085   -11.341 1.00   40.63  ? 150  HIS A N   1 
ATOM   1205 C CA  . HIS A 1 150 ? 14.027  6.224   -12.807 1.00   40.47  ? 150  HIS A CA  1 
ATOM   1206 C C   . HIS A 1 150 ? 12.667  5.913   -13.435 1.00   40.55  ? 150  HIS A C   1 
ATOM   1207 O O   . HIS A 1 150 ? 11.622  6.320   -12.921 1.00   40.85  ? 150  HIS A O   1 
ATOM   1208 C CB  . HIS A 1 150 ? 15.097  5.332   -13.442 1.00   40.17  ? 150  HIS A CB  1 
ATOM   1209 C CG  . HIS A 1 150 ? 16.460  5.523   -12.857 1.00   39.34  ? 150  HIS A CG  1 
ATOM   1210 N ND1 . HIS A 1 150 ? 17.331  6.492   -13.305 1.00   38.84  ? 150  HIS A ND1 1 
ATOM   1211 C CD2 . HIS A 1 150 ? 17.099  4.876   -11.853 1.00   38.49  ? 150  HIS A CD2 1 
ATOM   1212 C CE1 . HIS A 1 150 ? 18.451  6.429   -12.606 1.00   38.67  ? 150  HIS A CE1 1 
ATOM   1213 N NE2 . HIS A 1 150 ? 18.336  5.458   -11.719 1.00   38.34  ? 150  HIS A NE2 1 
HETATM 1214 C C1  . GOL B 2 .   ? -8.791  -13.044 4.851   1.00   18.80  ? 1151 GOL A C1  1 
HETATM 1215 O O1  . GOL B 2 .   ? -9.263  -14.315 4.485   1.00   21.72  ? 1151 GOL A O1  1 
HETATM 1216 C C2  . GOL B 2 .   ? -7.296  -12.796 4.645   1.00   19.46  ? 1151 GOL A C2  1 
HETATM 1217 O O2  . GOL B 2 .   ? -6.783  -12.007 5.687   1.00   13.33  ? 1151 GOL A O2  1 
HETATM 1218 C C3  . GOL B 2 .   ? -6.479  -13.958 4.101   1.00   16.97  ? 1151 GOL A C3  1 
HETATM 1219 O O3  . GOL B 2 .   ? -5.075  -13.893 4.271   1.00   12.42  ? 1151 GOL A O3  1 
HETATM 1220 O O   . HOH C 3 .   ? -11.411 -11.026 7.348   1.00   49.19  ? 2001 HOH A O   1 
HETATM 1221 O O   . HOH C 3 .   ? 17.704  2.031   6.383   1.00   29.33  ? 2002 HOH A O   1 
HETATM 1222 O O   . HOH C 3 .   ? 23.727  2.933   4.887   1.00   34.74  ? 2003 HOH A O   1 
HETATM 1223 O O   . HOH C 3 .   ? 24.755  6.336   5.604   1.00   27.31  ? 2004 HOH A O   1 
HETATM 1224 O O   . HOH C 3 .   ? 17.363  8.145   5.462   1.00   38.53  ? 2005 HOH A O   1 
HETATM 1225 O O   . HOH C 3 .   ? 12.777  -0.953  2.788   1.00   31.17  ? 2006 HOH A O   1 
HETATM 1226 O O   . HOH C 3 .   ? 20.453  -1.012  2.985   1.00   29.73  ? 2007 HOH A O   1 
HETATM 1227 O O   . HOH C 3 .   ? 3.983   -17.318 -0.601  1.00   36.09  ? 2008 HOH A O   1 
HETATM 1228 O O   . HOH C 3 .   ? 17.430  -0.696  -0.920  1.00   28.08  ? 2009 HOH A O   1 
HETATM 1229 O O   . HOH C 3 .   ? 15.278  8.306   0.285   1.00   25.03  ? 2010 HOH A O   1 
HETATM 1230 O O   . HOH C 3 .   ? -12.859 -12.738 -10.088 1.00   44.73  ? 2011 HOH A O   1 
HETATM 1231 O O   B HOH C 3 .   ? 11.788  -6.089  1.430   0.50   13.97  ? 2012 HOH A O   1 
HETATM 1232 O O   . HOH C 3 .   ? 13.853  -2.598  2.705   1.00   24.91  ? 2013 HOH A O   1 
HETATM 1233 O O   A HOH C 3 .   ? 11.854  -5.720  2.911   0.50   13.97  ? 2014 HOH A O   1 
HETATM 1234 O O   . HOH C 3 .   ? -2.463  -13.677 -9.905  1.00   61.25  ? 2015 HOH A O   1 
HETATM 1235 O O   . HOH C 3 .   ? 7.118   -8.948  -12.471 1.00   16.49  ? 2016 HOH A O   1 
HETATM 1236 O O   . HOH C 3 .   ? 9.211   -13.162 -11.735 1.00   38.75  ? 2017 HOH A O   1 
HETATM 1237 O O   . HOH C 3 .   ? 11.501  -6.160  -4.616  1.00   14.60  ? 2018 HOH A O   1 
HETATM 1238 O O   B HOH C 3 .   ? -8.718  -0.116  17.906  0.50   12.20  ? 2019 HOH A O   1 
HETATM 1239 O O   . HOH C 3 .   ? 9.921   -15.664 -1.543  1.00   44.39  ? 2020 HOH A O   1 
HETATM 1240 O O   . HOH C 3 .   ? 7.332   -16.446 -0.696  1.00   48.47  ? 2021 HOH A O   1 
HETATM 1241 O O   . HOH C 3 .   ? 6.477   -5.311  -10.414 1.00   16.55  ? 2022 HOH A O   1 
HETATM 1242 O O   . HOH C 3 .   ? 12.765  -0.015  -8.475  1.00   41.00  ? 2023 HOH A O   1 
HETATM 1243 O O   . HOH C 3 .   ? 10.177  -4.049  -9.500  1.00   24.33  ? 2024 HOH A O   1 
HETATM 1244 O O   . HOH C 3 .   ? -19.039 8.386   -1.060  1.00   41.43  ? 2025 HOH A O   1 
HETATM 1245 O O   . HOH C 3 .   ? 7.590   -0.531  -14.462 1.00   11.77  ? 2026 HOH A O   1 
HETATM 1246 O O   . HOH C 3 .   ? -10.774 -10.972 -9.954  1.00   28.31  ? 2027 HOH A O   1 
HETATM 1247 O O   . HOH C 3 .   ? -10.218 -10.645 -12.562 1.00   44.31  ? 2028 HOH A O   1 
HETATM 1248 O O   . HOH C 3 .   ? -8.607  -8.830  -14.933 1.00   49.58  ? 2029 HOH A O   1 
HETATM 1249 O O   . HOH C 3 .   ? -10.772 -4.457  -13.382 1.00   48.41  ? 2030 HOH A O   1 
HETATM 1250 O O   . HOH C 3 .   ? -11.821 -8.385  -9.503  1.00   17.38  ? 2031 HOH A O   1 
HETATM 1251 O O   . HOH C 3 .   ? -1.618  -12.374 -12.763 1.00   33.33  ? 2032 HOH A O   1 
HETATM 1252 O O   . HOH C 3 .   ? -4.044  -7.535  -18.482 1.00   37.29  ? 2033 HOH A O   1 
HETATM 1253 O O   . HOH C 3 .   ? -0.078  -12.627 -9.895  1.00   30.60  ? 2034 HOH A O   1 
HETATM 1254 O O   . HOH C 3 .   ? -10.064 3.222   -15.429 1.00   28.77  ? 2035 HOH A O   1 
HETATM 1255 O O   . HOH C 3 .   ? 3.966   -12.711 -14.628 1.00   34.86  ? 2036 HOH A O   1 
HETATM 1256 O O   . HOH C 3 .   ? 4.765   -7.628  -11.978 1.00   14.19  ? 2037 HOH A O   1 
HETATM 1257 O O   . HOH C 3 .   ? 7.756   -13.845 -13.638 1.00   26.64  ? 2038 HOH A O   1 
HETATM 1258 O O   . HOH C 3 .   ? 4.469   -13.497 -7.306  1.00   52.84  ? 2039 HOH A O   1 
HETATM 1259 O O   . HOH C 3 .   ? 7.023   -12.218 -8.864  1.00   33.75  ? 2040 HOH A O   1 
HETATM 1260 O O   . HOH C 3 .   ? 1.372   -11.843 -7.387  1.00   20.82  ? 2041 HOH A O   1 
HETATM 1261 O O   . HOH C 3 .   ? 8.167   -9.785  -10.044 1.00   29.56  ? 2042 HOH A O   1 
HETATM 1262 O O   . HOH C 3 .   ? -14.277 -8.591  -8.283  1.00   24.30  ? 2043 HOH A O   1 
HETATM 1263 O O   . HOH C 3 .   ? -23.198 -8.980  -1.964  1.00   36.95  ? 2044 HOH A O   1 
HETATM 1264 O O   . HOH C 3 .   ? 11.145  -15.068 -6.655  1.00   38.85  ? 2045 HOH A O   1 
HETATM 1265 O O   . HOH C 3 .   ? 12.543  -16.277 -4.775  1.00   37.51  ? 2046 HOH A O   1 
HETATM 1266 O O   . HOH C 3 .   ? 10.421  -10.098 -8.121  1.00   25.06  ? 2047 HOH A O   1 
HETATM 1267 O O   B HOH C 3 .   ? 11.947  -8.618  -3.387  0.50   17.78  ? 2048 HOH A O   1 
HETATM 1268 O O   A HOH C 3 .   ? 11.273  -9.018  -4.696  0.50   13.45  ? 2049 HOH A O   1 
HETATM 1269 O O   . HOH C 3 .   ? 7.461   -14.754 -3.756  1.00   33.21  ? 2050 HOH A O   1 
HETATM 1270 O O   . HOH C 3 .   ? 5.062   -12.543 -4.711  1.00   26.18  ? 2051 HOH A O   1 
HETATM 1271 O O   . HOH C 3 .   ? -0.759  -12.626 -3.130  1.00   26.03  ? 2052 HOH A O   1 
HETATM 1272 O O   B HOH C 3 .   ? -1.852  -16.533 1.165   0.50   18.78  ? 2053 HOH A O   1 
HETATM 1273 O O   . HOH C 3 .   ? 1.214   -16.050 1.984   1.00   32.61  ? 2054 HOH A O   1 
HETATM 1274 O O   . HOH C 3 .   ? 6.571   -17.054 5.400   1.00   41.02  ? 2055 HOH A O   1 
HETATM 1275 O O   . HOH C 3 .   ? -4.958  -12.095 -3.691  1.00   16.26  ? 2056 HOH A O   1 
HETATM 1276 O O   . HOH C 3 .   ? -5.660  -13.283 -0.260  1.00   44.54  ? 2057 HOH A O   1 
HETATM 1277 O O   . HOH C 3 .   ? 3.021   -8.905  14.935  1.00   20.43  ? 2058 HOH A O   1 
HETATM 1278 O O   . HOH C 3 .   ? -8.265  -12.261 0.741   1.00   30.23  ? 2059 HOH A O   1 
HETATM 1279 O O   . HOH C 3 .   ? -14.664 -5.396  5.530   1.00   12.11  ? 2060 HOH A O   1 
HETATM 1280 O O   . HOH C 3 .   ? -17.041 -10.378 1.291   1.00   15.89  ? 2061 HOH A O   1 
HETATM 1281 O O   . HOH C 3 .   ? -12.369 -12.008 3.051   1.00   25.38  ? 2062 HOH A O   1 
HETATM 1282 O O   . HOH C 3 .   ? -10.014 4.403   -12.832 1.00   12.85  ? 2063 HOH A O   1 
HETATM 1283 O O   . HOH C 3 .   ? -16.152 1.301   -12.306 1.00   33.91  ? 2064 HOH A O   1 
HETATM 1284 O O   . HOH C 3 .   ? -10.555 -11.354 0.049   1.00   30.99  ? 2065 HOH A O   1 
HETATM 1285 O O   . HOH C 3 .   ? -8.006  -9.807  -1.481  1.00   19.64  ? 2066 HOH A O   1 
HETATM 1286 O O   . HOH C 3 .   ? -11.261 -13.384 -2.220  1.00   29.70  ? 2067 HOH A O   1 
HETATM 1287 O O   . HOH C 3 .   ? -19.458 4.987   -4.313  1.00   29.17  ? 2068 HOH A O   1 
HETATM 1288 O O   . HOH C 3 .   ? -16.518 8.349   -3.541  1.00   36.78  ? 2069 HOH A O   1 
HETATM 1289 O O   . HOH C 3 .   ? -14.253 13.102  -5.917  1.00   34.64  ? 2070 HOH A O   1 
HETATM 1290 O O   . HOH C 3 .   ? -13.120 7.190   2.343   1.00   32.63  ? 2071 HOH A O   1 
HETATM 1291 O O   . HOH C 3 .   ? -8.635  -11.818 -8.862  1.00   28.03  ? 2072 HOH A O   1 
HETATM 1292 O O   . HOH C 3 .   ? -9.425  -3.603  9.801   1.00   35.71  ? 2073 HOH A O   1 
HETATM 1293 O O   . HOH C 3 .   ? -7.674  -11.514 -3.976  1.00   16.90  ? 2074 HOH A O   1 
HETATM 1294 O O   . HOH C 3 .   ? -8.456  -9.137  9.600   1.00   33.67  ? 2075 HOH A O   1 
HETATM 1295 O O   . HOH C 3 .   ? -9.810  -6.727  -8.639  1.00   9.49   ? 2076 HOH A O   1 
HETATM 1296 O O   . HOH C 3 .   ? -9.745  -7.236  -12.902 1.00   33.03  ? 2077 HOH A O   1 
HETATM 1297 O O   . HOH C 3 .   ? -5.630  -10.726 -12.600 1.00   20.80  ? 2078 HOH A O   1 
HETATM 1298 O O   . HOH C 3 .   ? 2.165   -10.612 16.979  1.00   24.87  ? 2079 HOH A O   1 
HETATM 1299 O O   . HOH C 3 .   ? -9.819  -8.660  11.877  1.00   37.53  ? 2080 HOH A O   1 
HETATM 1300 O O   . HOH C 3 .   ? -4.475  -2.757  -20.979 1.00   46.17  ? 2081 HOH A O   1 
HETATM 1301 O O   . HOH C 3 .   ? -7.343  1.546   -15.702 1.00   29.23  ? 2082 HOH A O   1 
HETATM 1302 O O   . HOH C 3 .   ? -2.046  -0.485  -19.868 1.00   35.93  ? 2083 HOH A O   1 
HETATM 1303 O O   . HOH C 3 .   ? -5.342  -5.146  -19.248 1.00   32.06  ? 2084 HOH A O   1 
HETATM 1304 O O   B HOH C 3 .   ? 2.816   1.646   -17.788 0.50   21.80  ? 2085 HOH A O   1 
HETATM 1305 O O   A HOH C 3 .   ? 1.753   1.366   -18.611 0.50   13.34  ? 2086 HOH A O   1 
HETATM 1306 O O   . HOH C 3 .   ? -2.345  -5.774  -17.250 1.00   28.08  ? 2087 HOH A O   1 
HETATM 1307 O O   . HOH C 3 .   ? -1.617  -5.657  -14.687 1.00   14.46  ? 2088 HOH A O   1 
HETATM 1308 O O   . HOH C 3 .   ? -9.755  11.853  -18.613 1.00   26.73  ? 2089 HOH A O   1 
HETATM 1309 O O   . HOH C 3 .   ? -0.792  14.216  -10.668 1.00   27.39  ? 2090 HOH A O   1 
HETATM 1310 O O   . HOH C 3 .   ? 1.662   12.852  8.185   1.00   37.92  ? 2091 HOH A O   1 
HETATM 1311 O O   . HOH C 3 .   ? -12.990 -4.550  -10.978 1.00   18.64  ? 2092 HOH A O   1 
HETATM 1312 O O   . HOH C 3 .   ? -13.262 -1.375  -4.592  1.00   11.03  ? 2093 HOH A O   1 
HETATM 1313 O O   . HOH C 3 .   ? -13.674 -12.007 -3.120  1.00   24.07  ? 2094 HOH A O   1 
HETATM 1314 O O   . HOH C 3 .   ? -14.106 -12.301 0.587   1.00   29.25  ? 2095 HOH A O   1 
HETATM 1315 O O   . HOH C 3 .   ? -17.172 -2.451  -2.191  1.00   9.32   ? 2096 HOH A O   1 
HETATM 1316 O O   . HOH C 3 .   ? -14.395 -8.005  -5.519  1.00   13.09  ? 2097 HOH A O   1 
HETATM 1317 O O   . HOH C 3 .   ? -20.364 -8.851  -1.330  1.00   20.52  ? 2098 HOH A O   1 
HETATM 1318 O O   . HOH C 3 .   ? -20.872 -1.205  3.470   1.00   16.14  ? 2099 HOH A O   1 
HETATM 1319 O O   . HOH C 3 .   ? -20.982 -8.958  4.669   1.00   36.38  ? 2100 HOH A O   1 
HETATM 1320 O O   . HOH C 3 .   ? -17.311 -4.632  4.928   1.00   8.14   ? 2101 HOH A O   1 
HETATM 1321 O O   . HOH C 3 .   ? -21.948 -7.125  1.233   1.00   36.11  ? 2102 HOH A O   1 
HETATM 1322 O O   . HOH C 3 .   ? -19.626 -9.910  0.856   1.00   24.50  ? 2103 HOH A O   1 
HETATM 1323 O O   . HOH C 3 .   ? -22.588 2.221   -3.475  1.00   46.46  ? 2104 HOH A O   1 
HETATM 1324 O O   . HOH C 3 .   ? -22.323 -1.669  -5.242  1.00   39.94  ? 2105 HOH A O   1 
HETATM 1325 O O   . HOH C 3 .   ? -20.391 2.197   -9.876  1.00   41.94  ? 2106 HOH A O   1 
HETATM 1326 O O   . HOH C 3 .   ? -16.048 -1.561  -12.702 1.00   46.32  ? 2107 HOH A O   1 
HETATM 1327 O O   . HOH C 3 .   ? 3.132   -13.377 9.989   1.00   17.77  ? 2108 HOH A O   1 
HETATM 1328 O O   . HOH C 3 .   ? 6.318   -12.879 9.085   1.00   48.61  ? 2109 HOH A O   1 
HETATM 1329 O O   . HOH C 3 .   ? 6.733   -10.021 7.877   1.00   28.98  ? 2110 HOH A O   1 
HETATM 1330 O O   . HOH C 3 .   ? 8.782   -15.745 5.078   1.00   32.11  ? 2111 HOH A O   1 
HETATM 1331 O O   . HOH C 3 .   ? 12.213  -6.586  -0.939  1.00   28.28  ? 2112 HOH A O   1 
HETATM 1332 O O   . HOH C 3 .   ? 15.357  -10.405 5.212   1.00   20.89  ? 2113 HOH A O   1 
HETATM 1333 O O   . HOH C 3 .   ? 7.934   -12.357 7.168   1.00   25.87  ? 2114 HOH A O   1 
HETATM 1334 O O   . HOH C 3 .   ? 12.584  -5.172  5.521   1.00   15.23  ? 2115 HOH A O   1 
HETATM 1335 O O   . HOH C 3 .   ? 13.192  -7.135  3.455   1.00   25.07  ? 2116 HOH A O   1 
HETATM 1336 O O   A HOH C 3 .   ? 4.070   0.753   18.716  0.50   12.24  ? 2117 HOH A O   1 
HETATM 1337 O O   . HOH C 3 .   ? 6.985   -12.321 11.430  1.00   47.71  ? 2118 HOH A O   1 
HETATM 1338 O O   B HOH C 3 .   ? 3.385   1.846   19.004  0.50   17.86  ? 2119 HOH A O   1 
HETATM 1339 O O   . HOH C 3 .   ? 10.413  -13.056 7.427   1.00   32.71  ? 2120 HOH A O   1 
HETATM 1340 O O   A HOH C 3 .   ? 5.821   -10.093 11.313  0.50   22.45  ? 2121 HOH A O   1 
HETATM 1341 O O   B HOH C 3 .   ? 6.572   -9.766  12.170  0.50   13.30  ? 2122 HOH A O   1 
HETATM 1342 O O   . HOH C 3 .   ? 12.631  -14.681 12.340  1.00   35.66  ? 2123 HOH A O   1 
HETATM 1343 O O   . HOH C 3 .   ? 5.345   -8.371  16.094  1.00   14.07  ? 2124 HOH A O   1 
HETATM 1344 O O   . HOH C 3 .   ? 13.604  -2.299  5.314   1.00   13.25  ? 2125 HOH A O   1 
HETATM 1345 O O   . HOH C 3 .   ? 9.734   4.199   19.315  1.00   39.86  ? 2126 HOH A O   1 
HETATM 1346 O O   . HOH C 3 .   ? 12.125  4.855   12.925  1.00   28.68  ? 2127 HOH A O   1 
HETATM 1347 O O   . HOH C 3 .   ? 13.374  0.939   10.095  1.00   10.25  ? 2128 HOH A O   1 
HETATM 1348 O O   B HOH C 3 .   ? 8.276   9.858   6.874   0.50   9.11   ? 2129 HOH A O   1 
HETATM 1349 O O   . HOH C 3 .   ? 2.258   5.333   -14.071 0.50   18.12  ? 2130 HOH A O   1 
HETATM 1350 O O   . HOH C 3 .   ? -8.398  5.100   -17.261 1.00   34.58  ? 2131 HOH A O   1 
HETATM 1351 O O   . HOH C 3 .   ? -11.486 9.586   -11.319 1.00   23.21  ? 2132 HOH A O   1 
HETATM 1352 O O   . HOH C 3 .   ? -16.792 4.425   -15.113 1.00   50.41  ? 2133 HOH A O   1 
HETATM 1353 O O   . HOH C 3 .   ? -10.090 7.128   -12.860 1.00   13.27  ? 2134 HOH A O   1 
HETATM 1354 O O   . HOH C 3 .   ? -17.334 6.977   -7.173  1.00   33.11  ? 2135 HOH A O   1 
HETATM 1355 O O   . HOH C 3 .   ? -12.024 8.203   -15.168 1.00   57.44  ? 2136 HOH A O   1 
HETATM 1356 O O   . HOH C 3 .   ? -13.836 2.686   -12.770 1.00   18.14  ? 2137 HOH A O   1 
HETATM 1357 O O   . HOH C 3 .   ? -16.892 5.923   -4.481  1.00   17.12  ? 2138 HOH A O   1 
HETATM 1358 O O   . HOH C 3 .   ? -15.562 12.496  -1.312  1.00   41.05  ? 2139 HOH A O   1 
HETATM 1359 O O   . HOH C 3 .   ? -12.682 12.577  -1.802  1.00   36.19  ? 2140 HOH A O   1 
HETATM 1360 O O   . HOH C 3 .   ? -12.507 11.448  -4.327  1.00   13.54  ? 2141 HOH A O   1 
HETATM 1361 O O   . HOH C 3 .   ? -10.758 8.683   2.012   1.00   31.28  ? 2142 HOH A O   1 
HETATM 1362 O O   . HOH C 3 .   ? -9.150  -1.022  10.821  1.00   35.49  ? 2143 HOH A O   1 
HETATM 1363 O O   . HOH C 3 .   ? -8.283  -1.540  8.320   1.00   25.26  ? 2144 HOH A O   1 
HETATM 1364 O O   . HOH C 3 .   ? -5.908  -8.937  9.429   1.00   17.74  ? 2145 HOH A O   1 
HETATM 1365 O O   . HOH C 3 .   ? -4.004  -9.141  7.163   1.00   7.99   ? 2146 HOH A O   1 
HETATM 1366 O O   . HOH C 3 .   ? 4.062   -8.374  12.560  1.00   17.38  ? 2147 HOH A O   1 
HETATM 1367 O O   . HOH C 3 .   ? 5.735   -1.009  16.710  1.00   9.66   ? 2148 HOH A O   1 
HETATM 1368 O O   . HOH C 3 .   ? 4.486   -7.786  18.615  1.00   10.51  ? 2149 HOH A O   1 
HETATM 1369 O O   . HOH C 3 .   ? 1.075   -7.205  15.352  1.00   10.95  ? 2150 HOH A O   1 
HETATM 1370 O O   . HOH C 3 .   ? -2.161  2.491   21.126  1.00   24.54  ? 2151 HOH A O   1 
HETATM 1371 O O   . HOH C 3 .   ? 1.971   -8.718  18.952  1.00   12.31  ? 2152 HOH A O   1 
HETATM 1372 O O   . HOH C 3 .   ? -4.916  -10.920 21.789  1.00   35.36  ? 2153 HOH A O   1 
HETATM 1373 O O   . HOH C 3 .   ? -6.102  -5.526  20.943  1.00   14.09  ? 2154 HOH A O   1 
HETATM 1374 O O   . HOH C 3 .   ? -4.756  -11.142 16.124  1.00   20.74  ? 2155 HOH A O   1 
HETATM 1375 O O   . HOH C 3 .   ? -1.530  -10.117 19.987  1.00   19.44  ? 2156 HOH A O   1 
HETATM 1376 O O   . HOH C 3 .   ? -8.642  -7.689  18.345  1.00   31.21  ? 2157 HOH A O   1 
HETATM 1377 O O   . HOH C 3 .   ? -7.305  -9.991  16.752  1.00   31.27  ? 2158 HOH A O   1 
HETATM 1378 O O   . HOH C 3 .   ? 0.496   -13.679 10.935  1.00   11.00  ? 2159 HOH A O   1 
HETATM 1379 O O   . HOH C 3 .   ? -4.650  -12.970 14.141  1.00   11.67  ? 2160 HOH A O   1 
HETATM 1380 O O   . HOH C 3 .   ? -7.544  -5.558  16.490  1.00   19.98  ? 2161 HOH A O   1 
HETATM 1381 O O   . HOH C 3 .   ? -9.077  -4.373  13.562  1.00   38.58  ? 2162 HOH A O   1 
HETATM 1382 O O   . HOH C 3 .   ? -8.089  -6.148  10.230  1.00   40.48  ? 2163 HOH A O   1 
HETATM 1383 O O   A HOH C 3 .   ? -8.146  0.626   16.969  0.50   16.16  ? 2164 HOH A O   1 
HETATM 1384 O O   . HOH C 3 .   ? -7.422  -3.746  19.363  1.00   22.60  ? 2165 HOH A O   1 
HETATM 1385 O O   . HOH C 3 .   ? -5.530  2.363   17.784  1.00   28.28  ? 2166 HOH A O   1 
HETATM 1386 O O   . HOH C 3 .   ? -3.747  -4.516  19.735  1.00   8.59   ? 2167 HOH A O   1 
HETATM 1387 O O   . HOH C 3 .   ? -1.189  -4.433  14.176  1.00   6.74   ? 2168 HOH A O   1 
HETATM 1388 O O   . HOH C 3 .   ? -8.246  -1.680  13.340  1.00   16.53  ? 2169 HOH A O   1 
HETATM 1389 O O   . HOH C 3 .   ? -6.172  2.457   14.947  1.00   31.69  ? 2170 HOH A O   1 
HETATM 1390 O O   . HOH C 3 .   ? -6.058  4.780   12.696  1.00   25.47  ? 2171 HOH A O   1 
HETATM 1391 O O   . HOH C 3 .   ? -7.742  2.201   11.633  1.00   29.25  ? 2172 HOH A O   1 
HETATM 1392 O O   . HOH C 3 .   ? -0.600  8.011   11.441  1.00   42.70  ? 2173 HOH A O   1 
HETATM 1393 O O   . HOH C 3 .   ? -1.935  6.314   12.957  1.00   40.95  ? 2174 HOH A O   1 
HETATM 1394 O O   . HOH C 3 .   ? -0.741  11.252  5.351   1.00   21.75  ? 2175 HOH A O   1 
HETATM 1395 O O   . HOH C 3 .   ? -3.263  11.622  3.237   0.50   11.29  ? 2176 HOH A O   1 
HETATM 1396 O O   . HOH C 3 .   ? -5.304  12.195  4.696   0.50   25.67  ? 2177 HOH A O   1 
HETATM 1397 O O   A HOH C 3 .   ? -2.898  -17.307 1.983   0.50   19.60  ? 2178 HOH A O   1 
HETATM 1398 O O   . HOH C 3 .   ? -3.759  12.208  0.488   1.00   17.97  ? 2179 HOH A O   1 
HETATM 1399 O O   . HOH C 3 .   ? -10.185 10.775  0.182   1.00   24.40  ? 2180 HOH A O   1 
HETATM 1400 O O   . HOH C 3 .   ? -5.023  15.453  -9.769  1.00   12.71  ? 2181 HOH A O   1 
HETATM 1401 O O   . HOH C 3 .   ? -5.785  8.719   -6.785  1.00   9.43   ? 2182 HOH A O   1 
HETATM 1402 O O   . HOH C 3 .   ? -14.256 12.527  -8.388  1.00   42.10  ? 2183 HOH A O   1 
HETATM 1403 O O   . HOH C 3 .   ? -14.696 9.384   -5.222  1.00   35.91  ? 2184 HOH A O   1 
HETATM 1404 O O   . HOH C 3 .   ? -6.360  7.491   -17.489 1.00   43.06  ? 2185 HOH A O   1 
HETATM 1405 O O   . HOH C 3 .   ? -9.562  7.626   -16.011 1.00   30.26  ? 2186 HOH A O   1 
HETATM 1406 O O   . HOH C 3 .   ? -5.854  12.050  -17.253 1.00   40.88  ? 2187 HOH A O   1 
HETATM 1407 O O   . HOH C 3 .   ? -8.393  14.661  -16.134 1.00   17.30  ? 2188 HOH A O   1 
HETATM 1408 O O   . HOH C 3 .   ? -11.469 9.893   -17.305 1.00   43.55  ? 2189 HOH A O   1 
HETATM 1409 O O   . HOH C 3 .   ? -3.574  5.717   -17.134 1.00   35.99  ? 2190 HOH A O   1 
HETATM 1410 O O   . HOH C 3 .   ? -0.567  8.880   -18.864 1.00   45.69  ? 2191 HOH A O   1 
HETATM 1411 O O   . HOH C 3 .   ? 0.032   7.450   -16.364 1.00   49.99  ? 2192 HOH A O   1 
HETATM 1412 O O   . HOH C 3 .   ? -0.239  10.104  -14.298 1.00   30.68  ? 2193 HOH A O   1 
HETATM 1413 O O   . HOH C 3 .   ? -3.475  13.281  -10.796 1.00   13.59  ? 2194 HOH A O   1 
HETATM 1414 O O   . HOH C 3 .   ? 7.047   9.929   -10.293 1.00   112.94 ? 2195 HOH A O   1 
HETATM 1415 O O   . HOH C 3 .   ? 0.786   13.100  -8.803  1.00   16.71  ? 2196 HOH A O   1 
HETATM 1416 O O   . HOH C 3 .   ? 8.215   11.289  -6.695  1.00   32.22  ? 2197 HOH A O   1 
HETATM 1417 O O   . HOH C 3 .   ? 3.124   13.982  -9.468  1.00   27.26  ? 2198 HOH A O   1 
HETATM 1418 O O   . HOH C 3 .   ? 3.051   12.915  3.463   1.00   21.81  ? 2199 HOH A O   1 
HETATM 1419 O O   . HOH C 3 .   ? 7.776   12.509  -4.420  1.00   44.23  ? 2200 HOH A O   1 
HETATM 1420 O O   . HOH C 3 .   ? 9.111   13.510  5.859   1.00   21.12  ? 2201 HOH A O   1 
HETATM 1421 O O   . HOH C 3 .   ? 5.540   14.075  3.887   1.00   20.41  ? 2202 HOH A O   1 
HETATM 1422 O O   . HOH C 3 .   ? 2.067   11.800  5.703   1.00   16.24  ? 2203 HOH A O   1 
HETATM 1423 O O   . HOH C 3 .   ? 0.864   9.623   8.122   1.00   19.42  ? 2204 HOH A O   1 
HETATM 1424 O O   . HOH C 3 .   ? 6.127   11.041  11.230  1.00   41.30  ? 2205 HOH A O   1 
HETATM 1425 O O   . HOH C 3 .   ? 1.695   7.325   10.667  1.00   29.48  ? 2206 HOH A O   1 
HETATM 1426 O O   B HOH C 3 .   ? 9.010   7.793   10.464  0.50   17.60  ? 2207 HOH A O   1 
HETATM 1427 O O   A HOH C 3 .   ? 10.419  7.731   10.054  0.50   15.91  ? 2208 HOH A O   1 
HETATM 1428 O O   . HOH C 3 .   ? 7.195   9.796   13.716  1.00   28.82  ? 2209 HOH A O   1 
HETATM 1429 O O   . HOH C 3 .   ? 11.689  10.504  12.244  1.00   41.66  ? 2210 HOH A O   1 
HETATM 1430 O O   . HOH C 3 .   ? 4.700   10.418  18.929  1.00   49.05  ? 2211 HOH A O   1 
HETATM 1431 O O   . HOH C 3 .   ? 6.556   7.004   21.575  1.00   45.51  ? 2212 HOH A O   1 
HETATM 1432 O O   . HOH C 3 .   ? 9.965   -1.677  17.736  1.00   21.24  ? 2213 HOH A O   1 
HETATM 1433 O O   B HOH C 3 .   ? -11.518 -2.637  8.359   0.50   16.73  ? 2214 HOH A O   1 
HETATM 1434 O O   A HOH C 3 .   ? -11.761 -3.464  7.759   0.50   12.23  ? 2215 HOH A O   1 
HETATM 1435 O O   . HOH C 3 .   ? -16.505 0.905   3.600   1.00   19.34  ? 2216 HOH A O   1 
HETATM 1436 O O   . HOH C 3 .   ? -20.382 3.394   -2.625  1.00   34.87  ? 2217 HOH A O   1 
HETATM 1437 O O   . HOH C 3 .   ? -20.892 4.563   0.162   1.00   32.85  ? 2218 HOH A O   1 
HETATM 1438 O O   . HOH C 3 .   ? -15.741 6.896   2.537   1.00   48.12  ? 2219 HOH A O   1 
HETATM 1439 O O   . HOH C 3 .   ? -21.869 0.520   -0.255  1.00   26.10  ? 2220 HOH A O   1 
HETATM 1440 O O   . HOH C 3 .   ? -20.391 -1.859  -3.600  1.00   12.59  ? 2221 HOH A O   1 
HETATM 1441 O O   . HOH C 3 .   ? -20.475 2.095   -6.635  1.00   25.71  ? 2222 HOH A O   1 
HETATM 1442 O O   . HOH C 3 .   ? -16.032 -3.481  -10.422 1.00   26.64  ? 2223 HOH A O   1 
HETATM 1443 O O   . HOH C 3 .   ? -20.060 -6.283  -9.170  1.00   37.57  ? 2224 HOH A O   1 
HETATM 1444 O O   . HOH C 3 .   ? -17.024 -7.763  -7.561  1.00   35.47  ? 2225 HOH A O   1 
HETATM 1445 O O   . HOH C 3 .   ? -17.483 -0.358  -10.990 1.00   41.01  ? 2226 HOH A O   1 
HETATM 1446 O O   . HOH C 3 .   ? -19.189 -1.967  -9.968  1.00   49.12  ? 2227 HOH A O   1 
HETATM 1447 O O   . HOH C 3 .   ? -11.795 3.339   -11.072 1.00   9.08   ? 2228 HOH A O   1 
HETATM 1448 O O   . HOH C 3 .   ? -12.219 1.217   -14.611 1.00   22.97  ? 2229 HOH A O   1 
HETATM 1449 O O   . HOH C 3 .   ? -0.599  4.800   -18.165 1.00   36.88  ? 2230 HOH A O   1 
HETATM 1450 O O   . HOH C 3 .   ? 3.413   4.420   -15.453 0.50   27.66  ? 2231 HOH A O   1 
HETATM 1451 O O   . HOH C 3 .   ? 7.311   1.838   -15.703 1.00   30.51  ? 2232 HOH A O   1 
HETATM 1452 O O   . HOH C 3 .   ? 13.054  7.988   1.942   1.00   13.83  ? 2233 HOH A O   1 
HETATM 1453 O O   . HOH C 3 .   ? 12.957  3.640   9.358   1.00   11.92  ? 2234 HOH A O   1 
HETATM 1454 O O   . HOH C 3 .   ? 12.992  7.516   8.880   1.00   19.75  ? 2235 HOH A O   1 
HETATM 1455 O O   . HOH C 3 .   ? 13.919  14.176  6.667   1.00   38.52  ? 2236 HOH A O   1 
HETATM 1456 O O   A HOH C 3 .   ? 8.529   11.309  6.630   0.50   20.86  ? 2237 HOH A O   1 
HETATM 1457 O O   . HOH C 3 .   ? 7.434   14.722  2.088   1.00   15.75  ? 2238 HOH A O   1 
HETATM 1458 O O   . HOH C 3 .   ? 7.300   17.435  5.292   1.00   30.56  ? 2239 HOH A O   1 
HETATM 1459 O O   . HOH C 3 .   ? 9.359   18.450  6.863   1.00   38.21  ? 2240 HOH A O   1 
HETATM 1460 O O   . HOH C 3 .   ? 13.042  16.644  6.130   1.00   35.83  ? 2241 HOH A O   1 
HETATM 1461 O O   . HOH C 3 .   ? 15.584  10.077  5.506   1.00   21.69  ? 2242 HOH A O   1 
HETATM 1462 O O   . HOH C 3 .   ? 16.957  12.369  -1.051  1.00   43.02  ? 2243 HOH A O   1 
HETATM 1463 O O   . HOH C 3 .   ? 14.844  7.460   -5.897  1.00   155.04 ? 2244 HOH A O   1 
HETATM 1464 O O   . HOH C 3 .   ? 9.916   3.603   -11.591 1.00   43.58  ? 2245 HOH A O   1 
HETATM 1465 O O   . HOH C 3 .   ? 10.221  8.535   -12.950 1.00   43.24  ? 2246 HOH A O   1 
HETATM 1466 O O   . HOH C 3 .   ? -11.032 -15.012 2.324   1.00   20.15  ? 2247 HOH A O   1 
HETATM 1467 O O   . HOH C 3 .   ? -8.664  -10.982 7.680   1.00   26.20  ? 2248 HOH A O   1 
HETATM 1468 O O   . HOH C 3 .   ? -8.627  -15.112 1.378   1.00   32.72  ? 2249 HOH A O   1 
HETATM 1469 O O   . HOH C 3 .   ? -4.042  -14.783 1.843   1.00   20.23  ? 2250 HOH A O   1 
# 
